data_1YX7
# 
_entry.id   1YX7 
# 
_audit_conform.dict_name       mmcif_pdbx.dic 
_audit_conform.dict_version    5.392 
_audit_conform.dict_location   http://mmcif.pdb.org/dictionaries/ascii/mmcif_pdbx.dic 
# 
loop_
_database_2.database_id 
_database_2.database_code 
_database_2.pdbx_database_accession 
_database_2.pdbx_DOI 
PDB   1YX7         pdb_00001yx7 10.2210/pdb1yx7/pdb 
RCSB  RCSB032025   ?            ?                   
WWPDB D_1000032025 ?            ?                   
# 
loop_
_pdbx_audit_revision_history.ordinal 
_pdbx_audit_revision_history.data_content_type 
_pdbx_audit_revision_history.major_revision 
_pdbx_audit_revision_history.minor_revision 
_pdbx_audit_revision_history.revision_date 
1 'Structure model' 1 0 2005-04-01 
2 'Structure model' 1 1 2008-04-30 
3 'Structure model' 1 2 2011-07-13 
4 'Structure model' 1 3 2022-03-02 
5 'Structure model' 1 4 2024-05-22 
# 
_pdbx_audit_revision_details.ordinal             1 
_pdbx_audit_revision_details.revision_ordinal    1 
_pdbx_audit_revision_details.data_content_type   'Structure model' 
_pdbx_audit_revision_details.provider            repository 
_pdbx_audit_revision_details.type                'Initial release' 
_pdbx_audit_revision_details.description         ? 
_pdbx_audit_revision_details.details             ? 
# 
loop_
_pdbx_audit_revision_group.ordinal 
_pdbx_audit_revision_group.revision_ordinal 
_pdbx_audit_revision_group.data_content_type 
_pdbx_audit_revision_group.group 
1 2 'Structure model' 'Version format compliance' 
2 3 'Structure model' 'Version format compliance' 
3 4 'Structure model' 'Data collection'           
4 4 'Structure model' 'Database references'       
5 4 'Structure model' 'Derived calculations'      
6 5 'Structure model' 'Data collection'           
# 
loop_
_pdbx_audit_revision_category.ordinal 
_pdbx_audit_revision_category.revision_ordinal 
_pdbx_audit_revision_category.data_content_type 
_pdbx_audit_revision_category.category 
1 4 'Structure model' database_2            
2 4 'Structure model' pdbx_nmr_software     
3 4 'Structure model' pdbx_struct_assembly  
4 4 'Structure model' pdbx_struct_oper_list 
5 5 'Structure model' chem_comp_atom        
6 5 'Structure model' chem_comp_bond        
# 
loop_
_pdbx_audit_revision_item.ordinal 
_pdbx_audit_revision_item.revision_ordinal 
_pdbx_audit_revision_item.data_content_type 
_pdbx_audit_revision_item.item 
1 4 'Structure model' '_database_2.pdbx_DOI'                
2 4 'Structure model' '_database_2.pdbx_database_accession' 
3 4 'Structure model' '_pdbx_nmr_software.name'             
# 
_pdbx_database_status.status_code                     REL 
_pdbx_database_status.entry_id                        1YX7 
_pdbx_database_status.recvd_initial_deposition_date   2005-02-19 
_pdbx_database_status.deposit_site                    RCSB 
_pdbx_database_status.process_site                    RCSB 
_pdbx_database_status.status_code_sf                  ? 
_pdbx_database_status.status_code_mr                  ? 
_pdbx_database_status.SG_entry                        ? 
_pdbx_database_status.pdb_format_compatible           Y 
_pdbx_database_status.status_code_cs                  ? 
_pdbx_database_status.status_code_nmr_data            ? 
_pdbx_database_status.methods_development_category    ? 
# 
_pdbx_database_related.db_name        PDB 
_pdbx_database_related.db_id          1YX8 
_pdbx_database_related.details        . 
_pdbx_database_related.content_type   unspecified 
# 
loop_
_audit_author.name 
_audit_author.pdbx_ordinal 
'Venkitaramani, D.V.' 1 
'Fulton, D.B.'        2 
'Andreotti, A.H.'     3 
'Johansen, K.M.'      4 
'Johansen, J.'        5 
# 
_citation.id                        primary 
_citation.title                     
'Solution structure and backbone dynamics of Calsensin, an invertebrate neuronal calcium-binding protein.' 
_citation.journal_abbrev            'Protein Sci.' 
_citation.journal_volume            14 
_citation.page_first                1894 
_citation.page_last                 1901 
_citation.year                      2005 
_citation.journal_id_ASTM           PRCIEI 
_citation.country                   US 
_citation.journal_id_ISSN           0961-8368 
_citation.journal_id_CSD            0795 
_citation.book_publisher            ? 
_citation.pdbx_database_id_PubMed   15937283 
_citation.pdbx_database_id_DOI      10.1110/ps.051412605 
# 
loop_
_citation_author.citation_id 
_citation_author.name 
_citation_author.ordinal 
_citation_author.identifier_ORCID 
primary 'Venkitaramani, D.V.' 1 ? 
primary 'Fulton, D.B.'        2 ? 
primary 'Andreotti, A.H.'     3 ? 
primary 'Johansen, K.M.'      4 ? 
primary 'Johansen, J.'        5 ? 
# 
_entity.id                         1 
_entity.type                       polymer 
_entity.src_method                 man 
_entity.pdbx_description           Calsensin 
_entity.formula_weight             9115.627 
_entity.pdbx_number_of_molecules   1 
_entity.pdbx_ec                    ? 
_entity.pdbx_mutation              ? 
_entity.pdbx_fragment              ? 
_entity.details                    ? 
# 
_entity_name_com.entity_id   1 
_entity_name_com.name        'LAN3-6 antigen' 
# 
_entity_poly.entity_id                      1 
_entity_poly.type                           'polypeptide(L)' 
_entity_poly.nstd_linkage                   no 
_entity_poly.nstd_monomer                   no 
_entity_poly.pdbx_seq_one_letter_code       
;MACKVKAELEAAFKKLDANGDGYVTALELQTFMVTLDAYKALSKDKVKEASAKLIKMADKNSDGKISKEEFLNANAELLC
QLK
;
_entity_poly.pdbx_seq_one_letter_code_can   
;MACKVKAELEAAFKKLDANGDGYVTALELQTFMVTLDAYKALSKDKVKEASAKLIKMADKNSDGKISKEEFLNANAELLC
QLK
;
_entity_poly.pdbx_strand_id                 A 
_entity_poly.pdbx_target_identifier         ? 
# 
loop_
_entity_poly_seq.entity_id 
_entity_poly_seq.num 
_entity_poly_seq.mon_id 
_entity_poly_seq.hetero 
1 1  MET n 
1 2  ALA n 
1 3  CYS n 
1 4  LYS n 
1 5  VAL n 
1 6  LYS n 
1 7  ALA n 
1 8  GLU n 
1 9  LEU n 
1 10 GLU n 
1 11 ALA n 
1 12 ALA n 
1 13 PHE n 
1 14 LYS n 
1 15 LYS n 
1 16 LEU n 
1 17 ASP n 
1 18 ALA n 
1 19 ASN n 
1 20 GLY n 
1 21 ASP n 
1 22 GLY n 
1 23 TYR n 
1 24 VAL n 
1 25 THR n 
1 26 ALA n 
1 27 LEU n 
1 28 GLU n 
1 29 LEU n 
1 30 GLN n 
1 31 THR n 
1 32 PHE n 
1 33 MET n 
1 34 VAL n 
1 35 THR n 
1 36 LEU n 
1 37 ASP n 
1 38 ALA n 
1 39 TYR n 
1 40 LYS n 
1 41 ALA n 
1 42 LEU n 
1 43 SER n 
1 44 LYS n 
1 45 ASP n 
1 46 LYS n 
1 47 VAL n 
1 48 LYS n 
1 49 GLU n 
1 50 ALA n 
1 51 SER n 
1 52 ALA n 
1 53 LYS n 
1 54 LEU n 
1 55 ILE n 
1 56 LYS n 
1 57 MET n 
1 58 ALA n 
1 59 ASP n 
1 60 LYS n 
1 61 ASN n 
1 62 SER n 
1 63 ASP n 
1 64 GLY n 
1 65 LYS n 
1 66 ILE n 
1 67 SER n 
1 68 LYS n 
1 69 GLU n 
1 70 GLU n 
1 71 PHE n 
1 72 LEU n 
1 73 ASN n 
1 74 ALA n 
1 75 ASN n 
1 76 ALA n 
1 77 GLU n 
1 78 LEU n 
1 79 LEU n 
1 80 CYS n 
1 81 GLN n 
1 82 LEU n 
1 83 LYS n 
# 
_entity_src_gen.entity_id                          1 
_entity_src_gen.pdbx_src_id                        1 
_entity_src_gen.pdbx_alt_source_flag               sample 
_entity_src_gen.pdbx_seq_type                      ? 
_entity_src_gen.pdbx_beg_seq_num                   ? 
_entity_src_gen.pdbx_end_seq_num                   ? 
_entity_src_gen.gene_src_common_name               ? 
_entity_src_gen.gene_src_genus                     Haemopis 
_entity_src_gen.pdbx_gene_src_gene                 ? 
_entity_src_gen.gene_src_species                   ? 
_entity_src_gen.gene_src_strain                    ? 
_entity_src_gen.gene_src_tissue                    ? 
_entity_src_gen.gene_src_tissue_fraction           ? 
_entity_src_gen.gene_src_details                   ? 
_entity_src_gen.pdbx_gene_src_fragment             ? 
_entity_src_gen.pdbx_gene_src_scientific_name      'Haemopis marmorata' 
_entity_src_gen.pdbx_gene_src_ncbi_taxonomy_id     38567 
_entity_src_gen.pdbx_gene_src_variant              ? 
_entity_src_gen.pdbx_gene_src_cell_line            ? 
_entity_src_gen.pdbx_gene_src_atcc                 ? 
_entity_src_gen.pdbx_gene_src_organ                ? 
_entity_src_gen.pdbx_gene_src_organelle            ? 
_entity_src_gen.pdbx_gene_src_cell                 ? 
_entity_src_gen.pdbx_gene_src_cellular_location    ? 
_entity_src_gen.host_org_common_name               ? 
_entity_src_gen.pdbx_host_org_scientific_name      'Escherichia coli BL21' 
_entity_src_gen.pdbx_host_org_ncbi_taxonomy_id     511693 
_entity_src_gen.host_org_genus                     Escherichia 
_entity_src_gen.pdbx_host_org_gene                 ? 
_entity_src_gen.pdbx_host_org_organ                ? 
_entity_src_gen.host_org_species                   'Escherichia coli' 
_entity_src_gen.pdbx_host_org_tissue               ? 
_entity_src_gen.pdbx_host_org_tissue_fraction      ? 
_entity_src_gen.pdbx_host_org_strain               BL21 
_entity_src_gen.pdbx_host_org_variant              ? 
_entity_src_gen.pdbx_host_org_cell_line            ? 
_entity_src_gen.pdbx_host_org_atcc                 ? 
_entity_src_gen.pdbx_host_org_culture_collection   ? 
_entity_src_gen.pdbx_host_org_cell                 ? 
_entity_src_gen.pdbx_host_org_organelle            ? 
_entity_src_gen.pdbx_host_org_cellular_location    ? 
_entity_src_gen.pdbx_host_org_vector_type          Plasmid 
_entity_src_gen.pdbx_host_org_vector               ? 
_entity_src_gen.host_org_details                   ? 
_entity_src_gen.expression_system_id               ? 
_entity_src_gen.plasmid_name                       pGEX4T3 
_entity_src_gen.plasmid_details                    ? 
_entity_src_gen.pdbx_description                   ? 
# 
loop_
_chem_comp.id 
_chem_comp.type 
_chem_comp.mon_nstd_flag 
_chem_comp.name 
_chem_comp.pdbx_synonyms 
_chem_comp.formula 
_chem_comp.formula_weight 
ALA 'L-peptide linking' y ALANINE         ? 'C3 H7 N O2'     89.093  
ASN 'L-peptide linking' y ASPARAGINE      ? 'C4 H8 N2 O3'    132.118 
ASP 'L-peptide linking' y 'ASPARTIC ACID' ? 'C4 H7 N O4'     133.103 
CYS 'L-peptide linking' y CYSTEINE        ? 'C3 H7 N O2 S'   121.158 
GLN 'L-peptide linking' y GLUTAMINE       ? 'C5 H10 N2 O3'   146.144 
GLU 'L-peptide linking' y 'GLUTAMIC ACID' ? 'C5 H9 N O4'     147.129 
GLY 'peptide linking'   y GLYCINE         ? 'C2 H5 N O2'     75.067  
ILE 'L-peptide linking' y ISOLEUCINE      ? 'C6 H13 N O2'    131.173 
LEU 'L-peptide linking' y LEUCINE         ? 'C6 H13 N O2'    131.173 
LYS 'L-peptide linking' y LYSINE          ? 'C6 H15 N2 O2 1' 147.195 
MET 'L-peptide linking' y METHIONINE      ? 'C5 H11 N O2 S'  149.211 
PHE 'L-peptide linking' y PHENYLALANINE   ? 'C9 H11 N O2'    165.189 
SER 'L-peptide linking' y SERINE          ? 'C3 H7 N O3'     105.093 
THR 'L-peptide linking' y THREONINE       ? 'C4 H9 N O3'     119.119 
TYR 'L-peptide linking' y TYROSINE        ? 'C9 H11 N O3'    181.189 
VAL 'L-peptide linking' y VALINE          ? 'C5 H11 N O2'    117.146 
# 
loop_
_pdbx_poly_seq_scheme.asym_id 
_pdbx_poly_seq_scheme.entity_id 
_pdbx_poly_seq_scheme.seq_id 
_pdbx_poly_seq_scheme.mon_id 
_pdbx_poly_seq_scheme.ndb_seq_num 
_pdbx_poly_seq_scheme.pdb_seq_num 
_pdbx_poly_seq_scheme.auth_seq_num 
_pdbx_poly_seq_scheme.pdb_mon_id 
_pdbx_poly_seq_scheme.auth_mon_id 
_pdbx_poly_seq_scheme.pdb_strand_id 
_pdbx_poly_seq_scheme.pdb_ins_code 
_pdbx_poly_seq_scheme.hetero 
A 1 1  MET 1  1  1  MET MET A . n 
A 1 2  ALA 2  2  2  ALA ALA A . n 
A 1 3  CYS 3  3  3  CYS CYS A . n 
A 1 4  LYS 4  4  4  LYS LYS A . n 
A 1 5  VAL 5  5  5  VAL VAL A . n 
A 1 6  LYS 6  6  6  LYS LYS A . n 
A 1 7  ALA 7  7  7  ALA ALA A . n 
A 1 8  GLU 8  8  8  GLU GLU A . n 
A 1 9  LEU 9  9  9  LEU LEU A . n 
A 1 10 GLU 10 10 10 GLU GLU A . n 
A 1 11 ALA 11 11 11 ALA ALA A . n 
A 1 12 ALA 12 12 12 ALA ALA A . n 
A 1 13 PHE 13 13 13 PHE PHE A . n 
A 1 14 LYS 14 14 14 LYS LYS A . n 
A 1 15 LYS 15 15 15 LYS LYS A . n 
A 1 16 LEU 16 16 16 LEU LEU A . n 
A 1 17 ASP 17 17 17 ASP ASP A . n 
A 1 18 ALA 18 18 18 ALA ALA A . n 
A 1 19 ASN 19 19 19 ASN ASN A . n 
A 1 20 GLY 20 20 20 GLY GLY A . n 
A 1 21 ASP 21 21 21 ASP ASP A . n 
A 1 22 GLY 22 22 22 GLY GLY A . n 
A 1 23 TYR 23 23 23 TYR TYR A . n 
A 1 24 VAL 24 24 24 VAL VAL A . n 
A 1 25 THR 25 25 25 THR THR A . n 
A 1 26 ALA 26 26 26 ALA ALA A . n 
A 1 27 LEU 27 27 27 LEU LEU A . n 
A 1 28 GLU 28 28 28 GLU GLU A . n 
A 1 29 LEU 29 29 29 LEU LEU A . n 
A 1 30 GLN 30 30 30 GLN GLN A . n 
A 1 31 THR 31 31 31 THR THR A . n 
A 1 32 PHE 32 32 32 PHE PHE A . n 
A 1 33 MET 33 33 33 MET MET A . n 
A 1 34 VAL 34 34 34 VAL VAL A . n 
A 1 35 THR 35 35 35 THR THR A . n 
A 1 36 LEU 36 36 36 LEU LEU A . n 
A 1 37 ASP 37 37 37 ASP ASP A . n 
A 1 38 ALA 38 38 38 ALA ALA A . n 
A 1 39 TYR 39 39 39 TYR TYR A . n 
A 1 40 LYS 40 40 40 LYS LYS A . n 
A 1 41 ALA 41 41 41 ALA ALA A . n 
A 1 42 LEU 42 42 42 LEU LEU A . n 
A 1 43 SER 43 43 43 SER SER A . n 
A 1 44 LYS 44 44 44 LYS LYS A . n 
A 1 45 ASP 45 45 45 ASP ASP A . n 
A 1 46 LYS 46 46 46 LYS LYS A . n 
A 1 47 VAL 47 47 47 VAL VAL A . n 
A 1 48 LYS 48 48 48 LYS LYS A . n 
A 1 49 GLU 49 49 49 GLU GLU A . n 
A 1 50 ALA 50 50 50 ALA ALA A . n 
A 1 51 SER 51 51 51 SER SER A . n 
A 1 52 ALA 52 52 52 ALA ALA A . n 
A 1 53 LYS 53 53 53 LYS LYS A . n 
A 1 54 LEU 54 54 54 LEU LEU A . n 
A 1 55 ILE 55 55 55 ILE ILE A . n 
A 1 56 LYS 56 56 56 LYS LYS A . n 
A 1 57 MET 57 57 57 MET MET A . n 
A 1 58 ALA 58 58 58 ALA ALA A . n 
A 1 59 ASP 59 59 59 ASP ASP A . n 
A 1 60 LYS 60 60 60 LYS LYS A . n 
A 1 61 ASN 61 61 61 ASN ASN A . n 
A 1 62 SER 62 62 62 SER SER A . n 
A 1 63 ASP 63 63 63 ASP ASP A . n 
A 1 64 GLY 64 64 64 GLY GLY A . n 
A 1 65 LYS 65 65 65 LYS LYS A . n 
A 1 66 ILE 66 66 66 ILE ILE A . n 
A 1 67 SER 67 67 67 SER SER A . n 
A 1 68 LYS 68 68 68 LYS LYS A . n 
A 1 69 GLU 69 69 69 GLU GLU A . n 
A 1 70 GLU 70 70 70 GLU GLU A . n 
A 1 71 PHE 71 71 71 PHE PHE A . n 
A 1 72 LEU 72 72 72 LEU LEU A . n 
A 1 73 ASN 73 73 73 ASN ASN A . n 
A 1 74 ALA 74 74 74 ALA ALA A . n 
A 1 75 ASN 75 75 75 ASN ASN A . n 
A 1 76 ALA 76 76 76 ALA ALA A . n 
A 1 77 GLU 77 77 77 GLU GLU A . n 
A 1 78 LEU 78 78 78 LEU LEU A . n 
A 1 79 LEU 79 79 79 LEU LEU A . n 
A 1 80 CYS 80 80 80 CYS CYS A . n 
A 1 81 GLN 81 81 81 GLN GLN A . n 
A 1 82 LEU 82 82 82 LEU LEU A . n 
A 1 83 LYS 83 83 83 LYS LYS A . n 
# 
_cell.entry_id           1YX7 
_cell.length_a           1.000 
_cell.length_b           1.000 
_cell.length_c           1.000 
_cell.angle_alpha        90.00 
_cell.angle_beta         90.00 
_cell.angle_gamma        90.00 
_cell.Z_PDB              1 
_cell.pdbx_unique_axis   ? 
# 
_symmetry.entry_id                         1YX7 
_symmetry.space_group_name_H-M             'P 1' 
_symmetry.pdbx_full_space_group_name_H-M   ? 
_symmetry.cell_setting                     ? 
_symmetry.Int_Tables_number                1 
# 
_exptl.entry_id          1YX7 
_exptl.method            'SOLUTION NMR' 
_exptl.crystals_number   ? 
# 
_exptl_crystal.id                    1 
_exptl_crystal.density_meas          ? 
_exptl_crystal.density_percent_sol   ? 
_exptl_crystal.density_Matthews      ? 
_exptl_crystal.description           ? 
_exptl_crystal.F_000                 ? 
_exptl_crystal.preparation           ? 
# 
_diffrn.id                     1 
_diffrn.ambient_temp           ? 
_diffrn.ambient_temp_details   ? 
_diffrn.crystal_id             1 
# 
_diffrn_radiation.diffrn_id                        1 
_diffrn_radiation.wavelength_id                    1 
_diffrn_radiation.monochromator                    ? 
_diffrn_radiation.pdbx_monochromatic_or_laue_m_l   M 
_diffrn_radiation.pdbx_diffrn_protocol             'SINGLE WAVELENGTH' 
_diffrn_radiation.pdbx_scattering_type             ? 
# 
_diffrn_radiation_wavelength.id           1 
_diffrn_radiation_wavelength.wavelength   . 
_diffrn_radiation_wavelength.wt           1.0 
# 
_struct.entry_id                  1YX7 
_struct.title                     'NMR structure of Calsensin, energy minimized average structure.' 
_struct.pdbx_model_details        ? 
_struct.pdbx_CASP_flag            ? 
_struct.pdbx_model_type_details   'minimized average' 
# 
_struct_keywords.entry_id        1YX7 
_struct_keywords.pdbx_keywords   'METAL BINDING PROTEIN' 
_struct_keywords.text            
'Calsensin, calcium-binding protein EF-hand, helix-loop-helix, nervous system, METAL BINDING PROTEIN' 
# 
_struct_asym.id                            A 
_struct_asym.pdbx_blank_PDB_chainid_flag   N 
_struct_asym.pdbx_modified                 N 
_struct_asym.entity_id                     1 
_struct_asym.details                       ? 
# 
_struct_ref.id                         1 
_struct_ref.db_name                    UNP 
_struct_ref.db_code                    CLSS_HAEMA 
_struct_ref.pdbx_db_accession          Q25088 
_struct_ref.entity_id                  1 
_struct_ref.pdbx_seq_one_letter_code   
;MACKVKAELEAAFKKLDANGDGYVTALELQTFMVTLDAYKALSKDKVKEASAKLIKMADKNSDGKISKEEFLNANAELLC
QLK
;
_struct_ref.pdbx_align_begin           1 
_struct_ref.pdbx_db_isoform            ? 
# 
_struct_ref_seq.align_id                      1 
_struct_ref_seq.ref_id                        1 
_struct_ref_seq.pdbx_PDB_id_code              1YX7 
_struct_ref_seq.pdbx_strand_id                A 
_struct_ref_seq.seq_align_beg                 1 
_struct_ref_seq.pdbx_seq_align_beg_ins_code   ? 
_struct_ref_seq.seq_align_end                 83 
_struct_ref_seq.pdbx_seq_align_end_ins_code   ? 
_struct_ref_seq.pdbx_db_accession             Q25088 
_struct_ref_seq.db_align_beg                  1 
_struct_ref_seq.pdbx_db_align_beg_ins_code    ? 
_struct_ref_seq.db_align_end                  83 
_struct_ref_seq.pdbx_db_align_end_ins_code    ? 
_struct_ref_seq.pdbx_auth_seq_align_beg       1 
_struct_ref_seq.pdbx_auth_seq_align_end       83 
# 
_pdbx_struct_assembly.id                   1 
_pdbx_struct_assembly.details              author_defined_assembly 
_pdbx_struct_assembly.method_details       ? 
_pdbx_struct_assembly.oligomeric_details   monomeric 
_pdbx_struct_assembly.oligomeric_count     1 
# 
_pdbx_struct_assembly_gen.assembly_id       1 
_pdbx_struct_assembly_gen.oper_expression   1 
_pdbx_struct_assembly_gen.asym_id_list      A 
# 
_pdbx_struct_oper_list.id                   1 
_pdbx_struct_oper_list.type                 'identity operation' 
_pdbx_struct_oper_list.name                 1_555 
_pdbx_struct_oper_list.symmetry_operation   x,y,z 
_pdbx_struct_oper_list.matrix[1][1]         1.0000000000 
_pdbx_struct_oper_list.matrix[1][2]         0.0000000000 
_pdbx_struct_oper_list.matrix[1][3]         0.0000000000 
_pdbx_struct_oper_list.vector[1]            0.0000000000 
_pdbx_struct_oper_list.matrix[2][1]         0.0000000000 
_pdbx_struct_oper_list.matrix[2][2]         1.0000000000 
_pdbx_struct_oper_list.matrix[2][3]         0.0000000000 
_pdbx_struct_oper_list.vector[2]            0.0000000000 
_pdbx_struct_oper_list.matrix[3][1]         0.0000000000 
_pdbx_struct_oper_list.matrix[3][2]         0.0000000000 
_pdbx_struct_oper_list.matrix[3][3]         1.0000000000 
_pdbx_struct_oper_list.vector[3]            0.0000000000 
# 
_struct_biol.id   1 
# 
loop_
_struct_conf.conf_type_id 
_struct_conf.id 
_struct_conf.pdbx_PDB_helix_id 
_struct_conf.beg_label_comp_id 
_struct_conf.beg_label_asym_id 
_struct_conf.beg_label_seq_id 
_struct_conf.pdbx_beg_PDB_ins_code 
_struct_conf.end_label_comp_id 
_struct_conf.end_label_asym_id 
_struct_conf.end_label_seq_id 
_struct_conf.pdbx_end_PDB_ins_code 
_struct_conf.beg_auth_comp_id 
_struct_conf.beg_auth_asym_id 
_struct_conf.beg_auth_seq_id 
_struct_conf.end_auth_comp_id 
_struct_conf.end_auth_asym_id 
_struct_conf.end_auth_seq_id 
_struct_conf.pdbx_PDB_helix_class 
_struct_conf.details 
_struct_conf.pdbx_PDB_helix_length 
HELX_P HELX_P1 1 ALA A 7  ? ASP A 17 ? ALA A 7  ASP A 17 1 ? 11 
HELX_P HELX_P2 2 THR A 25 ? ASP A 37 ? THR A 25 ASP A 37 1 ? 13 
HELX_P HELX_P3 3 VAL A 47 ? LYS A 56 ? VAL A 47 LYS A 56 1 ? 10 
HELX_P HELX_P4 4 SER A 67 ? CYS A 80 ? SER A 67 CYS A 80 1 ? 14 
# 
_struct_conf_type.id          HELX_P 
_struct_conf_type.criteria    ? 
_struct_conf_type.reference   ? 
# 
loop_
_pdbx_validate_close_contact.id 
_pdbx_validate_close_contact.PDB_model_num 
_pdbx_validate_close_contact.auth_atom_id_1 
_pdbx_validate_close_contact.auth_asym_id_1 
_pdbx_validate_close_contact.auth_comp_id_1 
_pdbx_validate_close_contact.auth_seq_id_1 
_pdbx_validate_close_contact.PDB_ins_code_1 
_pdbx_validate_close_contact.label_alt_id_1 
_pdbx_validate_close_contact.auth_atom_id_2 
_pdbx_validate_close_contact.auth_asym_id_2 
_pdbx_validate_close_contact.auth_comp_id_2 
_pdbx_validate_close_contact.auth_seq_id_2 
_pdbx_validate_close_contact.PDB_ins_code_2 
_pdbx_validate_close_contact.label_alt_id_2 
_pdbx_validate_close_contact.dist 
1  1 HB1  A ALA 12 ? ? H    A GLU 69 ? ? 1.25 
2  1 HD21 A LEU 42 ? ? HG   A SER 43 ? ? 1.32 
3  1 O    A LYS 14 ? ? HB3  A ALA 18 ? ? 1.34 
4  1 O    A GLN 30 ? ? HG12 A VAL 34 ? ? 1.37 
5  1 O    A GLU 69 ? ? H    A ASN 73 ? ? 1.38 
6  1 O    A GLU 69 ? ? HD21 A ASN 73 ? ? 1.40 
7  1 O    A TYR 39 ? ? HD11 A LEU 42 ? ? 1.41 
8  1 O    A LEU 72 ? ? HD21 A ASN 75 ? ? 1.41 
9  1 O    A ALA 74 ? ? H    A LEU 78 ? ? 1.44 
10 1 O    A LYS 68 ? ? H    A LEU 72 ? ? 1.45 
11 1 O    A LEU 29 ? ? H    A MET 33 ? ? 1.48 
12 1 O    A ALA 76 ? ? H    A CYS 80 ? ? 1.50 
13 1 O    A ALA 12 ? ? H    A LEU 16 ? ? 1.50 
14 1 O    A SER 51 ? ? H    A ILE 55 ? ? 1.51 
15 1 O    A THR 31 ? ? H    A THR 35 ? ? 1.51 
16 1 O    A ALA 7  ? ? H    A GLU 10 ? ? 1.53 
17 1 HD13 A LEU 16 ? ? N    A ASP 17 ? ? 1.53 
18 1 O    A TYR 39 ? ? H    A ALA 41 ? ? 1.54 
19 1 O    A LYS 48 ? ? H    A ALA 52 ? ? 1.55 
20 1 OE2  A GLU 28 ? ? HD11 A LEU 54 ? ? 1.57 
21 1 O    A LEU 16 ? ? OG1  A THR 25 ? ? 2.09 
22 1 O    A GLU 69 ? ? ND2  A ASN 73 ? ? 2.10 
23 1 O    A LEU 27 ? ? NE2  A GLN 30 ? ? 2.12 
24 1 O    A LYS 65 ? ? OE2  A GLU 69 ? ? 2.17 
25 1 OD1  A ASP 45 ? ? OE2  A GLU 49 ? ? 2.17 
26 1 O    A ALA 12 ? ? N    A LEU 16 ? ? 2.18 
# 
loop_
_pdbx_validate_torsion.id 
_pdbx_validate_torsion.PDB_model_num 
_pdbx_validate_torsion.auth_comp_id 
_pdbx_validate_torsion.auth_asym_id 
_pdbx_validate_torsion.auth_seq_id 
_pdbx_validate_torsion.PDB_ins_code 
_pdbx_validate_torsion.label_alt_id 
_pdbx_validate_torsion.phi 
_pdbx_validate_torsion.psi 
1  1 CYS A 3  ? ? 36.73   -151.21 
2  1 LYS A 4  ? ? -162.82 -152.46 
3  1 LYS A 6  ? ? 158.52  -34.31  
4  1 ALA A 7  ? ? -66.78  1.77    
5  1 ASP A 17 ? ? -140.62 53.29   
6  1 ASN A 19 ? ? -147.26 -23.64  
7  1 ASP A 21 ? ? -148.29 -45.13  
8  1 ALA A 26 ? ? -48.62  -18.29  
9  1 LEU A 36 ? ? -160.59 62.17   
10 1 TYR A 39 ? ? 46.14   18.39   
11 1 LYS A 40 ? ? -67.21  43.22   
12 1 ALA A 41 ? ? -161.30 16.89   
13 1 LEU A 42 ? ? -90.57  -120.56 
14 1 SER A 43 ? ? 42.50   -84.02  
15 1 ASP A 45 ? ? 124.48  20.70   
16 1 ALA A 58 ? ? -168.42 -29.41  
17 1 ASN A 61 ? ? -151.05 14.45   
18 1 SER A 62 ? ? 98.58   71.31   
19 1 ASP A 63 ? ? -137.20 -35.93  
20 1 SER A 67 ? ? 163.75  -143.76 
21 1 LYS A 68 ? ? -38.38  -36.20  
22 1 GLN A 81 ? ? 92.21   124.16  
23 1 LEU A 82 ? ? 148.22  -169.14 
# 
_pdbx_nmr_ensemble.entry_id                             1YX7 
_pdbx_nmr_ensemble.conformers_calculated_total_number   ? 
_pdbx_nmr_ensemble.conformers_submitted_total_number    1 
_pdbx_nmr_ensemble.conformer_selection_criteria         ? 
# 
_pdbx_nmr_representative.entry_id             1YX7 
_pdbx_nmr_representative.conformer_id         1 
_pdbx_nmr_representative.selection_criteria   'minimized average structure' 
# 
loop_
_pdbx_nmr_sample_details.solution_id 
_pdbx_nmr_sample_details.contents 
_pdbx_nmr_sample_details.solvent_system 
1 '1.7 mM Calsensin, U15N, 13C; 125 mM Phosphate buffer, 2 mM DTT' '90% H2O/10% D2O' 
2 '1.7 mM Calsensin, U15N; 125 mM Phosphate buffer, 2 mM DTT'      '90% H2O/10% D2O' 
3 '1.5 mM Calsensin,  125 mM Phosphate buffer, 2 mM DTT'           '90% H2O/10% D2O' 
# 
_pdbx_nmr_exptl_sample_conditions.conditions_id       1 
_pdbx_nmr_exptl_sample_conditions.temperature         298 
_pdbx_nmr_exptl_sample_conditions.pressure            Ambient 
_pdbx_nmr_exptl_sample_conditions.pH                  6.0 
_pdbx_nmr_exptl_sample_conditions.ionic_strength      '125 mM' 
_pdbx_nmr_exptl_sample_conditions.pressure_units      ? 
_pdbx_nmr_exptl_sample_conditions.temperature_units   K 
# 
loop_
_pdbx_nmr_exptl.experiment_id 
_pdbx_nmr_exptl.conditions_id 
_pdbx_nmr_exptl.type 
_pdbx_nmr_exptl.solution_id 
1 1 3D_13C-separated_NOESY 1 
2 1 3D_15N-separated_NOESY 2 
3 1 '2D NOESY'             3 
4 1 '2D TOCSY'             3 
5 1 DQF-COSY               3 
# 
_pdbx_nmr_refine.entry_id           1YX7 
_pdbx_nmr_refine.method             'Distance geometry and simulated annealing' 
_pdbx_nmr_refine.details            ? 
_pdbx_nmr_refine.software_ordinal   1 
# 
loop_
_pdbx_nmr_software.classification 
_pdbx_nmr_software.name 
_pdbx_nmr_software.version 
_pdbx_nmr_software.authors 
_pdbx_nmr_software.ordinal 
collection      XwinNMR ?     ?                     1 
processing      NMRPipe 1.0   Delaglio              2 
refinement      CNS     1.1   Brunger               3 
'data analysis' NMRView 5.0.4 'Johnson and Blevins' 4 
# 
loop_
_chem_comp_atom.comp_id 
_chem_comp_atom.atom_id 
_chem_comp_atom.type_symbol 
_chem_comp_atom.pdbx_aromatic_flag 
_chem_comp_atom.pdbx_stereo_config 
_chem_comp_atom.pdbx_ordinal 
ALA N    N N N 1   
ALA CA   C N S 2   
ALA C    C N N 3   
ALA O    O N N 4   
ALA CB   C N N 5   
ALA OXT  O N N 6   
ALA H    H N N 7   
ALA H2   H N N 8   
ALA HA   H N N 9   
ALA HB1  H N N 10  
ALA HB2  H N N 11  
ALA HB3  H N N 12  
ALA HXT  H N N 13  
ASN N    N N N 14  
ASN CA   C N S 15  
ASN C    C N N 16  
ASN O    O N N 17  
ASN CB   C N N 18  
ASN CG   C N N 19  
ASN OD1  O N N 20  
ASN ND2  N N N 21  
ASN OXT  O N N 22  
ASN H    H N N 23  
ASN H2   H N N 24  
ASN HA   H N N 25  
ASN HB2  H N N 26  
ASN HB3  H N N 27  
ASN HD21 H N N 28  
ASN HD22 H N N 29  
ASN HXT  H N N 30  
ASP N    N N N 31  
ASP CA   C N S 32  
ASP C    C N N 33  
ASP O    O N N 34  
ASP CB   C N N 35  
ASP CG   C N N 36  
ASP OD1  O N N 37  
ASP OD2  O N N 38  
ASP OXT  O N N 39  
ASP H    H N N 40  
ASP H2   H N N 41  
ASP HA   H N N 42  
ASP HB2  H N N 43  
ASP HB3  H N N 44  
ASP HD2  H N N 45  
ASP HXT  H N N 46  
CYS N    N N N 47  
CYS CA   C N R 48  
CYS C    C N N 49  
CYS O    O N N 50  
CYS CB   C N N 51  
CYS SG   S N N 52  
CYS OXT  O N N 53  
CYS H    H N N 54  
CYS H2   H N N 55  
CYS HA   H N N 56  
CYS HB2  H N N 57  
CYS HB3  H N N 58  
CYS HG   H N N 59  
CYS HXT  H N N 60  
GLN N    N N N 61  
GLN CA   C N S 62  
GLN C    C N N 63  
GLN O    O N N 64  
GLN CB   C N N 65  
GLN CG   C N N 66  
GLN CD   C N N 67  
GLN OE1  O N N 68  
GLN NE2  N N N 69  
GLN OXT  O N N 70  
GLN H    H N N 71  
GLN H2   H N N 72  
GLN HA   H N N 73  
GLN HB2  H N N 74  
GLN HB3  H N N 75  
GLN HG2  H N N 76  
GLN HG3  H N N 77  
GLN HE21 H N N 78  
GLN HE22 H N N 79  
GLN HXT  H N N 80  
GLU N    N N N 81  
GLU CA   C N S 82  
GLU C    C N N 83  
GLU O    O N N 84  
GLU CB   C N N 85  
GLU CG   C N N 86  
GLU CD   C N N 87  
GLU OE1  O N N 88  
GLU OE2  O N N 89  
GLU OXT  O N N 90  
GLU H    H N N 91  
GLU H2   H N N 92  
GLU HA   H N N 93  
GLU HB2  H N N 94  
GLU HB3  H N N 95  
GLU HG2  H N N 96  
GLU HG3  H N N 97  
GLU HE2  H N N 98  
GLU HXT  H N N 99  
GLY N    N N N 100 
GLY CA   C N N 101 
GLY C    C N N 102 
GLY O    O N N 103 
GLY OXT  O N N 104 
GLY H    H N N 105 
GLY H2   H N N 106 
GLY HA2  H N N 107 
GLY HA3  H N N 108 
GLY HXT  H N N 109 
ILE N    N N N 110 
ILE CA   C N S 111 
ILE C    C N N 112 
ILE O    O N N 113 
ILE CB   C N S 114 
ILE CG1  C N N 115 
ILE CG2  C N N 116 
ILE CD1  C N N 117 
ILE OXT  O N N 118 
ILE H    H N N 119 
ILE H2   H N N 120 
ILE HA   H N N 121 
ILE HB   H N N 122 
ILE HG12 H N N 123 
ILE HG13 H N N 124 
ILE HG21 H N N 125 
ILE HG22 H N N 126 
ILE HG23 H N N 127 
ILE HD11 H N N 128 
ILE HD12 H N N 129 
ILE HD13 H N N 130 
ILE HXT  H N N 131 
LEU N    N N N 132 
LEU CA   C N S 133 
LEU C    C N N 134 
LEU O    O N N 135 
LEU CB   C N N 136 
LEU CG   C N N 137 
LEU CD1  C N N 138 
LEU CD2  C N N 139 
LEU OXT  O N N 140 
LEU H    H N N 141 
LEU H2   H N N 142 
LEU HA   H N N 143 
LEU HB2  H N N 144 
LEU HB3  H N N 145 
LEU HG   H N N 146 
LEU HD11 H N N 147 
LEU HD12 H N N 148 
LEU HD13 H N N 149 
LEU HD21 H N N 150 
LEU HD22 H N N 151 
LEU HD23 H N N 152 
LEU HXT  H N N 153 
LYS N    N N N 154 
LYS CA   C N S 155 
LYS C    C N N 156 
LYS O    O N N 157 
LYS CB   C N N 158 
LYS CG   C N N 159 
LYS CD   C N N 160 
LYS CE   C N N 161 
LYS NZ   N N N 162 
LYS OXT  O N N 163 
LYS H    H N N 164 
LYS H2   H N N 165 
LYS HA   H N N 166 
LYS HB2  H N N 167 
LYS HB3  H N N 168 
LYS HG2  H N N 169 
LYS HG3  H N N 170 
LYS HD2  H N N 171 
LYS HD3  H N N 172 
LYS HE2  H N N 173 
LYS HE3  H N N 174 
LYS HZ1  H N N 175 
LYS HZ2  H N N 176 
LYS HZ3  H N N 177 
LYS HXT  H N N 178 
MET N    N N N 179 
MET CA   C N S 180 
MET C    C N N 181 
MET O    O N N 182 
MET CB   C N N 183 
MET CG   C N N 184 
MET SD   S N N 185 
MET CE   C N N 186 
MET OXT  O N N 187 
MET H    H N N 188 
MET H2   H N N 189 
MET HA   H N N 190 
MET HB2  H N N 191 
MET HB3  H N N 192 
MET HG2  H N N 193 
MET HG3  H N N 194 
MET HE1  H N N 195 
MET HE2  H N N 196 
MET HE3  H N N 197 
MET HXT  H N N 198 
PHE N    N N N 199 
PHE CA   C N S 200 
PHE C    C N N 201 
PHE O    O N N 202 
PHE CB   C N N 203 
PHE CG   C Y N 204 
PHE CD1  C Y N 205 
PHE CD2  C Y N 206 
PHE CE1  C Y N 207 
PHE CE2  C Y N 208 
PHE CZ   C Y N 209 
PHE OXT  O N N 210 
PHE H    H N N 211 
PHE H2   H N N 212 
PHE HA   H N N 213 
PHE HB2  H N N 214 
PHE HB3  H N N 215 
PHE HD1  H N N 216 
PHE HD2  H N N 217 
PHE HE1  H N N 218 
PHE HE2  H N N 219 
PHE HZ   H N N 220 
PHE HXT  H N N 221 
SER N    N N N 222 
SER CA   C N S 223 
SER C    C N N 224 
SER O    O N N 225 
SER CB   C N N 226 
SER OG   O N N 227 
SER OXT  O N N 228 
SER H    H N N 229 
SER H2   H N N 230 
SER HA   H N N 231 
SER HB2  H N N 232 
SER HB3  H N N 233 
SER HG   H N N 234 
SER HXT  H N N 235 
THR N    N N N 236 
THR CA   C N S 237 
THR C    C N N 238 
THR O    O N N 239 
THR CB   C N R 240 
THR OG1  O N N 241 
THR CG2  C N N 242 
THR OXT  O N N 243 
THR H    H N N 244 
THR H2   H N N 245 
THR HA   H N N 246 
THR HB   H N N 247 
THR HG1  H N N 248 
THR HG21 H N N 249 
THR HG22 H N N 250 
THR HG23 H N N 251 
THR HXT  H N N 252 
TYR N    N N N 253 
TYR CA   C N S 254 
TYR C    C N N 255 
TYR O    O N N 256 
TYR CB   C N N 257 
TYR CG   C Y N 258 
TYR CD1  C Y N 259 
TYR CD2  C Y N 260 
TYR CE1  C Y N 261 
TYR CE2  C Y N 262 
TYR CZ   C Y N 263 
TYR OH   O N N 264 
TYR OXT  O N N 265 
TYR H    H N N 266 
TYR H2   H N N 267 
TYR HA   H N N 268 
TYR HB2  H N N 269 
TYR HB3  H N N 270 
TYR HD1  H N N 271 
TYR HD2  H N N 272 
TYR HE1  H N N 273 
TYR HE2  H N N 274 
TYR HH   H N N 275 
TYR HXT  H N N 276 
VAL N    N N N 277 
VAL CA   C N S 278 
VAL C    C N N 279 
VAL O    O N N 280 
VAL CB   C N N 281 
VAL CG1  C N N 282 
VAL CG2  C N N 283 
VAL OXT  O N N 284 
VAL H    H N N 285 
VAL H2   H N N 286 
VAL HA   H N N 287 
VAL HB   H N N 288 
VAL HG11 H N N 289 
VAL HG12 H N N 290 
VAL HG13 H N N 291 
VAL HG21 H N N 292 
VAL HG22 H N N 293 
VAL HG23 H N N 294 
VAL HXT  H N N 295 
# 
loop_
_chem_comp_bond.comp_id 
_chem_comp_bond.atom_id_1 
_chem_comp_bond.atom_id_2 
_chem_comp_bond.value_order 
_chem_comp_bond.pdbx_aromatic_flag 
_chem_comp_bond.pdbx_stereo_config 
_chem_comp_bond.pdbx_ordinal 
ALA N   CA   sing N N 1   
ALA N   H    sing N N 2   
ALA N   H2   sing N N 3   
ALA CA  C    sing N N 4   
ALA CA  CB   sing N N 5   
ALA CA  HA   sing N N 6   
ALA C   O    doub N N 7   
ALA C   OXT  sing N N 8   
ALA CB  HB1  sing N N 9   
ALA CB  HB2  sing N N 10  
ALA CB  HB3  sing N N 11  
ALA OXT HXT  sing N N 12  
ASN N   CA   sing N N 13  
ASN N   H    sing N N 14  
ASN N   H2   sing N N 15  
ASN CA  C    sing N N 16  
ASN CA  CB   sing N N 17  
ASN CA  HA   sing N N 18  
ASN C   O    doub N N 19  
ASN C   OXT  sing N N 20  
ASN CB  CG   sing N N 21  
ASN CB  HB2  sing N N 22  
ASN CB  HB3  sing N N 23  
ASN CG  OD1  doub N N 24  
ASN CG  ND2  sing N N 25  
ASN ND2 HD21 sing N N 26  
ASN ND2 HD22 sing N N 27  
ASN OXT HXT  sing N N 28  
ASP N   CA   sing N N 29  
ASP N   H    sing N N 30  
ASP N   H2   sing N N 31  
ASP CA  C    sing N N 32  
ASP CA  CB   sing N N 33  
ASP CA  HA   sing N N 34  
ASP C   O    doub N N 35  
ASP C   OXT  sing N N 36  
ASP CB  CG   sing N N 37  
ASP CB  HB2  sing N N 38  
ASP CB  HB3  sing N N 39  
ASP CG  OD1  doub N N 40  
ASP CG  OD2  sing N N 41  
ASP OD2 HD2  sing N N 42  
ASP OXT HXT  sing N N 43  
CYS N   CA   sing N N 44  
CYS N   H    sing N N 45  
CYS N   H2   sing N N 46  
CYS CA  C    sing N N 47  
CYS CA  CB   sing N N 48  
CYS CA  HA   sing N N 49  
CYS C   O    doub N N 50  
CYS C   OXT  sing N N 51  
CYS CB  SG   sing N N 52  
CYS CB  HB2  sing N N 53  
CYS CB  HB3  sing N N 54  
CYS SG  HG   sing N N 55  
CYS OXT HXT  sing N N 56  
GLN N   CA   sing N N 57  
GLN N   H    sing N N 58  
GLN N   H2   sing N N 59  
GLN CA  C    sing N N 60  
GLN CA  CB   sing N N 61  
GLN CA  HA   sing N N 62  
GLN C   O    doub N N 63  
GLN C   OXT  sing N N 64  
GLN CB  CG   sing N N 65  
GLN CB  HB2  sing N N 66  
GLN CB  HB3  sing N N 67  
GLN CG  CD   sing N N 68  
GLN CG  HG2  sing N N 69  
GLN CG  HG3  sing N N 70  
GLN CD  OE1  doub N N 71  
GLN CD  NE2  sing N N 72  
GLN NE2 HE21 sing N N 73  
GLN NE2 HE22 sing N N 74  
GLN OXT HXT  sing N N 75  
GLU N   CA   sing N N 76  
GLU N   H    sing N N 77  
GLU N   H2   sing N N 78  
GLU CA  C    sing N N 79  
GLU CA  CB   sing N N 80  
GLU CA  HA   sing N N 81  
GLU C   O    doub N N 82  
GLU C   OXT  sing N N 83  
GLU CB  CG   sing N N 84  
GLU CB  HB2  sing N N 85  
GLU CB  HB3  sing N N 86  
GLU CG  CD   sing N N 87  
GLU CG  HG2  sing N N 88  
GLU CG  HG3  sing N N 89  
GLU CD  OE1  doub N N 90  
GLU CD  OE2  sing N N 91  
GLU OE2 HE2  sing N N 92  
GLU OXT HXT  sing N N 93  
GLY N   CA   sing N N 94  
GLY N   H    sing N N 95  
GLY N   H2   sing N N 96  
GLY CA  C    sing N N 97  
GLY CA  HA2  sing N N 98  
GLY CA  HA3  sing N N 99  
GLY C   O    doub N N 100 
GLY C   OXT  sing N N 101 
GLY OXT HXT  sing N N 102 
ILE N   CA   sing N N 103 
ILE N   H    sing N N 104 
ILE N   H2   sing N N 105 
ILE CA  C    sing N N 106 
ILE CA  CB   sing N N 107 
ILE CA  HA   sing N N 108 
ILE C   O    doub N N 109 
ILE C   OXT  sing N N 110 
ILE CB  CG1  sing N N 111 
ILE CB  CG2  sing N N 112 
ILE CB  HB   sing N N 113 
ILE CG1 CD1  sing N N 114 
ILE CG1 HG12 sing N N 115 
ILE CG1 HG13 sing N N 116 
ILE CG2 HG21 sing N N 117 
ILE CG2 HG22 sing N N 118 
ILE CG2 HG23 sing N N 119 
ILE CD1 HD11 sing N N 120 
ILE CD1 HD12 sing N N 121 
ILE CD1 HD13 sing N N 122 
ILE OXT HXT  sing N N 123 
LEU N   CA   sing N N 124 
LEU N   H    sing N N 125 
LEU N   H2   sing N N 126 
LEU CA  C    sing N N 127 
LEU CA  CB   sing N N 128 
LEU CA  HA   sing N N 129 
LEU C   O    doub N N 130 
LEU C   OXT  sing N N 131 
LEU CB  CG   sing N N 132 
LEU CB  HB2  sing N N 133 
LEU CB  HB3  sing N N 134 
LEU CG  CD1  sing N N 135 
LEU CG  CD2  sing N N 136 
LEU CG  HG   sing N N 137 
LEU CD1 HD11 sing N N 138 
LEU CD1 HD12 sing N N 139 
LEU CD1 HD13 sing N N 140 
LEU CD2 HD21 sing N N 141 
LEU CD2 HD22 sing N N 142 
LEU CD2 HD23 sing N N 143 
LEU OXT HXT  sing N N 144 
LYS N   CA   sing N N 145 
LYS N   H    sing N N 146 
LYS N   H2   sing N N 147 
LYS CA  C    sing N N 148 
LYS CA  CB   sing N N 149 
LYS CA  HA   sing N N 150 
LYS C   O    doub N N 151 
LYS C   OXT  sing N N 152 
LYS CB  CG   sing N N 153 
LYS CB  HB2  sing N N 154 
LYS CB  HB3  sing N N 155 
LYS CG  CD   sing N N 156 
LYS CG  HG2  sing N N 157 
LYS CG  HG3  sing N N 158 
LYS CD  CE   sing N N 159 
LYS CD  HD2  sing N N 160 
LYS CD  HD3  sing N N 161 
LYS CE  NZ   sing N N 162 
LYS CE  HE2  sing N N 163 
LYS CE  HE3  sing N N 164 
LYS NZ  HZ1  sing N N 165 
LYS NZ  HZ2  sing N N 166 
LYS NZ  HZ3  sing N N 167 
LYS OXT HXT  sing N N 168 
MET N   CA   sing N N 169 
MET N   H    sing N N 170 
MET N   H2   sing N N 171 
MET CA  C    sing N N 172 
MET CA  CB   sing N N 173 
MET CA  HA   sing N N 174 
MET C   O    doub N N 175 
MET C   OXT  sing N N 176 
MET CB  CG   sing N N 177 
MET CB  HB2  sing N N 178 
MET CB  HB3  sing N N 179 
MET CG  SD   sing N N 180 
MET CG  HG2  sing N N 181 
MET CG  HG3  sing N N 182 
MET SD  CE   sing N N 183 
MET CE  HE1  sing N N 184 
MET CE  HE2  sing N N 185 
MET CE  HE3  sing N N 186 
MET OXT HXT  sing N N 187 
PHE N   CA   sing N N 188 
PHE N   H    sing N N 189 
PHE N   H2   sing N N 190 
PHE CA  C    sing N N 191 
PHE CA  CB   sing N N 192 
PHE CA  HA   sing N N 193 
PHE C   O    doub N N 194 
PHE C   OXT  sing N N 195 
PHE CB  CG   sing N N 196 
PHE CB  HB2  sing N N 197 
PHE CB  HB3  sing N N 198 
PHE CG  CD1  doub Y N 199 
PHE CG  CD2  sing Y N 200 
PHE CD1 CE1  sing Y N 201 
PHE CD1 HD1  sing N N 202 
PHE CD2 CE2  doub Y N 203 
PHE CD2 HD2  sing N N 204 
PHE CE1 CZ   doub Y N 205 
PHE CE1 HE1  sing N N 206 
PHE CE2 CZ   sing Y N 207 
PHE CE2 HE2  sing N N 208 
PHE CZ  HZ   sing N N 209 
PHE OXT HXT  sing N N 210 
SER N   CA   sing N N 211 
SER N   H    sing N N 212 
SER N   H2   sing N N 213 
SER CA  C    sing N N 214 
SER CA  CB   sing N N 215 
SER CA  HA   sing N N 216 
SER C   O    doub N N 217 
SER C   OXT  sing N N 218 
SER CB  OG   sing N N 219 
SER CB  HB2  sing N N 220 
SER CB  HB3  sing N N 221 
SER OG  HG   sing N N 222 
SER OXT HXT  sing N N 223 
THR N   CA   sing N N 224 
THR N   H    sing N N 225 
THR N   H2   sing N N 226 
THR CA  C    sing N N 227 
THR CA  CB   sing N N 228 
THR CA  HA   sing N N 229 
THR C   O    doub N N 230 
THR C   OXT  sing N N 231 
THR CB  OG1  sing N N 232 
THR CB  CG2  sing N N 233 
THR CB  HB   sing N N 234 
THR OG1 HG1  sing N N 235 
THR CG2 HG21 sing N N 236 
THR CG2 HG22 sing N N 237 
THR CG2 HG23 sing N N 238 
THR OXT HXT  sing N N 239 
TYR N   CA   sing N N 240 
TYR N   H    sing N N 241 
TYR N   H2   sing N N 242 
TYR CA  C    sing N N 243 
TYR CA  CB   sing N N 244 
TYR CA  HA   sing N N 245 
TYR C   O    doub N N 246 
TYR C   OXT  sing N N 247 
TYR CB  CG   sing N N 248 
TYR CB  HB2  sing N N 249 
TYR CB  HB3  sing N N 250 
TYR CG  CD1  doub Y N 251 
TYR CG  CD2  sing Y N 252 
TYR CD1 CE1  sing Y N 253 
TYR CD1 HD1  sing N N 254 
TYR CD2 CE2  doub Y N 255 
TYR CD2 HD2  sing N N 256 
TYR CE1 CZ   doub Y N 257 
TYR CE1 HE1  sing N N 258 
TYR CE2 CZ   sing Y N 259 
TYR CE2 HE2  sing N N 260 
TYR CZ  OH   sing N N 261 
TYR OH  HH   sing N N 262 
TYR OXT HXT  sing N N 263 
VAL N   CA   sing N N 264 
VAL N   H    sing N N 265 
VAL N   H2   sing N N 266 
VAL CA  C    sing N N 267 
VAL CA  CB   sing N N 268 
VAL CA  HA   sing N N 269 
VAL C   O    doub N N 270 
VAL C   OXT  sing N N 271 
VAL CB  CG1  sing N N 272 
VAL CB  CG2  sing N N 273 
VAL CB  HB   sing N N 274 
VAL CG1 HG11 sing N N 275 
VAL CG1 HG12 sing N N 276 
VAL CG1 HG13 sing N N 277 
VAL CG2 HG21 sing N N 278 
VAL CG2 HG22 sing N N 279 
VAL CG2 HG23 sing N N 280 
VAL OXT HXT  sing N N 281 
# 
_pdbx_nmr_spectrometer.spectrometer_id   1 
_pdbx_nmr_spectrometer.model             DRX 
_pdbx_nmr_spectrometer.manufacturer      Bruker 
_pdbx_nmr_spectrometer.field_strength    500 
_pdbx_nmr_spectrometer.type              ? 
# 
_atom_sites.entry_id                    1YX7 
_atom_sites.fract_transf_matrix[1][1]   1.000000 
_atom_sites.fract_transf_matrix[1][2]   0.000000 
_atom_sites.fract_transf_matrix[1][3]   0.000000 
_atom_sites.fract_transf_matrix[2][1]   0.000000 
_atom_sites.fract_transf_matrix[2][2]   1.000000 
_atom_sites.fract_transf_matrix[2][3]   0.000000 
_atom_sites.fract_transf_matrix[3][1]   0.000000 
_atom_sites.fract_transf_matrix[3][2]   0.000000 
_atom_sites.fract_transf_matrix[3][3]   1.000000 
_atom_sites.fract_transf_vector[1]      0.00000 
_atom_sites.fract_transf_vector[2]      0.00000 
_atom_sites.fract_transf_vector[3]      0.00000 
# 
loop_
_atom_type.symbol 
C 
H 
N 
O 
S 
# 
loop_
_atom_site.group_PDB 
_atom_site.id 
_atom_site.type_symbol 
_atom_site.label_atom_id 
_atom_site.label_alt_id 
_atom_site.label_comp_id 
_atom_site.label_asym_id 
_atom_site.label_entity_id 
_atom_site.label_seq_id 
_atom_site.pdbx_PDB_ins_code 
_atom_site.Cartn_x 
_atom_site.Cartn_y 
_atom_site.Cartn_z 
_atom_site.occupancy 
_atom_site.B_iso_or_equiv 
_atom_site.pdbx_formal_charge 
_atom_site.auth_seq_id 
_atom_site.auth_comp_id 
_atom_site.auth_asym_id 
_atom_site.auth_atom_id 
_atom_site.pdbx_PDB_model_num 
ATOM 1    N N    . MET A 1 1  ? 5.434   21.963  -16.993 1.00 3.91 ? 1  MET A N    1 
ATOM 2    C CA   . MET A 1 1  ? 4.028   22.211  -17.408 1.00 3.05 ? 1  MET A CA   1 
ATOM 3    C C    . MET A 1 1  ? 3.377   20.937  -17.938 1.00 3.02 ? 1  MET A C    1 
ATOM 4    O O    . MET A 1 1  ? 2.209   20.665  -17.663 1.00 3.52 ? 1  MET A O    1 
ATOM 5    C CB   . MET A 1 1  ? 4.022   23.295  -18.486 1.00 2.93 ? 1  MET A CB   1 
ATOM 6    C CG   . MET A 1 1  ? 3.901   22.748  -19.899 1.00 3.14 ? 1  MET A CG   1 
ATOM 7    S SD   . MET A 1 1  ? 4.340   23.965  -21.155 1.00 3.80 ? 1  MET A SD   1 
ATOM 8    C CE   . MET A 1 1  ? 4.431   22.929  -22.613 1.00 4.09 ? 1  MET A CE   1 
ATOM 9    H H1   . MET A 1 1  ? 5.835   22.812  -16.650 1.00 4.27 ? 1  MET A H1   1 
ATOM 10   H H2   . MET A 1 1  ? 5.451   21.272  -16.271 1.00 4.14 ? 1  MET A H2   1 
ATOM 11   H H3   . MET A 1 1  ? 5.961   21.638  -17.779 1.00 4.29 ? 1  MET A H3   1 
ATOM 12   H HA   . MET A 1 1  ? 3.519   22.500  -16.597 1.00 3.21 ? 1  MET A HA   1 
ATOM 13   H HB2  . MET A 1 1  ? 3.249   23.906  -18.317 1.00 3.30 ? 1  MET A HB2  1 
ATOM 14   H HB3  . MET A 1 1  ? 4.876   23.812  -18.421 1.00 3.14 ? 1  MET A HB3  1 
ATOM 15   H HG2  . MET A 1 1  ? 4.508   21.958  -19.984 1.00 3.53 ? 1  MET A HG2  1 
ATOM 16   H HG3  . MET A 1 1  ? 2.954   22.458  -20.043 1.00 3.19 ? 1  MET A HG3  1 
ATOM 17   H HE1  . MET A 1 1  ? 3.543   22.495  -22.763 1.00 4.13 ? 1  MET A HE1  1 
ATOM 18   H HE2  . MET A 1 1  ? 4.673   23.480  -23.412 1.00 4.40 ? 1  MET A HE2  1 
ATOM 19   H HE3  . MET A 1 1  ? 5.126   22.224  -22.472 1.00 4.50 ? 1  MET A HE3  1 
ATOM 20   N N    . ALA A 1 2  ? 4.141   20.161  -18.699 1.00 3.08 ? 2  ALA A N    1 
ATOM 21   C CA   . ALA A 1 2  ? 3.639   18.916  -19.267 1.00 3.58 ? 2  ALA A CA   1 
ATOM 22   C C    . ALA A 1 2  ? 2.832   18.130  -18.240 1.00 3.25 ? 2  ALA A C    1 
ATOM 23   O O    . ALA A 1 2  ? 3.107   18.191  -17.042 1.00 3.61 ? 2  ALA A O    1 
ATOM 24   C CB   . ALA A 1 2  ? 4.791   18.073  -19.794 1.00 4.46 ? 2  ALA A CB   1 
ATOM 25   H H    . ALA A 1 2  ? 5.084   20.437  -18.886 1.00 3.22 ? 2  ALA A H    1 
ATOM 26   H HA   . ALA A 1 2  ? 3.039   19.140  -20.035 1.00 4.05 ? 2  ALA A HA   1 
ATOM 27   H HB1  . ALA A 1 2  ? 5.279   18.585  -20.502 1.00 4.73 ? 2  ALA A HB1  1 
ATOM 28   H HB2  . ALA A 1 2  ? 5.418   17.863  -19.043 1.00 4.94 ? 2  ALA A HB2  1 
ATOM 29   H HB3  . ALA A 1 2  ? 4.438   17.222  -20.182 1.00 4.77 ? 2  ALA A HB3  1 
ATOM 30   N N    . CYS A 1 3  ? 1.836   17.391  -18.718 1.00 3.12 ? 3  CYS A N    1 
ATOM 31   C CA   . CYS A 1 3  ? 0.990   16.591  -17.840 1.00 3.19 ? 3  CYS A CA   1 
ATOM 32   C C    . CYS A 1 3  ? 0.739   17.313  -16.520 1.00 2.69 ? 3  CYS A C    1 
ATOM 33   O O    . CYS A 1 3  ? 0.740   18.542  -16.463 1.00 2.84 ? 3  CYS A O    1 
ATOM 34   C CB   . CYS A 1 3  ? 1.635   15.229  -17.576 1.00 4.00 ? 3  CYS A CB   1 
ATOM 35   S SG   . CYS A 1 3  ? 0.473   13.844  -17.609 1.00 4.97 ? 3  CYS A SG   1 
ATOM 36   H H    . CYS A 1 3  ? 1.662   17.384  -19.703 1.00 3.38 ? 3  CYS A H    1 
ATOM 37   H HA   . CYS A 1 3  ? 0.107   16.466  -18.293 1.00 3.60 ? 3  CYS A HA   1 
ATOM 38   H HB2  . CYS A 1 3  ? 2.333   15.072  -18.276 1.00 4.31 ? 3  CYS A HB2  1 
ATOM 39   H HB3  . CYS A 1 3  ? 2.067   15.255  -16.674 1.00 4.25 ? 3  CYS A HB3  1 
ATOM 40   H HG   . CYS A 1 3  ? -0.448  14.182  -17.802 1.00 5.09 ? 3  CYS A HG   1 
ATOM 41   N N    . LYS A 1 4  ? 0.526   16.540  -15.460 1.00 2.76 ? 4  LYS A N    1 
ATOM 42   C CA   . LYS A 1 4  ? 0.276   17.106  -14.139 1.00 2.88 ? 4  LYS A CA   1 
ATOM 43   C C    . LYS A 1 4  ? 0.484   16.058  -13.050 1.00 2.49 ? 4  LYS A C    1 
ATOM 44   O O    . LYS A 1 4  ? 1.261   15.119  -13.219 1.00 2.94 ? 4  LYS A O    1 
ATOM 45   C CB   . LYS A 1 4  ? -1.146  17.663  -14.062 1.00 3.70 ? 4  LYS A CB   1 
ATOM 46   C CG   . LYS A 1 4  ? -1.242  18.986  -13.321 1.00 4.53 ? 4  LYS A CG   1 
ATOM 47   C CD   . LYS A 1 4  ? -0.129  19.132  -12.295 1.00 5.34 ? 4  LYS A CD   1 
ATOM 48   C CE   . LYS A 1 4  ? 0.807   20.277  -12.646 1.00 5.89 ? 4  LYS A CE   1 
ATOM 49   N NZ   . LYS A 1 4  ? 2.149   19.789  -13.065 1.00 6.65 ? 4  LYS A NZ   1 
ATOM 50   H H    . LYS A 1 4  ? 0.539   15.546  -15.570 1.00 3.16 ? 4  LYS A H    1 
ATOM 51   H HA   . LYS A 1 4  ? 0.921   17.854  -13.986 1.00 3.32 ? 4  LYS A HA   1 
ATOM 52   H HB2  . LYS A 1 4  ? -1.484  17.797  -14.994 1.00 3.85 ? 4  LYS A HB2  1 
ATOM 53   H HB3  . LYS A 1 4  ? -1.723  16.995  -13.592 1.00 4.08 ? 4  LYS A HB3  1 
ATOM 54   H HG2  . LYS A 1 4  ? -1.175  19.734  -13.981 1.00 4.84 ? 4  LYS A HG2  1 
ATOM 55   H HG3  . LYS A 1 4  ? -2.123  19.034  -12.853 1.00 4.68 ? 4  LYS A HG3  1 
ATOM 56   H HD2  . LYS A 1 4  ? -0.535  19.307  -11.399 1.00 5.55 ? 4  LYS A HD2  1 
ATOM 57   H HD3  . LYS A 1 4  ? 0.397   18.282  -12.263 1.00 5.72 ? 4  LYS A HD3  1 
ATOM 58   H HE2  . LYS A 1 4  ? 0.406   20.803  -13.396 1.00 6.07 ? 4  LYS A HE2  1 
ATOM 59   H HE3  . LYS A 1 4  ? 0.911   20.866  -11.845 1.00 5.94 ? 4  LYS A HE3  1 
ATOM 60   H HZ1  . LYS A 1 4  ? 2.237   19.179  -13.852 1.00 6.98 ? 4  LYS A HZ1  1 
ATOM 61   H HZ2  . LYS A 1 4  ? 2.857   20.442  -13.334 1.00 6.85 ? 4  LYS A HZ2  1 
ATOM 62   H HZ3  . LYS A 1 4  ? 2.707   19.255  -12.430 1.00 6.95 ? 4  LYS A HZ3  1 
ATOM 63   N N    . VAL A 1 5  ? -0.217  16.226  -11.933 1.00 2.34 ? 5  VAL A N    1 
ATOM 64   C CA   . VAL A 1 5  ? -0.109  15.296  -10.817 1.00 2.51 ? 5  VAL A CA   1 
ATOM 65   C C    . VAL A 1 5  ? -1.329  14.385  -10.742 1.00 2.00 ? 5  VAL A C    1 
ATOM 66   O O    . VAL A 1 5  ? -2.467  14.843  -10.847 1.00 2.76 ? 5  VAL A O    1 
ATOM 67   C CB   . VAL A 1 5  ? 0.043   16.041  -9.477  1.00 3.50 ? 5  VAL A CB   1 
ATOM 68   C CG1  . VAL A 1 5  ? -1.002  17.140  -9.355  1.00 3.93 ? 5  VAL A CG1  1 
ATOM 69   C CG2  . VAL A 1 5  ? -0.057  15.068  -8.312  1.00 4.35 ? 5  VAL A CG2  1 
ATOM 70   H H    . VAL A 1 5  ? -0.832  17.011  -11.858 1.00 2.63 ? 5  VAL A H    1 
ATOM 71   H HA   . VAL A 1 5  ? 0.691   14.719  -10.977 1.00 2.96 ? 5  VAL A HA   1 
ATOM 72   H HB   . VAL A 1 5  ? 0.942   16.478  -9.474  1.00 3.89 ? 5  VAL A HB   1 
ATOM 73   H HG11 . VAL A 1 5  ? -1.918  16.743  -9.395  1.00 4.21 ? 5  VAL A HG11 1 
ATOM 74   H HG12 . VAL A 1 5  ? -0.877  17.604  -8.477  1.00 4.28 ? 5  VAL A HG12 1 
ATOM 75   H HG13 . VAL A 1 5  ? -0.891  17.799  -10.098 1.00 4.18 ? 5  VAL A HG13 1 
ATOM 76   H HG21 . VAL A 1 5  ? 0.667   14.383  -8.383  1.00 4.66 ? 5  VAL A HG21 1 
ATOM 77   H HG22 . VAL A 1 5  ? 0.044   15.573  -7.455  1.00 4.97 ? 5  VAL A HG22 1 
ATOM 78   H HG23 . VAL A 1 5  ? -0.948  14.615  -8.328  1.00 4.47 ? 5  VAL A HG23 1 
ATOM 79   N N    . LYS A 1 6  ? -1.084  13.091  -10.560 1.00 1.42 ? 6  LYS A N    1 
ATOM 80   C CA   . LYS A 1 6  ? -2.163  12.114  -10.472 1.00 1.64 ? 6  LYS A CA   1 
ATOM 81   C C    . LYS A 1 6  ? -1.654  10.712  -10.792 1.00 1.42 ? 6  LYS A C    1 
ATOM 82   O O    . LYS A 1 6  ? -2.121  9.726   -10.222 1.00 1.34 ? 6  LYS A O    1 
ATOM 83   C CB   . LYS A 1 6  ? -3.298  12.488  -11.427 1.00 2.21 ? 6  LYS A CB   1 
ATOM 84   C CG   . LYS A 1 6  ? -2.835  12.736  -12.853 1.00 2.97 ? 6  LYS A CG   1 
ATOM 85   C CD   . LYS A 1 6  ? -3.784  13.664  -13.593 1.00 3.95 ? 6  LYS A CD   1 
ATOM 86   C CE   . LYS A 1 6  ? -4.133  13.123  -14.970 1.00 4.78 ? 6  LYS A CE   1 
ATOM 87   N NZ   . LYS A 1 6  ? -3.991  11.643  -15.038 1.00 5.42 ? 6  LYS A NZ   1 
ATOM 88   H H    . LYS A 1 6  ? -0.137  12.780  -10.481 1.00 1.65 ? 6  LYS A H    1 
ATOM 89   H HA   . LYS A 1 6  ? -2.519  12.116  -9.537  1.00 2.23 ? 6  LYS A HA   1 
ATOM 90   H HB2  . LYS A 1 6  ? -3.963  11.741  -11.434 1.00 2.42 ? 6  LYS A HB2  1 
ATOM 91   H HB3  . LYS A 1 6  ? -3.735  13.320  -11.087 1.00 2.72 ? 6  LYS A HB3  1 
ATOM 92   H HG2  . LYS A 1 6  ? -1.926  13.150  -12.833 1.00 3.29 ? 6  LYS A HG2  1 
ATOM 93   H HG3  . LYS A 1 6  ? -2.793  11.862  -13.338 1.00 3.17 ? 6  LYS A HG3  1 
ATOM 94   H HD2  . LYS A 1 6  ? -4.625  13.762  -13.060 1.00 4.45 ? 6  LYS A HD2  1 
ATOM 95   H HD3  . LYS A 1 6  ? -3.349  14.559  -13.696 1.00 4.08 ? 6  LYS A HD3  1 
ATOM 96   H HE2  . LYS A 1 6  ? -5.079  13.368  -15.183 1.00 5.01 ? 6  LYS A HE2  1 
ATOM 97   H HE3  . LYS A 1 6  ? -3.522  13.539  -15.644 1.00 5.11 ? 6  LYS A HE3  1 
ATOM 98   H HZ1  . LYS A 1 6  ? -3.121  11.213  -14.797 1.00 5.91 ? 6  LYS A HZ1  1 
ATOM 99   H HZ2  . LYS A 1 6  ? -4.578  11.059  -14.479 1.00 5.75 ? 6  LYS A HZ2  1 
ATOM 100  H HZ3  . LYS A 1 6  ? -4.130  11.167  -15.906 1.00 5.42 ? 6  LYS A HZ3  1 
ATOM 101  N N    . ALA A 1 7  ? -0.694  10.631  -11.708 1.00 1.47 ? 7  ALA A N    1 
ATOM 102  C CA   . ALA A 1 7  ? -0.120  9.353   -12.105 1.00 1.45 ? 7  ALA A CA   1 
ATOM 103  C C    . ALA A 1 7  ? 0.661   8.720   -10.959 1.00 1.31 ? 7  ALA A C    1 
ATOM 104  O O    . ALA A 1 7  ? 1.248   7.649   -11.113 1.00 1.42 ? 7  ALA A O    1 
ATOM 105  C CB   . ALA A 1 7  ? 0.775   9.532   -13.322 1.00 1.75 ? 7  ALA A CB   1 
ATOM 106  H H    . ALA A 1 7  ? -0.356  11.471  -12.136 1.00 1.63 ? 7  ALA A H    1 
ATOM 107  H HA   . ALA A 1 7  ? -0.867  8.737   -12.354 1.00 1.44 ? 7  ALA A HA   1 
ATOM 108  H HB1  . ALA A 1 7  ? 1.513   10.168  -13.099 1.00 1.92 ? 7  ALA A HB1  1 
ATOM 109  H HB2  . ALA A 1 7  ? 1.165   8.650   -13.588 1.00 2.38 ? 7  ALA A HB2  1 
ATOM 110  H HB3  . ALA A 1 7  ? 0.236   9.899   -14.079 1.00 1.96 ? 7  ALA A HB3  1 
ATOM 111  N N    . GLU A 1 8  ? 0.665   9.388   -9.811  1.00 1.15 ? 8  GLU A N    1 
ATOM 112  C CA   . GLU A 1 8  ? 1.374   8.889   -8.640  1.00 1.08 ? 8  GLU A CA   1 
ATOM 113  C C    . GLU A 1 8  ? 1.067   7.414   -8.408  1.00 0.95 ? 8  GLU A C    1 
ATOM 114  O O    . GLU A 1 8  ? 1.826   6.708   -7.746  1.00 0.93 ? 8  GLU A O    1 
ATOM 115  C CB   . GLU A 1 8  ? 0.997   9.703   -7.400  1.00 1.12 ? 8  GLU A CB   1 
ATOM 116  C CG   . GLU A 1 8  ? -0.493  9.982   -7.287  1.00 1.58 ? 8  GLU A CG   1 
ATOM 117  C CD   . GLU A 1 8  ? -0.822  10.945  -6.164  1.00 1.70 ? 8  GLU A CD   1 
ATOM 118  O OE1  . GLU A 1 8  ? -0.256  10.787  -5.062  1.00 1.94 ? 8  GLU A OE1  1 
ATOM 119  O OE2  . GLU A 1 8  ? -1.645  11.858  -6.387  1.00 2.18 ? 8  GLU A OE2  1 
ATOM 120  H H    . GLU A 1 8  ? 0.170   10.255  -9.748  1.00 1.16 ? 8  GLU A H    1 
ATOM 121  H HA   . GLU A 1 8  ? 2.358   9.003   -8.776  1.00 1.15 ? 8  GLU A HA   1 
ATOM 122  H HB2  . GLU A 1 8  ? 1.286   9.195   -6.589  1.00 1.30 ? 8  GLU A HB2  1 
ATOM 123  H HB3  . GLU A 1 8  ? 1.480   10.577  -7.436  1.00 1.42 ? 8  GLU A HB3  1 
ATOM 124  H HG2  . GLU A 1 8  ? -0.813  10.375  -8.149  1.00 1.98 ? 8  GLU A HG2  1 
ATOM 125  H HG3  . GLU A 1 8  ? -0.970  9.119   -7.118  1.00 1.92 ? 8  GLU A HG3  1 
ATOM 126  N N    . LEU A 1 9  ? -0.049  6.958   -8.964  1.00 0.92 ? 9  LEU A N    1 
ATOM 127  C CA   . LEU A 1 9  ? -0.460  5.570   -8.828  1.00 0.82 ? 9  LEU A CA   1 
ATOM 128  C C    . LEU A 1 9  ? 0.439   4.667   -9.657  1.00 0.80 ? 9  LEU A C    1 
ATOM 129  O O    . LEU A 1 9  ? 0.615   3.488   -9.350  1.00 0.75 ? 9  LEU A O    1 
ATOM 130  C CB   . LEU A 1 9  ? -1.922  5.396   -9.254  1.00 0.85 ? 9  LEU A CB   1 
ATOM 131  C CG   . LEU A 1 9  ? -2.220  5.691   -10.726 1.00 0.94 ? 9  LEU A CG   1 
ATOM 132  C CD1  . LEU A 1 9  ? -1.985  7.161   -11.039 1.00 1.06 ? 9  LEU A CD1  1 
ATOM 133  C CD2  . LEU A 1 9  ? -1.374  4.809   -11.632 1.00 0.90 ? 9  LEU A CD2  1 
ATOM 134  H H    . LEU A 1 9  ? -0.622  7.585   -9.491  1.00 0.99 ? 9  LEU A H    1 
ATOM 135  H HA   . LEU A 1 9  ? -0.370  5.308   -7.867  1.00 0.79 ? 9  LEU A HA   1 
ATOM 136  H HB2  . LEU A 1 9  ? -2.187  4.449   -9.071  1.00 0.81 ? 9  LEU A HB2  1 
ATOM 137  H HB3  . LEU A 1 9  ? -2.481  6.011   -8.698  1.00 0.89 ? 9  LEU A HB3  1 
ATOM 138  H HG   . LEU A 1 9  ? -3.175  5.463   -10.919 1.00 0.99 ? 9  LEU A HG   1 
ATOM 139  H HD11 . LEU A 1 9  ? -2.584  7.723   -10.469 1.00 1.44 ? 9  LEU A HD11 1 
ATOM 140  H HD12 . LEU A 1 9  ? -1.031  7.393   -10.849 1.00 1.55 ? 9  LEU A HD12 1 
ATOM 141  H HD13 . LEU A 1 9  ? -2.185  7.333   -12.003 1.00 1.46 ? 9  LEU A HD13 1 
ATOM 142  H HD21 . LEU A 1 9  ? -0.408  4.987   -11.447 1.00 1.15 ? 9  LEU A HD21 1 
ATOM 143  H HD22 . LEU A 1 9  ? -1.581  3.850   -11.438 1.00 1.35 ? 9  LEU A HD22 1 
ATOM 144  H HD23 . LEU A 1 9  ? -1.571  5.004   -12.594 1.00 1.51 ? 9  LEU A HD23 1 
ATOM 145  N N    . GLU A 1 10 ? 0.997   5.236   -10.714 1.00 0.87 ? 10 GLU A N    1 
ATOM 146  C CA   . GLU A 1 10 ? 1.876   4.502   -11.610 1.00 0.89 ? 10 GLU A CA   1 
ATOM 147  C C    . GLU A 1 10 ? 3.205   4.165   -10.937 1.00 0.84 ? 10 GLU A C    1 
ATOM 148  O O    . GLU A 1 10 ? 3.905   3.241   -11.352 1.00 0.90 ? 10 GLU A O    1 
ATOM 149  C CB   . GLU A 1 10 ? 2.126   5.309   -12.885 1.00 1.02 ? 10 GLU A CB   1 
ATOM 150  C CG   . GLU A 1 10 ? 3.593   5.620   -13.131 1.00 1.02 ? 10 GLU A CG   1 
ATOM 151  C CD   . GLU A 1 10 ? 3.799   6.578   -14.288 1.00 1.25 ? 10 GLU A CD   1 
ATOM 152  O OE1  . GLU A 1 10 ? 2.795   7.130   -14.787 1.00 1.88 ? 10 GLU A OE1  1 
ATOM 153  O OE2  . GLU A 1 10 ? 4.962   6.777   -14.694 1.00 1.70 ? 10 GLU A OE2  1 
ATOM 154  H H    . GLU A 1 10 ? 0.809   6.199   -10.902 1.00 0.93 ? 10 GLU A H    1 
ATOM 155  H HA   . GLU A 1 10 ? 1.427   3.653   -11.889 1.00 0.89 ? 10 GLU A HA   1 
ATOM 156  H HB2  . GLU A 1 10 ? 1.779   4.785   -13.663 1.00 1.11 ? 10 GLU A HB2  1 
ATOM 157  H HB3  . GLU A 1 10 ? 1.627   6.173   -12.817 1.00 1.16 ? 10 GLU A HB3  1 
ATOM 158  H HG2  . GLU A 1 10 ? 3.978   6.031   -12.304 1.00 1.22 ? 10 GLU A HG2  1 
ATOM 159  H HG3  . GLU A 1 10 ? 4.074   4.767   -13.333 1.00 1.05 ? 10 GLU A HG3  1 
ATOM 160  N N    . ALA A 1 11 ? 3.549   4.923   -9.905  1.00 0.82 ? 11 ALA A N    1 
ATOM 161  C CA   . ALA A 1 11 ? 4.796   4.710   -9.183  1.00 0.82 ? 11 ALA A CA   1 
ATOM 162  C C    . ALA A 1 11 ? 4.751   3.427   -8.373  1.00 0.73 ? 11 ALA A C    1 
ATOM 163  O O    . ALA A 1 11 ? 5.609   2.553   -8.513  1.00 0.72 ? 11 ALA A O    1 
ATOM 164  C CB   . ALA A 1 11 ? 5.093   5.897   -8.280  1.00 0.90 ? 11 ALA A CB   1 
ATOM 165  H H    . ALA A 1 11 ? 2.937   5.659   -9.614  1.00 0.85 ? 11 ALA A H    1 
ATOM 166  H HA   . ALA A 1 11 ? 5.537   4.634   -9.851  1.00 0.87 ? 11 ALA A HA   1 
ATOM 167  H HB1  . ALA A 1 11 ? 4.347   6.007   -7.623  1.00 1.26 ? 11 ALA A HB1  1 
ATOM 168  H HB2  . ALA A 1 11 ? 5.950   5.743   -7.789  1.00 1.23 ? 11 ALA A HB2  1 
ATOM 169  H HB3  . ALA A 1 11 ? 5.171   6.725   -8.837  1.00 1.39 ? 11 ALA A HB3  1 
ATOM 170  N N    . ALA A 1 12 ? 3.744   3.325   -7.529  1.00 0.70 ? 12 ALA A N    1 
ATOM 171  C CA   . ALA A 1 12 ? 3.566   2.156   -6.685  1.00 0.66 ? 12 ALA A CA   1 
ATOM 172  C C    . ALA A 1 12 ? 3.269   0.926   -7.520  1.00 0.62 ? 12 ALA A C    1 
ATOM 173  O O    . ALA A 1 12 ? 3.796   -0.154  -7.267  1.00 0.65 ? 12 ALA A O    1 
ATOM 174  C CB   . ALA A 1 12 ? 2.459   2.394   -5.671  1.00 0.68 ? 12 ALA A CB   1 
ATOM 175  H H    . ALA A 1 12 ? 3.083   4.074   -7.468  1.00 0.73 ? 12 ALA A H    1 
ATOM 176  H HA   . ALA A 1 12 ? 4.416   1.998   -6.182  1.00 0.70 ? 12 ALA A HA   1 
ATOM 177  H HB1  . ALA A 1 12 ? 2.699   3.179   -5.099  1.00 1.15 ? 12 ALA A HB1  1 
ATOM 178  H HB2  . ALA A 1 12 ? 1.604   2.583   -6.154  1.00 1.15 ? 12 ALA A HB2  1 
ATOM 179  H HB3  . ALA A 1 12 ? 2.345   1.584   -5.095  1.00 1.31 ? 12 ALA A HB3  1 
ATOM 180  N N    . PHE A 1 13 ? 2.434   1.105   -8.524  1.00 0.62 ? 13 PHE A N    1 
ATOM 181  C CA   . PHE A 1 13 ? 2.070   0.014   -9.412  1.00 0.65 ? 13 PHE A CA   1 
ATOM 182  C C    . PHE A 1 13 ? 3.301   -0.488  -10.153 1.00 0.71 ? 13 PHE A C    1 
ATOM 183  O O    . PHE A 1 13 ? 3.637   -1.677  -10.110 1.00 0.74 ? 13 PHE A O    1 
ATOM 184  C CB   . PHE A 1 13 ? 1.014   0.475   -10.414 1.00 0.70 ? 13 PHE A CB   1 
ATOM 185  C CG   . PHE A 1 13 ? -0.383  0.077   -10.040 1.00 0.71 ? 13 PHE A CG   1 
ATOM 186  C CD1  . PHE A 1 13 ? -1.028  0.682   -8.974  1.00 1.41 ? 13 PHE A CD1  1 
ATOM 187  C CD2  . PHE A 1 13 ? -1.051  -0.903  -10.754 1.00 1.13 ? 13 PHE A CD2  1 
ATOM 188  C CE1  . PHE A 1 13 ? -2.315  0.318   -8.627  1.00 1.49 ? 13 PHE A CE1  1 
ATOM 189  C CE2  . PHE A 1 13 ? -2.338  -1.272  -10.413 1.00 1.11 ? 13 PHE A CE2  1 
ATOM 190  C CZ   . PHE A 1 13 ? -2.971  -0.660  -9.348  1.00 0.82 ? 13 PHE A CZ   1 
ATOM 191  H H    . PHE A 1 13 ? 2.041   2.012   -8.678  1.00 0.66 ? 13 PHE A H    1 
ATOM 192  H HA   . PHE A 1 13 ? 1.756   -0.738  -8.833  1.00 0.63 ? 13 PHE A HA   1 
ATOM 193  H HB2  . PHE A 1 13 ? 1.052   1.472   -10.476 1.00 0.73 ? 13 PHE A HB2  1 
ATOM 194  H HB3  . PHE A 1 13 ? 1.229   0.076   -11.305 1.00 0.75 ? 13 PHE A HB3  1 
ATOM 195  H HD1  . PHE A 1 13 ? -0.557  1.391   -8.448  1.00 2.13 ? 13 PHE A HD1  1 
ATOM 196  H HD2  . PHE A 1 13 ? -0.597  -1.348  -11.525 1.00 1.87 ? 13 PHE A HD2  1 
ATOM 197  H HE1  . PHE A 1 13 ? -2.768  0.763   -7.855  1.00 2.28 ? 13 PHE A HE1  1 
ATOM 198  H HE2  . PHE A 1 13 ? -2.810  -1.981  -10.938 1.00 1.80 ? 13 PHE A HE2  1 
ATOM 199  H HZ   . PHE A 1 13 ? -3.903  -0.924  -9.100  1.00 0.90 ? 13 PHE A HZ   1 
ATOM 200  N N    . LYS A 1 14 ? 3.972   0.440   -10.828 1.00 0.76 ? 14 LYS A N    1 
ATOM 201  C CA   . LYS A 1 14 ? 5.173   0.122   -11.585 1.00 0.84 ? 14 LYS A CA   1 
ATOM 202  C C    . LYS A 1 14 ? 6.264   -0.394  -10.657 1.00 0.84 ? 14 LYS A C    1 
ATOM 203  O O    . LYS A 1 14 ? 7.191   -1.073  -11.092 1.00 0.92 ? 14 LYS A O    1 
ATOM 204  C CB   . LYS A 1 14 ? 5.665   1.356   -12.343 1.00 0.96 ? 14 LYS A CB   1 
ATOM 205  C CG   . LYS A 1 14 ? 4.860   1.669   -13.594 1.00 1.17 ? 14 LYS A CG   1 
ATOM 206  C CD   . LYS A 1 14 ? 3.395   1.293   -13.429 1.00 1.11 ? 14 LYS A CD   1 
ATOM 207  C CE   . LYS A 1 14 ? 2.495   2.516   -13.475 1.00 1.31 ? 14 LYS A CE   1 
ATOM 208  N NZ   . LYS A 1 14 ? 2.071   2.843   -14.864 1.00 1.64 ? 14 LYS A NZ   1 
ATOM 209  H H    . LYS A 1 14 ? 3.643   1.384   -10.814 1.00 0.76 ? 14 LYS A H    1 
ATOM 210  H HA   . LYS A 1 14 ? 4.953   -0.595  -12.247 1.00 0.86 ? 14 LYS A HA   1 
ATOM 211  H HB2  . LYS A 1 14 ? 5.615   2.143   -11.730 1.00 1.06 ? 14 LYS A HB2  1 
ATOM 212  H HB3  . LYS A 1 14 ? 6.617   1.202   -12.610 1.00 1.02 ? 14 LYS A HB3  1 
ATOM 213  H HG2  . LYS A 1 14 ? 4.923   2.649   -13.784 1.00 1.55 ? 14 LYS A HG2  1 
ATOM 214  H HG3  . LYS A 1 14 ? 5.241   1.155   -14.363 1.00 1.60 ? 14 LYS A HG3  1 
ATOM 215  H HD2  . LYS A 1 14 ? 3.135   0.671   -14.167 1.00 1.48 ? 14 LYS A HD2  1 
ATOM 216  H HD3  . LYS A 1 14 ? 3.275   0.836   -12.548 1.00 1.73 ? 14 LYS A HD3  1 
ATOM 217  H HE2  . LYS A 1 14 ? 1.682   2.340   -12.922 1.00 1.77 ? 14 LYS A HE2  1 
ATOM 218  H HE3  . LYS A 1 14 ? 2.992   3.297   -13.097 1.00 1.41 ? 14 LYS A HE3  1 
ATOM 219  H HZ1  . LYS A 1 14 ? 2.758   3.017   -15.569 1.00 1.73 ? 14 LYS A HZ1  1 
ATOM 220  H HZ2  . LYS A 1 14 ? 1.520   2.191   -15.384 1.00 2.06 ? 14 LYS A HZ2  1 
ATOM 221  H HZ3  . LYS A 1 14 ? 1.506   3.650   -15.037 1.00 2.13 ? 14 LYS A HZ3  1 
ATOM 222  N N    . LYS A 1 15 ? 6.140   -0.073  -9.374  1.00 0.79 ? 15 LYS A N    1 
ATOM 223  C CA   . LYS A 1 15 ? 7.112   -0.515  -8.385  1.00 0.83 ? 15 LYS A CA   1 
ATOM 224  C C    . LYS A 1 15 ? 6.552   -1.679  -7.580  1.00 0.78 ? 15 LYS A C    1 
ATOM 225  O O    . LYS A 1 15 ? 7.299   -2.472  -7.010  1.00 0.86 ? 15 LYS A O    1 
ATOM 226  C CB   . LYS A 1 15 ? 7.492   0.636   -7.454  1.00 0.89 ? 15 LYS A CB   1 
ATOM 227  C CG   . LYS A 1 15 ? 8.872   0.487   -6.835  1.00 1.31 ? 15 LYS A CG   1 
ATOM 228  C CD   . LYS A 1 15 ? 8.810   0.528   -5.317  1.00 1.49 ? 15 LYS A CD   1 
ATOM 229  C CE   . LYS A 1 15 ? 7.723   1.472   -4.830  1.00 1.12 ? 15 LYS A CE   1 
ATOM 230  N NZ   . LYS A 1 15 ? 7.425   2.538   -5.826  1.00 1.77 ? 15 LYS A NZ   1 
ATOM 231  H H    . LYS A 1 15 ? 5.364   0.484   -9.081  1.00 0.75 ? 15 LYS A H    1 
ATOM 232  H HA   . LYS A 1 15 ? 7.937   -0.823  -8.860  1.00 0.92 ? 15 LYS A HA   1 
ATOM 233  H HB2  . LYS A 1 15 ? 7.471   1.487   -7.979  1.00 1.16 ? 15 LYS A HB2  1 
ATOM 234  H HB3  . LYS A 1 15 ? 6.818   0.682   -6.716  1.00 1.55 ? 15 LYS A HB3  1 
ATOM 235  H HG2  . LYS A 1 15 ? 9.265   -0.388  -7.121  1.00 2.07 ? 15 LYS A HG2  1 
ATOM 236  H HG3  . LYS A 1 15 ? 9.455   1.234   -7.157  1.00 1.81 ? 15 LYS A HG3  1 
ATOM 237  H HD2  . LYS A 1 15 ? 8.619   -0.392  -4.975  1.00 2.06 ? 15 LYS A HD2  1 
ATOM 238  H HD3  . LYS A 1 15 ? 9.692   0.838   -4.963  1.00 2.03 ? 15 LYS A HD3  1 
ATOM 239  H HE2  . LYS A 1 15 ? 6.890   0.945   -4.660  1.00 1.36 ? 15 LYS A HE2  1 
ATOM 240  H HE3  . LYS A 1 15 ? 8.026   1.901   -3.978  1.00 1.30 ? 15 LYS A HE3  1 
ATOM 241  H HZ1  . LYS A 1 15 ? 8.171   2.971   -6.333  1.00 2.10 ? 15 LYS A HZ1  1 
ATOM 242  H HZ2  . LYS A 1 15 ? 6.839   2.338   -6.612  1.00 2.28 ? 15 LYS A HZ2  1 
ATOM 243  H HZ3  . LYS A 1 15 ? 6.966   3.377   -5.538  1.00 2.28 ? 15 LYS A HZ3  1 
ATOM 244  N N    . LEU A 1 16 ? 5.228   -1.775  -7.548  1.00 0.70 ? 16 LEU A N    1 
ATOM 245  C CA   . LEU A 1 16 ? 4.562   -2.845  -6.825  1.00 0.73 ? 16 LEU A CA   1 
ATOM 246  C C    . LEU A 1 16 ? 4.685   -4.156  -7.589  1.00 0.79 ? 16 LEU A C    1 
ATOM 247  O O    . LEU A 1 16 ? 5.038   -5.183  -7.017  1.00 0.95 ? 16 LEU A O    1 
ATOM 248  C CB   . LEU A 1 16 ? 3.090   -2.497  -6.569  1.00 0.71 ? 16 LEU A CB   1 
ATOM 249  C CG   . LEU A 1 16 ? 2.161   -2.606  -7.779  1.00 0.64 ? 16 LEU A CG   1 
ATOM 250  C CD1  . LEU A 1 16 ? 2.051   -4.045  -8.244  1.00 0.75 ? 16 LEU A CD1  1 
ATOM 251  C CD2  . LEU A 1 16 ? 0.786   -2.051  -7.439  1.00 0.76 ? 16 LEU A CD2  1 
ATOM 252  H H    . LEU A 1 16 ? 4.677   -1.096  -8.033  1.00 0.67 ? 16 LEU A H    1 
ATOM 253  H HA   . LEU A 1 16 ? 5.012   -2.953  -5.938  1.00 0.83 ? 16 LEU A HA   1 
ATOM 254  H HB2  . LEU A 1 16 ? 2.747   -3.116  -5.863  1.00 0.90 ? 16 LEU A HB2  1 
ATOM 255  H HB3  . LEU A 1 16 ? 3.051   -1.555  -6.236  1.00 0.78 ? 16 LEU A HB3  1 
ATOM 256  H HG   . LEU A 1 16 ? 2.526   -2.047  -8.523  1.00 0.68 ? 16 LEU A HG   1 
ATOM 257  H HD11 . LEU A 1 16 ? 1.685   -4.608  -7.503  1.00 1.30 ? 16 LEU A HD11 1 
ATOM 258  H HD12 . LEU A 1 16 ? 1.440   -4.094  -9.034  1.00 1.23 ? 16 LEU A HD12 1 
ATOM 259  H HD13 . LEU A 1 16 ? 2.957   -4.382  -8.502  1.00 1.35 ? 16 LEU A HD13 1 
ATOM 260  H HD21 . LEU A 1 16 ? 0.403   -2.572  -6.676  1.00 1.31 ? 16 LEU A HD21 1 
ATOM 261  H HD22 . LEU A 1 16 ? 0.877   -1.092  -7.174  1.00 1.37 ? 16 LEU A HD22 1 
ATOM 262  H HD23 . LEU A 1 16 ? 0.178   -2.122  -8.230  1.00 1.17 ? 16 LEU A HD23 1 
ATOM 263  N N    . ASP A 1 17 ? 4.414   -4.118  -8.888  1.00 0.79 ? 17 ASP A N    1 
ATOM 264  C CA   . ASP A 1 17 ? 4.526   -5.322  -9.703  1.00 0.90 ? 17 ASP A CA   1 
ATOM 265  C C    . ASP A 1 17 ? 5.119   -5.007  -11.068 1.00 0.98 ? 17 ASP A C    1 
ATOM 266  O O    . ASP A 1 17 ? 4.553   -5.364  -12.101 1.00 1.67 ? 17 ASP A O    1 
ATOM 267  C CB   . ASP A 1 17 ? 3.173   -6.016  -9.867  1.00 0.95 ? 17 ASP A CB   1 
ATOM 268  C CG   . ASP A 1 17 ? 2.632   -6.553  -8.557  1.00 1.78 ? 17 ASP A CG   1 
ATOM 269  O OD1  . ASP A 1 17 ? 3.431   -7.090  -7.760  1.00 2.44 ? 17 ASP A OD1  1 
ATOM 270  O OD2  . ASP A 1 17 ? 1.409   -6.439  -8.327  1.00 2.46 ? 17 ASP A OD2  1 
ATOM 271  H H    . ASP A 1 17 ? 4.130   -3.257  -9.311  1.00 0.81 ? 17 ASP A H    1 
ATOM 272  H HA   . ASP A 1 17 ? 5.174   -5.925  -9.239  1.00 0.98 ? 17 ASP A HA   1 
ATOM 273  H HB2  . ASP A 1 17 ? 2.519   -5.357  -10.240 1.00 1.31 ? 17 ASP A HB2  1 
ATOM 274  H HB3  . ASP A 1 17 ? 3.280   -6.777  -10.507 1.00 1.14 ? 17 ASP A HB3  1 
ATOM 275  N N    . ALA A 1 18 ? 6.273   -4.351  -11.064 1.00 1.10 ? 18 ALA A N    1 
ATOM 276  C CA   . ALA A 1 18 ? 6.950   -4.009  -12.300 1.00 1.25 ? 18 ALA A CA   1 
ATOM 277  C C    . ALA A 1 18 ? 7.494   -5.267  -12.952 1.00 1.27 ? 18 ALA A C    1 
ATOM 278  O O    . ALA A 1 18 ? 7.589   -5.364  -14.175 1.00 1.48 ? 18 ALA A O    1 
ATOM 279  C CB   . ALA A 1 18 ? 8.074   -3.018  -12.040 1.00 1.39 ? 18 ALA A CB   1 
ATOM 280  H H    . ALA A 1 18 ? 6.684   -4.086  -10.191 1.00 1.60 ? 18 ALA A H    1 
ATOM 281  H HA   . ALA A 1 18 ? 6.290   -3.586  -12.922 1.00 1.31 ? 18 ALA A HA   1 
ATOM 282  H HB1  . ALA A 1 18 ? 8.732   -3.425  -11.406 1.00 1.57 ? 18 ALA A HB1  1 
ATOM 283  H HB2  . ALA A 1 18 ? 8.534   -2.790  -12.898 1.00 1.89 ? 18 ALA A HB2  1 
ATOM 284  H HB3  . ALA A 1 18 ? 7.693   -2.187  -11.634 1.00 1.78 ? 18 ALA A HB3  1 
ATOM 285  N N    . ASN A 1 19 ? 7.839   -6.239  -12.114 1.00 1.08 ? 19 ASN A N    1 
ATOM 286  C CA   . ASN A 1 19 ? 8.363   -7.505  -12.587 1.00 1.10 ? 19 ASN A CA   1 
ATOM 287  C C    . ASN A 1 19 ? 7.946   -8.651  -11.671 1.00 1.02 ? 19 ASN A C    1 
ATOM 288  O O    . ASN A 1 19 ? 7.899   -9.807  -12.090 1.00 1.07 ? 19 ASN A O    1 
ATOM 289  C CB   . ASN A 1 19 ? 9.888   -7.449  -12.702 1.00 1.19 ? 19 ASN A CB   1 
ATOM 290  C CG   . ASN A 1 19 ? 10.522  -6.648  -11.580 1.00 1.34 ? 19 ASN A CG   1 
ATOM 291  O OD1  . ASN A 1 19 ? 11.117  -5.596  -11.813 1.00 2.10 ? 19 ASN A OD1  1 
ATOM 292  N ND2  . ASN A 1 19 ? 10.396  -7.144  -10.356 1.00 1.24 ? 19 ASN A ND2  1 
ATOM 293  H H    . ASN A 1 19 ? 7.736   -6.092  -11.130 1.00 0.97 ? 19 ASN A H    1 
ATOM 294  H HA   . ASN A 1 19 ? 7.940   -7.679  -13.476 1.00 1.20 ? 19 ASN A HA   1 
ATOM 295  H HB2  . ASN A 1 19 ? 10.247  -8.382  -12.674 1.00 1.27 ? 19 ASN A HB2  1 
ATOM 296  H HB3  . ASN A 1 19 ? 10.128  -7.025  -13.575 1.00 1.42 ? 19 ASN A HB3  1 
ATOM 297  H HD21 . ASN A 1 19 ? 9.904   -8.003  -10.213 1.00 1.42 ? 19 ASN A HD21 1 
ATOM 298  H HD22 . ASN A 1 19 ? 10.794  -6.660  -9.577  1.00 1.51 ? 19 ASN A HD22 1 
ATOM 299  N N    . GLY A 1 20 ? 7.640   -8.322  -10.420 1.00 0.95 ? 20 GLY A N    1 
ATOM 300  C CA   . GLY A 1 20 ? 7.227   -9.335  -9.466  1.00 0.98 ? 20 GLY A CA   1 
ATOM 301  C C    . GLY A 1 20 ? 7.978   -10.641 -9.636  1.00 1.07 ? 20 GLY A C    1 
ATOM 302  O O    . GLY A 1 20 ? 7.767   -11.363 -10.609 1.00 1.16 ? 20 GLY A O    1 
ATOM 303  H H    . GLY A 1 20 ? 7.696   -7.366  -10.133 1.00 0.94 ? 20 GLY A H    1 
ATOM 304  H HA2  . GLY A 1 20 ? 7.391   -8.989  -8.541  1.00 0.96 ? 20 GLY A HA2  1 
ATOM 305  H HA3  . GLY A 1 20 ? 6.250   -9.509  -9.587  1.00 1.02 ? 20 GLY A HA3  1 
ATOM 306  N N    . ASP A 1 21 ? 8.855   -10.945 -8.686  1.00 1.14 ? 21 ASP A N    1 
ATOM 307  C CA   . ASP A 1 21 ? 9.635   -12.170 -8.732  1.00 1.26 ? 21 ASP A CA   1 
ATOM 308  C C    . ASP A 1 21 ? 9.929   -12.682 -7.328  1.00 1.35 ? 21 ASP A C    1 
ATOM 309  O O    . ASP A 1 21 ? 9.791   -13.873 -7.046  1.00 1.44 ? 21 ASP A O    1 
ATOM 310  C CB   . ASP A 1 21 ? 10.943  -11.939 -9.489  1.00 1.33 ? 21 ASP A CB   1 
ATOM 311  C CG   . ASP A 1 21 ? 11.005  -12.718 -10.788 1.00 1.39 ? 21 ASP A CG   1 
ATOM 312  O OD1  . ASP A 1 21 ? 10.278  -13.727 -10.910 1.00 1.60 ? 21 ASP A OD1  1 
ATOM 313  O OD2  . ASP A 1 21 ? 11.779  -12.321 -11.683 1.00 1.96 ? 21 ASP A OD2  1 
ATOM 314  H H    . ASP A 1 21 ? 8.981   -10.315 -7.920  1.00 1.15 ? 21 ASP A H    1 
ATOM 315  H HA   . ASP A 1 21 ? 9.064   -12.860 -9.177  1.00 1.27 ? 21 ASP A HA   1 
ATOM 316  H HB2  . ASP A 1 21 ? 11.026  -10.964 -9.694  1.00 1.29 ? 21 ASP A HB2  1 
ATOM 317  H HB3  . ASP A 1 21 ? 11.705  -12.223 -8.907  1.00 1.41 ? 21 ASP A HB3  1 
ATOM 318  N N    . GLY A 1 22 ? 10.332  -11.772 -6.452  1.00 1.35 ? 22 GLY A N    1 
ATOM 319  C CA   . GLY A 1 22 ? 10.642  -12.137 -5.085  1.00 1.45 ? 22 GLY A CA   1 
ATOM 320  C C    . GLY A 1 22 ? 10.877  -10.920 -4.220  1.00 1.43 ? 22 GLY A C    1 
ATOM 321  O O    . GLY A 1 22 ? 11.724  -10.934 -3.327  1.00 1.56 ? 22 GLY A O    1 
ATOM 322  H H    . GLY A 1 22 ? 10.425  -10.819 -6.740  1.00 1.29 ? 22 GLY A H    1 
ATOM 323  H HA2  . GLY A 1 22 ? 9.878   -12.660 -4.707  1.00 1.44 ? 22 GLY A HA2  1 
ATOM 324  H HA3  . GLY A 1 22 ? 11.467  -12.703 -5.079  1.00 1.57 ? 22 GLY A HA3  1 
ATOM 325  N N    . TYR A 1 23 ? 10.126  -9.858  -4.493  1.00 1.29 ? 23 TYR A N    1 
ATOM 326  C CA   . TYR A 1 23 ? 10.255  -8.618  -3.741  1.00 1.28 ? 23 TYR A CA   1 
ATOM 327  C C    . TYR A 1 23 ? 8.895   -8.116  -3.268  1.00 1.17 ? 23 TYR A C    1 
ATOM 328  O O    . TYR A 1 23 ? 8.034   -7.760  -4.071  1.00 1.23 ? 23 TYR A O    1 
ATOM 329  C CB   . TYR A 1 23 ? 10.949  -7.550  -4.588  1.00 1.28 ? 23 TYR A CB   1 
ATOM 330  C CG   . TYR A 1 23 ? 10.035  -6.845  -5.565  1.00 1.18 ? 23 TYR A CG   1 
ATOM 331  C CD1  . TYR A 1 23 ? 9.060   -7.543  -6.267  1.00 1.64 ? 23 TYR A CD1  1 
ATOM 332  C CD2  . TYR A 1 23 ? 10.151  -5.479  -5.789  1.00 1.65 ? 23 TYR A CD2  1 
ATOM 333  C CE1  . TYR A 1 23 ? 8.228   -6.899  -7.165  1.00 1.61 ? 23 TYR A CE1  1 
ATOM 334  C CE2  . TYR A 1 23 ? 9.323   -4.828  -6.685  1.00 1.61 ? 23 TYR A CE2  1 
ATOM 335  C CZ   . TYR A 1 23 ? 8.365   -5.543  -7.370  1.00 1.06 ? 23 TYR A CZ   1 
ATOM 336  O OH   . TYR A 1 23 ? 7.539   -4.900  -8.263  1.00 1.04 ? 23 TYR A OH   1 
ATOM 337  H H    . TYR A 1 23 ? 9.456   -9.913  -5.234  1.00 1.21 ? 23 TYR A H    1 
ATOM 338  H HA   . TYR A 1 23 ? 10.811  -8.807  -2.931  1.00 1.37 ? 23 TYR A HA   1 
ATOM 339  H HB2  . TYR A 1 23 ? 11.340  -6.866  -3.972  1.00 1.33 ? 23 TYR A HB2  1 
ATOM 340  H HB3  . TYR A 1 23 ? 11.683  -7.989  -5.106  1.00 1.35 ? 23 TYR A HB3  1 
ATOM 341  H HD1  . TYR A 1 23 ? 8.959   -8.527  -6.122  1.00 2.41 ? 23 TYR A HD1  1 
ATOM 342  H HD2  . TYR A 1 23 ? 10.845  -4.957  -5.293  1.00 2.43 ? 23 TYR A HD2  1 
ATOM 343  H HE1  . TYR A 1 23 ? 7.531   -7.416  -7.664  1.00 2.37 ? 23 TYR A HE1  1 
ATOM 344  H HE2  . TYR A 1 23 ? 9.420   -3.845  -6.835  1.00 2.37 ? 23 TYR A HE2  1 
ATOM 345  H HH   . TYR A 1 23 ? 7.216   -3.973  -8.068  1.00 1.36 ? 23 TYR A HH   1 
ATOM 346  N N    . VAL A 1 24 ? 8.718   -8.098  -1.954  1.00 1.10 ? 24 VAL A N    1 
ATOM 347  C CA   . VAL A 1 24 ? 7.481   -7.650  -1.340  1.00 1.00 ? 24 VAL A CA   1 
ATOM 348  C C    . VAL A 1 24 ? 6.935   -6.413  -2.032  1.00 0.88 ? 24 VAL A C    1 
ATOM 349  O O    . VAL A 1 24 ? 7.576   -5.362  -2.062  1.00 0.90 ? 24 VAL A O    1 
ATOM 350  C CB   . VAL A 1 24 ? 7.685   -7.349  0.151   1.00 1.06 ? 24 VAL A CB   1 
ATOM 351  C CG1  . VAL A 1 24 ? 6.346   -7.244  0.862   1.00 0.97 ? 24 VAL A CG1  1 
ATOM 352  C CG2  . VAL A 1 24 ? 8.560   -8.419  0.784   1.00 1.26 ? 24 VAL A CG2  1 
ATOM 353  H H    . VAL A 1 24 ? 9.465   -8.405  -1.363  1.00 1.18 ? 24 VAL A H    1 
ATOM 354  H HA   . VAL A 1 24 ? 6.807   -8.380  -1.449  1.00 1.01 ? 24 VAL A HA   1 
ATOM 355  H HB   . VAL A 1 24 ? 8.134   -6.458  0.222   1.00 1.07 ? 24 VAL A HB   1 
ATOM 356  H HG11 . VAL A 1 24 ? 5.848   -8.107  0.777   1.00 1.42 ? 24 VAL A HG11 1 
ATOM 357  H HG12 . VAL A 1 24 ? 6.511   -7.048  1.828   1.00 1.34 ? 24 VAL A HG12 1 
ATOM 358  H HG13 . VAL A 1 24 ? 5.804   -6.506  0.460   1.00 1.29 ? 24 VAL A HG13 1 
ATOM 359  H HG21 . VAL A 1 24 ? 9.452   -8.436  0.332   1.00 1.72 ? 24 VAL A HG21 1 
ATOM 360  H HG22 . VAL A 1 24 ? 8.681   -8.205  1.754   1.00 1.75 ? 24 VAL A HG22 1 
ATOM 361  H HG23 . VAL A 1 24 ? 8.122   -9.312  0.691   1.00 1.42 ? 24 VAL A HG23 1 
ATOM 362  N N    . THR A 1 25 ? 5.744   -6.554  -2.589  1.00 0.79 ? 25 THR A N    1 
ATOM 363  C CA   . THR A 1 25 ? 5.086   -5.461  -3.292  1.00 0.69 ? 25 THR A CA   1 
ATOM 364  C C    . THR A 1 25 ? 3.570   -5.583  -3.203  1.00 0.63 ? 25 THR A C    1 
ATOM 365  O O    . THR A 1 25 ? 3.042   -6.383  -2.431  1.00 0.66 ? 25 THR A O    1 
ATOM 366  C CB   . THR A 1 25 ? 5.517   -5.451  -4.755  1.00 0.71 ? 25 THR A CB   1 
ATOM 367  O OG1  . THR A 1 25 ? 4.955   -6.553  -5.445  1.00 0.82 ? 25 THR A OG1  1 
ATOM 368  C CG2  . THR A 1 25 ? 7.016   -5.512  -4.941  1.00 0.82 ? 25 THR A CG2  1 
ATOM 369  H H    . THR A 1 25 ? 5.281   -7.438  -2.525  1.00 0.82 ? 25 THR A H    1 
ATOM 370  H HA   . THR A 1 25 ? 5.354   -4.604  -2.852  1.00 0.70 ? 25 THR A HA   1 
ATOM 371  H HB   . THR A 1 25 ? 5.148   -4.620  -5.171  1.00 0.74 ? 25 THR A HB   1 
ATOM 372  H HG1  . THR A 1 25 ? 5.123   -6.669  -6.424  1.00 1.12 ? 25 THR A HG1  1 
ATOM 373  H HG21 . THR A 1 25 ? 7.368   -6.352  -4.528  1.00 1.27 ? 25 THR A HG21 1 
ATOM 374  H HG22 . THR A 1 25 ? 7.235   -5.502  -5.917  1.00 1.26 ? 25 THR A HG22 1 
ATOM 375  H HG23 . THR A 1 25 ? 7.438   -4.721  -4.496  1.00 1.37 ? 25 THR A HG23 1 
ATOM 376  N N    . ALA A 1 26 ? 2.873   -4.782  -4.005  1.00 0.58 ? 26 ALA A N    1 
ATOM 377  C CA   . ALA A 1 26 ? 1.415   -4.801  -4.024  1.00 0.56 ? 26 ALA A CA   1 
ATOM 378  C C    . ALA A 1 26 ? 0.901   -6.229  -4.135  1.00 0.60 ? 26 ALA A C    1 
ATOM 379  O O    . ALA A 1 26 ? -0.260  -6.514  -3.827  1.00 0.61 ? 26 ALA A O    1 
ATOM 380  C CB   . ALA A 1 26 ? 0.883   -3.955  -5.170  1.00 0.62 ? 26 ALA A CB   1 
ATOM 381  H H    . ALA A 1 26 ? 3.360   -4.152  -4.610  1.00 0.59 ? 26 ALA A H    1 
ATOM 382  H HA   . ALA A 1 26 ? 1.081   -4.410  -3.166  1.00 0.55 ? 26 ALA A HA   1 
ATOM 383  H HB1  . ALA A 1 26 ? 1.197   -3.012  -5.057  1.00 1.15 ? 26 ALA A HB1  1 
ATOM 384  H HB2  . ALA A 1 26 ? 1.226   -4.320  -6.036  1.00 1.19 ? 26 ALA A HB2  1 
ATOM 385  H HB3  . ALA A 1 26 ? -0.117  -3.976  -5.172  1.00 1.21 ? 26 ALA A HB3  1 
ATOM 386  N N    . LEU A 1 27 ? 1.782   -7.129  -4.568  1.00 0.65 ? 27 LEU A N    1 
ATOM 387  C CA   . LEU A 1 27 ? 1.424   -8.531  -4.707  1.00 0.73 ? 27 LEU A CA   1 
ATOM 388  C C    . LEU A 1 27 ? 0.598   -8.965  -3.508  1.00 0.72 ? 27 LEU A C    1 
ATOM 389  O O    . LEU A 1 27 ? -0.164  -9.928  -3.573  1.00 0.79 ? 27 LEU A O    1 
ATOM 390  C CB   . LEU A 1 27 ? 2.681   -9.389  -4.837  1.00 0.80 ? 27 LEU A CB   1 
ATOM 391  C CG   . LEU A 1 27 ? 3.481   -9.560  -3.546  1.00 0.82 ? 27 LEU A CG   1 
ATOM 392  C CD1  . LEU A 1 27 ? 3.464   -11.012 -3.094  1.00 0.92 ? 27 LEU A CD1  1 
ATOM 393  C CD2  . LEU A 1 27 ? 4.908   -9.076  -3.744  1.00 0.87 ? 27 LEU A CD2  1 
ATOM 394  H H    . LEU A 1 27 ? 2.708   -6.835  -4.803  1.00 0.66 ? 27 LEU A H    1 
ATOM 395  H HA   . LEU A 1 27 ? 0.868   -8.638  -5.532  1.00 0.77 ? 27 LEU A HA   1 
ATOM 396  H HB2  . LEU A 1 27 ? 2.407   -10.297 -5.154  1.00 0.87 ? 27 LEU A HB2  1 
ATOM 397  H HB3  . LEU A 1 27 ? 3.278   -8.965  -5.518  1.00 0.79 ? 27 LEU A HB3  1 
ATOM 398  H HG   . LEU A 1 27 ? 3.077   -8.989  -2.832  1.00 0.76 ? 27 LEU A HG   1 
ATOM 399  H HD11 . LEU A 1 27 ? 3.868   -11.587 -3.805  1.00 1.26 ? 27 LEU A HD11 1 
ATOM 400  H HD12 . LEU A 1 27 ? 3.992   -11.104 -2.249  1.00 1.37 ? 27 LEU A HD12 1 
ATOM 401  H HD13 . LEU A 1 27 ? 2.520   -11.299 -2.930  1.00 1.34 ? 27 LEU A HD13 1 
ATOM 402  H HD21 . LEU A 1 27 ? 4.892   -8.110  -4.001  1.00 1.41 ? 27 LEU A HD21 1 
ATOM 403  H HD22 . LEU A 1 27 ? 5.432   -9.189  -2.900  1.00 1.19 ? 27 LEU A HD22 1 
ATOM 404  H HD23 . LEU A 1 27 ? 5.335   -9.609  -4.474  1.00 1.31 ? 27 LEU A HD23 1 
ATOM 405  N N    . GLU A 1 28 ? 0.743   -8.214  -2.422  1.00 0.66 ? 28 GLU A N    1 
ATOM 406  C CA   . GLU A 1 28 ? 0.004   -8.459  -1.202  1.00 0.66 ? 28 GLU A CA   1 
ATOM 407  C C    . GLU A 1 28 ? -1.071  -7.393  -1.070  1.00 0.60 ? 28 GLU A C    1 
ATOM 408  O O    . GLU A 1 28 ? -2.138  -7.613  -0.481  1.00 0.62 ? 28 GLU A O    1 
ATOM 409  C CB   . GLU A 1 28 ? 0.935   -8.438  0.009   1.00 0.69 ? 28 GLU A CB   1 
ATOM 410  C CG   . GLU A 1 28 ? 2.160   -7.559  -0.183  1.00 0.74 ? 28 GLU A CG   1 
ATOM 411  C CD   . GLU A 1 28 ? 2.906   -7.309  1.112   1.00 1.81 ? 28 GLU A CD   1 
ATOM 412  O OE1  . GLU A 1 28 ? 2.493   -7.863  2.152   1.00 2.61 ? 28 GLU A OE1  1 
ATOM 413  O OE2  . GLU A 1 28 ? 3.905   -6.560  1.085   1.00 2.52 ? 28 GLU A OE2  1 
ATOM 414  H H    . GLU A 1 28 ? 1.388   -7.450  -2.447  1.00 0.63 ? 28 GLU A H    1 
ATOM 415  H HA   . GLU A 1 28 ? -0.420  -9.365  -1.235  1.00 0.72 ? 28 GLU A HA   1 
ATOM 416  H HB2  . GLU A 1 28 ? 0.422   -8.097  0.797   1.00 0.68 ? 28 GLU A HB2  1 
ATOM 417  H HB3  . GLU A 1 28 ? 1.241   -9.373  0.190   1.00 0.84 ? 28 GLU A HB3  1 
ATOM 418  H HG2  . GLU A 1 28 ? 2.779   -8.008  -0.827  1.00 1.14 ? 28 GLU A HG2  1 
ATOM 419  H HG3  . GLU A 1 28 ? 1.869   -6.680  -0.558  1.00 1.07 ? 28 GLU A HG3  1 
ATOM 420  N N    . LEU A 1 29 ? -0.782  -6.237  -1.661  1.00 0.54 ? 29 LEU A N    1 
ATOM 421  C CA   . LEU A 1 29 ? -1.720  -5.128  -1.655  1.00 0.50 ? 29 LEU A CA   1 
ATOM 422  C C    . LEU A 1 29 ? -3.042  -5.615  -2.208  1.00 0.55 ? 29 LEU A C    1 
ATOM 423  O O    . LEU A 1 29 ? -4.115  -5.198  -1.769  1.00 0.56 ? 29 LEU A O    1 
ATOM 424  C CB   . LEU A 1 29 ? -1.186  -3.962  -2.491  1.00 0.49 ? 29 LEU A CB   1 
ATOM 425  C CG   . LEU A 1 29 ? -2.212  -2.873  -2.812  1.00 0.57 ? 29 LEU A CG   1 
ATOM 426  C CD1  . LEU A 1 29 ? -2.371  -1.926  -1.633  1.00 0.82 ? 29 LEU A CD1  1 
ATOM 427  C CD2  . LEU A 1 29 ? -1.802  -2.107  -4.061  1.00 0.60 ? 29 LEU A CD2  1 
ATOM 428  H H    . LEU A 1 29 ? 0.100   -6.128  -2.118  1.00 0.54 ? 29 LEU A H    1 
ATOM 429  H HA   . LEU A 1 29 ? -1.856  -4.826  -0.712  1.00 0.49 ? 29 LEU A HA   1 
ATOM 430  H HB2  . LEU A 1 29 ? -0.432  -3.540  -1.989  1.00 0.60 ? 29 LEU A HB2  1 
ATOM 431  H HB3  . LEU A 1 29 ? -0.845  -4.331  -3.357  1.00 0.61 ? 29 LEU A HB3  1 
ATOM 432  H HG   . LEU A 1 29 ? -3.093  -3.301  -3.011  1.00 0.75 ? 29 LEU A HG   1 
ATOM 433  H HD11 . LEU A 1 29 ? -1.492  -1.494  -1.430  1.00 1.32 ? 29 LEU A HD11 1 
ATOM 434  H HD12 . LEU A 1 29 ? -3.044  -1.222  -1.861  1.00 1.37 ? 29 LEU A HD12 1 
ATOM 435  H HD13 . LEU A 1 29 ? -2.682  -2.438  -0.833  1.00 1.39 ? 29 LEU A HD13 1 
ATOM 436  H HD21 . LEU A 1 29 ? -0.907  -1.688  -3.907  1.00 1.20 ? 29 LEU A HD21 1 
ATOM 437  H HD22 . LEU A 1 29 ? -1.743  -2.744  -4.830  1.00 1.11 ? 29 LEU A HD22 1 
ATOM 438  H HD23 . LEU A 1 29 ? -2.473  -1.396  -4.270  1.00 1.23 ? 29 LEU A HD23 1 
ATOM 439  N N    . GLN A 1 30 ? -2.945  -6.534  -3.158  1.00 0.63 ? 30 GLN A N    1 
ATOM 440  C CA   . GLN A 1 30 ? -4.124  -7.129  -3.764  1.00 0.72 ? 30 GLN A CA   1 
ATOM 441  C C    . GLN A 1 30 ? -4.905  -7.870  -2.693  1.00 0.74 ? 30 GLN A C    1 
ATOM 442  O O    . GLN A 1 30 ? -6.133  -7.787  -2.619  1.00 0.78 ? 30 GLN A O    1 
ATOM 443  C CB   . GLN A 1 30 ? -3.730  -8.085  -4.891  1.00 0.82 ? 30 GLN A CB   1 
ATOM 444  C CG   . GLN A 1 30 ? -4.124  -9.531  -4.630  1.00 1.05 ? 30 GLN A CG   1 
ATOM 445  C CD   . GLN A 1 30 ? -3.210  -10.218 -3.633  1.00 0.90 ? 30 GLN A CD   1 
ATOM 446  O OE1  . GLN A 1 30 ? -3.410  -11.385 -3.294  1.00 1.09 ? 30 GLN A OE1  1 
ATOM 447  N NE2  . GLN A 1 30 ? -2.202  -9.496  -3.160  1.00 0.78 ? 30 GLN A NE2  1 
ATOM 448  H H    . GLN A 1 30 ? -2.039  -6.825  -3.466  1.00 0.65 ? 30 GLN A H    1 
ATOM 449  H HA   . GLN A 1 30 ? -4.701  -6.390  -4.112  1.00 0.73 ? 30 GLN A HA   1 
ATOM 450  H HB2  . GLN A 1 30 ? -4.178  -7.784  -5.733  1.00 0.95 ? 30 GLN A HB2  1 
ATOM 451  H HB3  . GLN A 1 30 ? -2.738  -8.045  -5.009  1.00 1.11 ? 30 GLN A HB3  1 
ATOM 452  H HG2  . GLN A 1 30 ? -5.058  -9.548  -4.271  1.00 1.48 ? 30 GLN A HG2  1 
ATOM 453  H HG3  . GLN A 1 30 ? -4.090  -10.032 -5.493  1.00 1.48 ? 30 GLN A HG3  1 
ATOM 454  H HE21 . GLN A 1 30 ? -2.077  -8.552  -3.463  1.00 0.86 ? 30 GLN A HE21 1 
ATOM 455  H HE22 . GLN A 1 30 ? -1.567  -9.897  -2.499  1.00 0.76 ? 30 GLN A HE22 1 
ATOM 456  N N    . THR A 1 31 ? -4.164  -8.558  -1.837  1.00 0.73 ? 31 THR A N    1 
ATOM 457  C CA   . THR A 1 31 ? -4.752  -9.284  -0.732  1.00 0.78 ? 31 THR A CA   1 
ATOM 458  C C    . THR A 1 31 ? -5.302  -8.279  0.252   1.00 0.74 ? 31 THR A C    1 
ATOM 459  O O    . THR A 1 31 ? -6.386  -8.449  0.816   1.00 0.80 ? 31 THR A O    1 
ATOM 460  C CB   . THR A 1 31 ? -3.714  -10.183 -0.057  1.00 0.82 ? 31 THR A CB   1 
ATOM 461  O OG1  . THR A 1 31 ? -4.301  -11.402 0.360   1.00 1.47 ? 31 THR A OG1  1 
ATOM 462  C CG2  . THR A 1 31 ? -3.069  -9.545  1.154   1.00 1.29 ? 31 THR A CG2  1 
ATOM 463  H H    . THR A 1 31 ? -3.172  -8.575  -1.958  1.00 0.71 ? 31 THR A H    1 
ATOM 464  H HA   . THR A 1 31 ? -5.506  -9.842  -1.078  1.00 0.85 ? 31 THR A HA   1 
ATOM 465  H HB   . THR A 1 31 ? -3.020  -10.407 -0.743  1.00 1.32 ? 31 THR A HB   1 
ATOM 466  H HG1  . THR A 1 31 ? -3.746  -12.091 0.825   1.00 1.85 ? 31 THR A HG1  1 
ATOM 467  H HG21 . THR A 1 31 ? -2.606  -8.703  0.880   1.00 1.80 ? 31 THR A HG21 1 
ATOM 468  H HG22 . THR A 1 31 ? -3.772  -9.334  1.833   1.00 1.91 ? 31 THR A HG22 1 
ATOM 469  H HG23 . THR A 1 31 ? -2.402  -10.177 1.551   1.00 1.76 ? 31 THR A HG23 1 
ATOM 470  N N    . PHE A 1 32 ? -4.553  -7.201  0.416   1.00 0.66 ? 32 PHE A N    1 
ATOM 471  C CA   . PHE A 1 32 ? -4.965  -6.124  1.295   1.00 0.64 ? 32 PHE A CA   1 
ATOM 472  C C    . PHE A 1 32 ? -6.237  -5.501  0.749   1.00 0.68 ? 32 PHE A C    1 
ATOM 473  O O    . PHE A 1 32 ? -7.209  -5.276  1.477   1.00 0.74 ? 32 PHE A O    1 
ATOM 474  C CB   . PHE A 1 32 ? -3.866  -5.070  1.404   1.00 0.58 ? 32 PHE A CB   1 
ATOM 475  C CG   . PHE A 1 32 ? -4.197  -3.950  2.348   1.00 0.56 ? 32 PHE A CG   1 
ATOM 476  C CD1  . PHE A 1 32 ? -4.318  -4.184  3.708   1.00 1.19 ? 32 PHE A CD1  1 
ATOM 477  C CD2  . PHE A 1 32 ? -4.387  -2.662  1.874   1.00 1.31 ? 32 PHE A CD2  1 
ATOM 478  C CE1  . PHE A 1 32 ? -4.622  -3.154  4.578   1.00 1.20 ? 32 PHE A CE1  1 
ATOM 479  C CE2  . PHE A 1 32 ? -4.692  -1.627  2.739   1.00 1.42 ? 32 PHE A CE2  1 
ATOM 480  C CZ   . PHE A 1 32 ? -4.809  -1.875  4.093   1.00 0.79 ? 32 PHE A CZ   1 
ATOM 481  H H    . PHE A 1 32 ? -3.685  -7.128  -0.076  1.00 0.63 ? 32 PHE A H    1 
ATOM 482  H HA   . PHE A 1 32 ? -5.198  -6.538  2.176   1.00 0.68 ? 32 PHE A HA   1 
ATOM 483  H HB2  . PHE A 1 32 ? -3.031  -5.517  1.724   1.00 0.65 ? 32 PHE A HB2  1 
ATOM 484  H HB3  . PHE A 1 32 ? -3.708  -4.683  0.496   1.00 0.61 ? 32 PHE A HB3  1 
ATOM 485  H HD1  . PHE A 1 32 ? -4.185  -5.108  4.066   1.00 2.01 ? 32 PHE A HD1  1 
ATOM 486  H HD2  . PHE A 1 32 ? -4.303  -2.478  0.894   1.00 2.10 ? 32 PHE A HD2  1 
ATOM 487  H HE1  . PHE A 1 32 ? -4.705  -3.337  5.558   1.00 1.98 ? 32 PHE A HE1  1 
ATOM 488  H HE2  . PHE A 1 32 ? -4.827  -0.702  2.383   1.00 2.26 ? 32 PHE A HE2  1 
ATOM 489  H HZ   . PHE A 1 32 ? -5.029  -1.129  4.722   1.00 0.94 ? 32 PHE A HZ   1 
ATOM 490  N N    . MET A 1 33 ? -6.220  -5.248  -0.551  1.00 0.70 ? 33 MET A N    1 
ATOM 491  C CA   . MET A 1 33 ? -7.362  -4.672  -1.239  1.00 0.76 ? 33 MET A CA   1 
ATOM 492  C C    . MET A 1 33 ? -8.512  -5.662  -1.256  1.00 0.85 ? 33 MET A C    1 
ATOM 493  O O    . MET A 1 33 ? -9.677  -5.283  -1.143  1.00 0.93 ? 33 MET A O    1 
ATOM 494  C CB   . MET A 1 33 ? -6.986  -4.271  -2.667  1.00 0.80 ? 33 MET A CB   1 
ATOM 495  C CG   . MET A 1 33 ? -6.298  -2.920  -2.759  1.00 1.06 ? 33 MET A CG   1 
ATOM 496  S SD   . MET A 1 33 ? -6.844  -1.956  -4.183  1.00 1.68 ? 33 MET A SD   1 
ATOM 497  C CE   . MET A 1 33 ? -7.438  -3.255  -5.263  1.00 2.39 ? 33 MET A CE   1 
ATOM 498  H H    . MET A 1 33 ? -5.395  -5.460  -1.075  1.00 0.69 ? 33 MET A H    1 
ATOM 499  H HA   . MET A 1 33 ? -7.657  -3.865  -0.727  1.00 0.76 ? 33 MET A HA   1 
ATOM 500  H HB2  . MET A 1 33 ? -6.370  -4.966  -3.039  1.00 0.97 ? 33 MET A HB2  1 
ATOM 501  H HB3  . MET A 1 33 ? -7.821  -4.238  -3.216  1.00 1.24 ? 33 MET A HB3  1 
ATOM 502  H HG2  . MET A 1 33 ? -6.497  -2.407  -1.924  1.00 1.49 ? 33 MET A HG2  1 
ATOM 503  H HG3  . MET A 1 33 ? -5.312  -3.073  -2.828  1.00 1.45 ? 33 MET A HG3  1 
ATOM 504  H HE1  . MET A 1 33 ? -8.175  -3.752  -4.804  1.00 2.82 ? 33 MET A HE1  1 
ATOM 505  H HE2  . MET A 1 33 ? -7.782  -2.862  -6.116  1.00 2.73 ? 33 MET A HE2  1 
ATOM 506  H HE3  . MET A 1 33 ? -6.687  -3.883  -5.465  1.00 2.92 ? 33 MET A HE3  1 
ATOM 507  N N    . VAL A 1 34 ? -8.172  -6.938  -1.375  1.00 0.85 ? 34 VAL A N    1 
ATOM 508  C CA   . VAL A 1 34 ? -9.179  -7.990  -1.378  1.00 0.96 ? 34 VAL A CA   1 
ATOM 509  C C    . VAL A 1 34 ? -9.644  -8.262  0.042   1.00 0.98 ? 34 VAL A C    1 
ATOM 510  O O    . VAL A 1 34 ? -10.813 -8.562  0.284   1.00 1.06 ? 34 VAL A O    1 
ATOM 511  C CB   . VAL A 1 34 ? -8.662  -9.298  -2.008  1.00 1.01 ? 34 VAL A CB   1 
ATOM 512  C CG1  . VAL A 1 34 ? -7.987  -9.020  -3.343  1.00 1.04 ? 34 VAL A CG1  1 
ATOM 513  C CG2  . VAL A 1 34 ? -7.716  -10.012 -1.058  1.00 1.04 ? 34 VAL A CG2  1 
ATOM 514  H H    . VAL A 1 34 ? -7.206  -7.182  -1.465  1.00 0.80 ? 34 VAL A H    1 
ATOM 515  H HA   . VAL A 1 34 ? -9.965  -7.664  -1.903  1.00 1.02 ? 34 VAL A HA   1 
ATOM 516  H HB   . VAL A 1 34 ? -9.453  -9.882  -2.186  1.00 1.07 ? 34 VAL A HB   1 
ATOM 517  H HG11 . VAL A 1 34 ? -8.641  -8.600  -3.973  1.00 1.53 ? 34 VAL A HG11 1 
ATOM 518  H HG12 . VAL A 1 34 ? -7.210  -8.403  -3.209  1.00 1.56 ? 34 VAL A HG12 1 
ATOM 519  H HG13 . VAL A 1 34 ? -7.663  -9.885  -3.724  1.00 1.28 ? 34 VAL A HG13 1 
ATOM 520  H HG21 . VAL A 1 34 ? -6.934  -9.422  -0.856  1.00 1.47 ? 34 VAL A HG21 1 
ATOM 521  H HG22 . VAL A 1 34 ? -8.196  -10.233 -0.209  1.00 1.34 ? 34 VAL A HG22 1 
ATOM 522  H HG23 . VAL A 1 34 ? -7.394  -10.855 -1.489  1.00 1.53 ? 34 VAL A HG23 1 
ATOM 523  N N    . THR A 1 35 ? -8.716  -8.128  0.981   1.00 0.91 ? 35 THR A N    1 
ATOM 524  C CA   . THR A 1 35 ? -9.019  -8.329  2.388   1.00 0.96 ? 35 THR A CA   1 
ATOM 525  C C    . THR A 1 35 ? -9.735  -7.103  2.941   1.00 0.92 ? 35 THR A C    1 
ATOM 526  O O    . THR A 1 35 ? -10.489 -7.191  3.910   1.00 0.99 ? 35 THR A O    1 
ATOM 527  C CB   . THR A 1 35 ? -7.739  -8.595  3.183   1.00 0.93 ? 35 THR A CB   1 
ATOM 528  O OG1  . THR A 1 35 ? -7.970  -9.554  4.198   1.00 1.43 ? 35 THR A OG1  1 
ATOM 529  C CG2  . THR A 1 35 ? -7.178  -7.354  3.845   1.00 1.46 ? 35 THR A CG2  1 
ATOM 530  H H    . THR A 1 35 ? -7.783  -7.882  0.713   1.00 0.85 ? 35 THR A H    1 
ATOM 531  H HA   . THR A 1 35 ? -9.632  -9.115  2.470   1.00 1.07 ? 35 THR A HA   1 
ATOM 532  H HB   . THR A 1 35 ? -7.069  -8.986  2.552   1.00 1.21 ? 35 THR A HB   1 
ATOM 533  H HG1  . THR A 1 35 ? -7.213  -9.871  4.769   1.00 1.71 ? 35 THR A HG1  1 
ATOM 534  H HG21 . THR A 1 35 ? -7.854  -6.979  4.478   1.00 2.03 ? 35 THR A HG21 1 
ATOM 535  H HG22 . THR A 1 35 ? -6.346  -7.590  4.347   1.00 1.88 ? 35 THR A HG22 1 
ATOM 536  H HG23 . THR A 1 35 ? -6.962  -6.673  3.146   1.00 1.94 ? 35 THR A HG23 1 
ATOM 537  N N    . LEU A 1 36 ? -9.494  -5.961  2.304   1.00 0.83 ? 36 LEU A N    1 
ATOM 538  C CA   . LEU A 1 36 ? -10.113 -4.707  2.705   1.00 0.83 ? 36 LEU A CA   1 
ATOM 539  C C    . LEU A 1 36 ? -10.058 -3.697  1.566   1.00 0.80 ? 36 LEU A C    1 
ATOM 540  O O    . LEU A 1 36 ? -9.435  -2.641  1.686   1.00 0.74 ? 36 LEU A O    1 
ATOM 541  C CB   . LEU A 1 36 ? -9.424  -4.140  3.944   1.00 0.77 ? 36 LEU A CB   1 
ATOM 542  C CG   . LEU A 1 36 ? -7.896  -4.191  3.916   1.00 0.65 ? 36 LEU A CG   1 
ATOM 543  C CD1  . LEU A 1 36 ? -7.345  -3.151  2.952   1.00 0.57 ? 36 LEU A CD1  1 
ATOM 544  C CD2  . LEU A 1 36 ? -7.332  -3.976  5.313   1.00 0.73 ? 36 LEU A CD2  1 
ATOM 545  H H    . LEU A 1 36 ? -8.868  -5.964  1.524   1.00 0.79 ? 36 LEU A H    1 
ATOM 546  H HA   . LEU A 1 36 ? -11.073 -4.885  2.921   1.00 0.94 ? 36 LEU A HA   1 
ATOM 547  H HB2  . LEU A 1 36 ? -9.699  -3.184  4.043   1.00 0.77 ? 36 LEU A HB2  1 
ATOM 548  H HB3  . LEU A 1 36 ? -9.736  -4.661  4.739   1.00 0.87 ? 36 LEU A HB3  1 
ATOM 549  H HG   . LEU A 1 36 ? -7.603  -5.101  3.621   1.00 0.69 ? 36 LEU A HG   1 
ATOM 550  H HD11 . LEU A 1 36 ? -7.692  -3.332  2.032   1.00 1.26 ? 36 LEU A HD11 1 
ATOM 551  H HD12 . LEU A 1 36 ? -7.634  -2.240  3.244   1.00 1.13 ? 36 LEU A HD12 1 
ATOM 552  H HD13 . LEU A 1 36 ? -6.347  -3.199  2.947   1.00 1.09 ? 36 LEU A HD13 1 
ATOM 553  H HD21 . LEU A 1 36 ? -7.629  -3.083  5.651   1.00 1.39 ? 36 LEU A HD21 1 
ATOM 554  H HD22 . LEU A 1 36 ? -7.677  -4.693  5.918   1.00 1.26 ? 36 LEU A HD22 1 
ATOM 555  H HD23 . LEU A 1 36 ? -6.332  -4.010  5.293   1.00 1.07 ? 36 LEU A HD23 1 
ATOM 556  N N    . ASP A 1 37 ? -10.709 -4.034  0.460   1.00 0.90 ? 37 ASP A N    1 
ATOM 557  C CA   . ASP A 1 37 ? -10.736 -3.166  -0.713  1.00 0.95 ? 37 ASP A CA   1 
ATOM 558  C C    . ASP A 1 37 ? -11.145 -1.749  -0.336  1.00 1.00 ? 37 ASP A C    1 
ATOM 559  O O    . ASP A 1 37 ? -10.849 -0.793  -1.053  1.00 1.06 ? 37 ASP A O    1 
ATOM 560  C CB   . ASP A 1 37 ? -11.695 -3.723  -1.768  1.00 1.09 ? 37 ASP A CB   1 
ATOM 561  C CG   . ASP A 1 37 ? -12.030 -5.183  -1.537  1.00 1.97 ? 37 ASP A CG   1 
ATOM 562  O OD1  . ASP A 1 37 ? -12.229 -5.568  -0.366  1.00 2.64 ? 37 ASP A OD1  1 
ATOM 563  O OD2  . ASP A 1 37 ? -12.092 -5.941  -2.527  1.00 2.71 ? 37 ASP A OD2  1 
ATOM 564  H H    . ASP A 1 37 ? -11.194 -4.908  0.429   1.00 0.97 ? 37 ASP A H    1 
ATOM 565  H HA   . ASP A 1 37 ? -9.799  -3.114  -1.056  1.00 0.88 ? 37 ASP A HA   1 
ATOM 566  H HB2  . ASP A 1 37 ? -12.541 -3.190  -1.743  1.00 1.43 ? 37 ASP A HB2  1 
ATOM 567  H HB3  . ASP A 1 37 ? -11.269 -3.629  -2.668  1.00 1.46 ? 37 ASP A HB3  1 
ATOM 568  N N    . ALA A 1 38 ? -11.827 -1.621  0.794   1.00 1.01 ? 38 ALA A N    1 
ATOM 569  C CA   . ALA A 1 38 ? -12.277 -0.320  1.269   1.00 1.09 ? 38 ALA A CA   1 
ATOM 570  C C    . ALA A 1 38 ? -11.701 -0.015  2.646   1.00 0.99 ? 38 ALA A C    1 
ATOM 571  O O    . ALA A 1 38 ? -12.302 0.714   3.435   1.00 1.07 ? 38 ALA A O    1 
ATOM 572  C CB   . ALA A 1 38 ? -13.797 -0.267  1.307   1.00 1.33 ? 38 ALA A CB   1 
ATOM 573  H H    . ALA A 1 38 ? -12.036 -2.437  1.332   1.00 1.00 ? 38 ALA A H    1 
ATOM 574  H HA   . ALA A 1 38 ? -11.955 0.380   0.630   1.00 1.10 ? 38 ALA A HA   1 
ATOM 575  H HB1  . ALA A 1 38 ? -14.138 -0.978  1.922   1.00 1.81 ? 38 ALA A HB1  1 
ATOM 576  H HB2  . ALA A 1 38 ? -14.097 0.629   1.634   1.00 1.63 ? 38 ALA A HB2  1 
ATOM 577  H HB3  . ALA A 1 38 ? -14.156 -0.423  0.386   1.00 1.70 ? 38 ALA A HB3  1 
ATOM 578  N N    . TYR A 1 39 ? -10.532 -0.579  2.929   1.00 0.84 ? 39 TYR A N    1 
ATOM 579  C CA   . TYR A 1 39 ? -9.876  -0.369  4.213   1.00 0.81 ? 39 TYR A CA   1 
ATOM 580  C C    . TYR A 1 39 ? -10.870 -0.531  5.356   1.00 0.98 ? 39 TYR A C    1 
ATOM 581  O O    . TYR A 1 39 ? -10.628 -0.077  6.474   1.00 1.04 ? 39 TYR A O    1 
ATOM 582  C CB   . TYR A 1 39 ? -9.242  1.023   4.263   1.00 0.80 ? 39 TYR A CB   1 
ATOM 583  C CG   . TYR A 1 39 ? -9.118  1.678   2.906   1.00 0.96 ? 39 TYR A CG   1 
ATOM 584  C CD1  . TYR A 1 39 ? -10.148 2.457   2.391   1.00 1.38 ? 39 TYR A CD1  1 
ATOM 585  C CD2  . TYR A 1 39 ? -7.970  1.520   2.140   1.00 1.71 ? 39 TYR A CD2  1 
ATOM 586  C CE1  . TYR A 1 39 ? -10.038 3.056   1.151   1.00 1.61 ? 39 TYR A CE1  1 
ATOM 587  C CE2  . TYR A 1 39 ? -7.853  2.116   0.898   1.00 2.04 ? 39 TYR A CE2  1 
ATOM 588  C CZ   . TYR A 1 39 ? -8.890  2.883   0.410   1.00 1.68 ? 39 TYR A CZ   1 
ATOM 589  O OH   . TYR A 1 39 ? -8.776  3.478   -0.826  1.00 2.10 ? 39 TYR A OH   1 
ATOM 590  H H    . TYR A 1 39 ? -10.092 -1.162  2.246   1.00 0.80 ? 39 TYR A H    1 
ATOM 591  H HA   . TYR A 1 39 ? -9.169  -1.068  4.317   1.00 0.75 ? 39 TYR A HA   1 
ATOM 592  H HB2  . TYR A 1 39 ? -9.807  1.607   4.846   1.00 0.94 ? 39 TYR A HB2  1 
ATOM 593  H HB3  . TYR A 1 39 ? -8.328  0.941   4.659   1.00 0.85 ? 39 TYR A HB3  1 
ATOM 594  H HD1  . TYR A 1 39 ? -10.982 2.585   2.927   1.00 2.00 ? 39 TYR A HD1  1 
ATOM 595  H HD2  . TYR A 1 39 ? -7.217  0.964   2.492   1.00 2.34 ? 39 TYR A HD2  1 
ATOM 596  H HE1  . TYR A 1 39 ? -10.788 3.613   0.794   1.00 2.21 ? 39 TYR A HE1  1 
ATOM 597  H HE2  . TYR A 1 39 ? -7.021  1.993   0.358   1.00 2.83 ? 39 TYR A HE2  1 
ATOM 598  H HH   . TYR A 1 39 ? -9.499  3.359   -1.507  1.00 2.02 ? 39 TYR A HH   1 
ATOM 599  N N    . LYS A 1 40 ? -11.993 -1.180  5.067   1.00 1.17 ? 40 LYS A N    1 
ATOM 600  C CA   . LYS A 1 40 ? -13.028 -1.401  6.067   1.00 1.42 ? 40 LYS A CA   1 
ATOM 601  C C    . LYS A 1 40 ? -12.545 -2.353  7.157   1.00 1.51 ? 40 LYS A C    1 
ATOM 602  O O    . LYS A 1 40 ? -13.277 -3.248  7.579   1.00 1.88 ? 40 LYS A O    1 
ATOM 603  C CB   . LYS A 1 40 ? -14.289 -1.962  5.408   1.00 1.75 ? 40 LYS A CB   1 
ATOM 604  C CG   . LYS A 1 40 ? -15.577 -1.352  5.937   1.00 2.28 ? 40 LYS A CG   1 
ATOM 605  C CD   . LYS A 1 40 ? -15.846 0.010   5.316   1.00 2.70 ? 40 LYS A CD   1 
ATOM 606  C CE   . LYS A 1 40 ? -15.250 0.114   3.921   1.00 2.81 ? 40 LYS A CE   1 
ATOM 607  N NZ   . LYS A 1 40 ? -15.856 -0.870  2.983   1.00 3.81 ? 40 LYS A NZ   1 
ATOM 608  H H    . LYS A 1 40 ? -12.130 -1.526  4.139   1.00 1.18 ? 40 LYS A H    1 
ATOM 609  H HA   . LYS A 1 40 ? -13.253 -0.523  6.490   1.00 1.59 ? 40 LYS A HA   1 
ATOM 610  H HB2  . LYS A 1 40 ? -14.237 -1.786  4.425   1.00 2.05 ? 40 LYS A HB2  1 
ATOM 611  H HB3  . LYS A 1 40 ? -14.317 -2.948  5.569   1.00 2.09 ? 40 LYS A HB3  1 
ATOM 612  H HG2  . LYS A 1 40 ? -16.339 -1.963  5.723   1.00 2.79 ? 40 LYS A HG2  1 
ATOM 613  H HG3  . LYS A 1 40 ? -15.503 -1.247  6.930   1.00 2.55 ? 40 LYS A HG3  1 
ATOM 614  H HD2  . LYS A 1 40 ? -16.833 0.151   5.258   1.00 3.32 ? 40 LYS A HD2  1 
ATOM 615  H HD3  . LYS A 1 40 ? -15.441 0.718   5.895   1.00 2.86 ? 40 LYS A HD3  1 
ATOM 616  H HE2  . LYS A 1 40 ? -15.410 1.037   3.570   1.00 2.69 ? 40 LYS A HE2  1 
ATOM 617  H HE3  . LYS A 1 40 ? -14.266 -0.056  3.976   1.00 2.73 ? 40 LYS A HE3  1 
ATOM 618  H HZ1  . LYS A 1 40 ? -15.816 -1.848  3.189   1.00 4.24 ? 40 LYS A HZ1  1 
ATOM 619  H HZ2  . LYS A 1 40 ? -16.833 -0.825  2.774   1.00 4.21 ? 40 LYS A HZ2  1 
ATOM 620  H HZ3  . LYS A 1 40 ? -15.529 -0.928  2.039   1.00 4.09 ? 40 LYS A HZ3  1 
ATOM 621  N N    . ALA A 1 41 ? -11.310 -2.156  7.611   1.00 1.58 ? 41 ALA A N    1 
ATOM 622  C CA   . ALA A 1 41 ? -10.740 -3.003  8.652   1.00 1.99 ? 41 ALA A CA   1 
ATOM 623  C C    . ALA A 1 41 ? -9.540  -2.339  9.325   1.00 1.75 ? 41 ALA A C    1 
ATOM 624  O O    . ALA A 1 41 ? -8.752  -3.004  9.996   1.00 2.21 ? 41 ALA A O    1 
ATOM 625  C CB   . ALA A 1 41 ? -10.339 -4.351  8.071   1.00 2.54 ? 41 ALA A CB   1 
ATOM 626  H H    . ALA A 1 41 ? -10.762 -1.412  7.230   1.00 1.61 ? 41 ALA A H    1 
ATOM 627  H HA   . ALA A 1 41 ? -11.442 -3.159  9.348   1.00 2.33 ? 41 ALA A HA   1 
ATOM 628  H HB1  . ALA A 1 41 ? -9.660  -4.212  7.350   1.00 2.96 ? 41 ALA A HB1  1 
ATOM 629  H HB2  . ALA A 1 41 ? -9.949  -4.926  8.791   1.00 2.68 ? 41 ALA A HB2  1 
ATOM 630  H HB3  . ALA A 1 41 ? -11.146 -4.799  7.686   1.00 2.96 ? 41 ALA A HB3  1 
ATOM 631  N N    . LEU A 1 42 ? -9.405  -1.028  9.145   1.00 1.28 ? 42 LEU A N    1 
ATOM 632  C CA   . LEU A 1 42 ? -8.301  -0.292  9.742   1.00 1.28 ? 42 LEU A CA   1 
ATOM 633  C C    . LEU A 1 42 ? -8.678  0.238   11.124  1.00 1.44 ? 42 LEU A C    1 
ATOM 634  O O    . LEU A 1 42 ? -9.015  -0.533  12.023  1.00 2.31 ? 42 LEU A O    1 
ATOM 635  C CB   . LEU A 1 42 ? -7.860  0.859   8.830   1.00 1.52 ? 42 LEU A CB   1 
ATOM 636  C CG   . LEU A 1 42 ? -8.939  1.892   8.485   1.00 1.84 ? 42 LEU A CG   1 
ATOM 637  C CD1  . LEU A 1 42 ? -9.311  1.801   7.013   1.00 1.69 ? 42 LEU A CD1  1 
ATOM 638  C CD2  . LEU A 1 42 ? -10.172 1.709   9.359   1.00 2.65 ? 42 LEU A CD2  1 
ATOM 639  H H    . LEU A 1 42 ? -10.076 -0.538  8.589   1.00 1.23 ? 42 LEU A H    1 
ATOM 640  H HA   . LEU A 1 42 ? -7.528  -0.918  9.849   1.00 1.90 ? 42 LEU A HA   1 
ATOM 641  H HB2  . LEU A 1 42 ? -7.110  1.340   9.285   1.00 2.08 ? 42 LEU A HB2  1 
ATOM 642  H HB3  . LEU A 1 42 ? -7.531  0.462   7.973   1.00 1.92 ? 42 LEU A HB3  1 
ATOM 643  H HG   . LEU A 1 42 ? -8.590  2.808   8.681   1.00 2.52 ? 42 LEU A HG   1 
ATOM 644  H HD11 . LEU A 1 42 ? -9.661  0.887   6.813   1.00 2.04 ? 42 LEU A HD11 1 
ATOM 645  H HD12 . LEU A 1 42 ? -10.014 2.481   6.808   1.00 2.01 ? 42 LEU A HD12 1 
ATOM 646  H HD13 . LEU A 1 42 ? -8.502  1.979   6.452   1.00 2.08 ? 42 LEU A HD13 1 
ATOM 647  H HD21 . LEU A 1 42 ? -9.907  1.816   10.317  1.00 3.07 ? 42 LEU A HD21 1 
ATOM 648  H HD22 . LEU A 1 42 ? -10.871 2.385   9.128   1.00 3.15 ? 42 LEU A HD22 1 
ATOM 649  H HD23 . LEU A 1 42 ? -10.537 0.790   9.215   1.00 3.00 ? 42 LEU A HD23 1 
ATOM 650  N N    . SER A 1 43 ? -8.621  1.556   11.285  1.00 1.61 ? 43 SER A N    1 
ATOM 651  C CA   . SER A 1 43 ? -8.960  2.185   12.557  1.00 2.31 ? 43 SER A CA   1 
ATOM 652  C C    . SER A 1 43 ? -8.376  1.407   13.728  1.00 2.04 ? 43 SER A C    1 
ATOM 653  O O    . SER A 1 43 ? -7.304  1.735   14.238  1.00 2.17 ? 43 SER A O    1 
ATOM 654  C CB   . SER A 1 43 ? -10.478 2.295   12.714  1.00 3.26 ? 43 SER A CB   1 
ATOM 655  O OG   . SER A 1 43 ? -11.153 1.679   11.631  1.00 3.73 ? 43 SER A OG   1 
ATOM 656  H H    . SER A 1 43 ? -8.340  2.131   10.517  1.00 1.90 ? 43 SER A H    1 
ATOM 657  H HA   . SER A 1 43 ? -8.549  3.096   12.564  1.00 2.74 ? 43 SER A HA   1 
ATOM 658  H HB2  . SER A 1 43 ? -10.750 1.847   13.565  1.00 3.47 ? 43 SER A HB2  1 
ATOM 659  H HB3  . SER A 1 43 ? -10.732 3.261   12.749  1.00 3.78 ? 43 SER A HB3  1 
ATOM 660  H HG   . SER A 1 43 ? -11.128 2.097   10.723  1.00 3.41 ? 43 SER A HG   1 
ATOM 661  N N    . LYS A 1 44 ? -9.096  0.379   14.148  1.00 1.82 ? 44 LYS A N    1 
ATOM 662  C CA   . LYS A 1 44 ? -8.668  -0.454  15.266  1.00 1.83 ? 44 LYS A CA   1 
ATOM 663  C C    . LYS A 1 44 ? -7.203  -0.844  15.135  1.00 1.61 ? 44 LYS A C    1 
ATOM 664  O O    . LYS A 1 44 ? -6.443  -0.771  16.100  1.00 2.09 ? 44 LYS A O    1 
ATOM 665  C CB   . LYS A 1 44 ? -9.537  -1.711  15.356  1.00 2.04 ? 44 LYS A CB   1 
ATOM 666  C CG   . LYS A 1 44 ? -10.459 -1.727  16.565  1.00 2.41 ? 44 LYS A CG   1 
ATOM 667  C CD   . LYS A 1 44 ? -11.753 -0.979  16.291  1.00 2.91 ? 44 LYS A CD   1 
ATOM 668  C CE   . LYS A 1 44 ? -11.555 0.120   15.260  1.00 3.26 ? 44 LYS A CE   1 
ATOM 669  N NZ   . LYS A 1 44 ? -12.673 1.103   15.274  1.00 4.14 ? 44 LYS A NZ   1 
ATOM 670  H H    . LYS A 1 44 ? -9.957  0.169   13.686  1.00 1.81 ? 44 LYS A H    1 
ATOM 671  H HA   . LYS A 1 44 ? -8.783  0.067   16.111  1.00 2.13 ? 44 LYS A HA   1 
ATOM 672  H HB2  . LYS A 1 44 ? -10.098 -1.767  14.529  1.00 2.21 ? 44 LYS A HB2  1 
ATOM 673  H HB3  . LYS A 1 44 ? -8.936  -2.508  15.405  1.00 2.38 ? 44 LYS A HB3  1 
ATOM 674  H HG2  . LYS A 1 44 ? -10.675 -2.676  16.796  1.00 2.88 ? 44 LYS A HG2  1 
ATOM 675  H HG3  . LYS A 1 44 ? -9.992  -1.295  17.336  1.00 2.64 ? 44 LYS A HG3  1 
ATOM 676  H HD2  . LYS A 1 44 ? -12.435 -1.625  15.949  1.00 3.33 ? 44 LYS A HD2  1 
ATOM 677  H HD3  . LYS A 1 44 ? -12.078 -0.570  17.143  1.00 3.28 ? 44 LYS A HD3  1 
ATOM 678  H HE2  . LYS A 1 44 ? -10.700 0.599   15.459  1.00 3.30 ? 44 LYS A HE2  1 
ATOM 679  H HE3  . LYS A 1 44 ? -11.500 -0.295  14.352  1.00 3.27 ? 44 LYS A HE3  1 
ATOM 680  H HZ1  . LYS A 1 44 ? -12.909 1.580   16.121  1.00 4.73 ? 44 LYS A HZ1  1 
ATOM 681  H HZ2  . LYS A 1 44 ? -12.639 1.908   14.681  1.00 4.24 ? 44 LYS A HZ2  1 
ATOM 682  H HZ3  . LYS A 1 44 ? -13.599 0.811   15.033  1.00 4.40 ? 44 LYS A HZ3  1 
ATOM 683  N N    . ASP A 1 45 ? -6.821  -1.250  13.934  1.00 1.45 ? 45 ASP A N    1 
ATOM 684  C CA   . ASP A 1 45 ? -5.444  -1.652  13.652  1.00 1.52 ? 45 ASP A CA   1 
ATOM 685  C C    . ASP A 1 45 ? -5.387  -3.059  13.072  1.00 1.34 ? 45 ASP A C    1 
ATOM 686  O O    . ASP A 1 45 ? -4.348  -3.719  13.113  1.00 1.60 ? 45 ASP A O    1 
ATOM 687  C CB   . ASP A 1 45 ? -4.597  -1.590  14.919  1.00 1.96 ? 45 ASP A CB   1 
ATOM 688  C CG   . ASP A 1 45 ? -5.003  -2.634  15.940  1.00 2.39 ? 45 ASP A CG   1 
ATOM 689  O OD1  . ASP A 1 45 ? -5.134  -3.816  15.560  1.00 2.84 ? 45 ASP A OD1  1 
ATOM 690  O OD2  . ASP A 1 45 ? -5.189  -2.271  17.121  1.00 3.00 ? 45 ASP A OD2  1 
ATOM 691  H H    . ASP A 1 45 ? -7.496  -1.281  13.197  1.00 1.74 ? 45 ASP A H    1 
ATOM 692  H HA   . ASP A 1 45 ? -5.103  -1.034  12.945  1.00 1.66 ? 45 ASP A HA   1 
ATOM 693  H HB2  . ASP A 1 45 ? -3.640  -1.737  14.671  1.00 2.38 ? 45 ASP A HB2  1 
ATOM 694  H HB3  . ASP A 1 45 ? -4.700  -0.684  15.328  1.00 2.32 ? 45 ASP A HB3  1 
ATOM 695  N N    . LYS A 1 46 ? -6.507  -3.510  12.527  1.00 1.10 ? 46 LYS A N    1 
ATOM 696  C CA   . LYS A 1 46 ? -6.586  -4.837  11.931  1.00 1.08 ? 46 LYS A CA   1 
ATOM 697  C C    . LYS A 1 46 ? -5.865  -4.864  10.591  1.00 0.96 ? 46 LYS A C    1 
ATOM 698  O O    . LYS A 1 46 ? -5.793  -5.900  9.930   1.00 1.20 ? 46 LYS A O    1 
ATOM 699  C CB   . LYS A 1 46 ? -8.046  -5.256  11.746  1.00 1.23 ? 46 LYS A CB   1 
ATOM 700  C CG   . LYS A 1 46 ? -8.761  -5.562  13.052  1.00 1.43 ? 46 LYS A CG   1 
ATOM 701  C CD   . LYS A 1 46 ? -9.408  -4.316  13.636  1.00 1.91 ? 46 LYS A CD   1 
ATOM 702  C CE   . LYS A 1 46 ? -9.974  -3.421  12.547  1.00 2.19 ? 46 LYS A CE   1 
ATOM 703  N NZ   . LYS A 1 46 ? -11.212 -2.722  12.989  1.00 2.94 ? 46 LYS A NZ   1 
ATOM 704  H H    . LYS A 1 46 ? -7.317  -2.924  12.524  1.00 1.16 ? 46 LYS A H    1 
ATOM 705  H HA   . LYS A 1 46 ? -6.142  -5.490  12.545  1.00 1.26 ? 46 LYS A HA   1 
ATOM 706  H HB2  . LYS A 1 46 ? -8.532  -4.513  11.286  1.00 1.67 ? 46 LYS A HB2  1 
ATOM 707  H HB3  . LYS A 1 46 ? -8.070  -6.075  11.173  1.00 1.57 ? 46 LYS A HB3  1 
ATOM 708  H HG2  . LYS A 1 46 ? -9.470  -6.247  12.882  1.00 1.86 ? 46 LYS A HG2  1 
ATOM 709  H HG3  . LYS A 1 46 ? -8.099  -5.923  13.708  1.00 1.95 ? 46 LYS A HG3  1 
ATOM 710  H HD2  . LYS A 1 46 ? -10.149 -4.591  14.248  1.00 2.35 ? 46 LYS A HD2  1 
ATOM 711  H HD3  . LYS A 1 46 ? -8.721  -3.805  14.152  1.00 2.47 ? 46 LYS A HD3  1 
ATOM 712  H HE2  . LYS A 1 46 ? -9.286  -2.737  12.301  1.00 2.52 ? 46 LYS A HE2  1 
ATOM 713  H HE3  . LYS A 1 46 ? -10.187 -3.981  11.747  1.00 2.26 ? 46 LYS A HE3  1 
ATOM 714  H HZ1  . LYS A 1 46 ? -11.713 -3.051  13.788  1.00 3.03 ? 46 LYS A HZ1  1 
ATOM 715  H HZ2  . LYS A 1 46 ? -11.174 -1.758  13.254  1.00 3.40 ? 46 LYS A HZ2  1 
ATOM 716  H HZ3  . LYS A 1 46 ? -11.994 -2.651  12.370  1.00 3.46 ? 46 LYS A HZ3  1 
ATOM 717  N N    . VAL A 1 47 ? -5.330  -3.713  10.197  1.00 0.87 ? 47 VAL A N    1 
ATOM 718  C CA   . VAL A 1 47 ? -4.611  -3.598  8.939   1.00 0.85 ? 47 VAL A CA   1 
ATOM 719  C C    . VAL A 1 47 ? -3.122  -3.870  9.130   1.00 0.85 ? 47 VAL A C    1 
ATOM 720  O O    . VAL A 1 47 ? -2.475  -4.474  8.274   1.00 0.85 ? 47 VAL A O    1 
ATOM 721  C CB   . VAL A 1 47 ? -4.789  -2.201  8.315   1.00 0.98 ? 47 VAL A CB   1 
ATOM 722  C CG1  . VAL A 1 47 ? -3.627  -1.876  7.390   1.00 1.13 ? 47 VAL A CG1  1 
ATOM 723  C CG2  . VAL A 1 47 ? -6.113  -2.114  7.571   1.00 1.14 ? 47 VAL A CG2  1 
ATOM 724  H H    . VAL A 1 47 ? -5.424  -2.906  10.781  1.00 1.03 ? 47 VAL A H    1 
ATOM 725  H HA   . VAL A 1 47 ? -4.970  -4.294  8.317   1.00 0.84 ? 47 VAL A HA   1 
ATOM 726  H HB   . VAL A 1 47 ? -4.779  -1.533  9.059   1.00 1.25 ? 47 VAL A HB   1 
ATOM 727  H HG11 . VAL A 1 47 ? -3.580  -2.549  6.652   1.00 1.34 ? 47 VAL A HG11 1 
ATOM 728  H HG12 . VAL A 1 47 ? -3.772  -0.966  7.002   1.00 1.61 ? 47 VAL A HG12 1 
ATOM 729  H HG13 . VAL A 1 47 ? -2.769  -1.887  7.905   1.00 1.65 ? 47 VAL A HG13 1 
ATOM 730  H HG21 . VAL A 1 47 ? -6.867  -2.281  8.206   1.00 1.38 ? 47 VAL A HG21 1 
ATOM 731  H HG22 . VAL A 1 47 ? -6.206  -1.200  7.176   1.00 1.59 ? 47 VAL A HG22 1 
ATOM 732  H HG23 . VAL A 1 47 ? -6.134  -2.796  6.841   1.00 1.63 ? 47 VAL A HG23 1 
ATOM 733  N N    . LYS A 1 48 ? -2.584  -3.417  10.257  1.00 0.97 ? 48 LYS A N    1 
ATOM 734  C CA   . LYS A 1 48 ? -1.172  -3.607  10.563  1.00 1.09 ? 48 LYS A CA   1 
ATOM 735  C C    . LYS A 1 48 ? -0.901  -5.023  11.052  1.00 1.08 ? 48 LYS A C    1 
ATOM 736  O O    . LYS A 1 48 ? 0.190   -5.560  10.862  1.00 1.13 ? 48 LYS A O    1 
ATOM 737  C CB   . LYS A 1 48 ? -0.714  -2.595  11.612  1.00 1.33 ? 48 LYS A CB   1 
ATOM 738  C CG   . LYS A 1 48 ? -1.283  -1.203  11.396  1.00 1.44 ? 48 LYS A CG   1 
ATOM 739  C CD   . LYS A 1 48 ? -2.482  -0.947  12.294  1.00 1.55 ? 48 LYS A CD   1 
ATOM 740  C CE   . LYS A 1 48 ? -3.160  0.371   11.954  1.00 1.83 ? 48 LYS A CE   1 
ATOM 741  N NZ   . LYS A 1 48 ? -2.835  1.435   12.944  1.00 2.22 ? 48 LYS A NZ   1 
ATOM 742  H H    . LYS A 1 48 ? -3.163  -2.933  10.913  1.00 1.03 ? 48 LYS A H    1 
ATOM 743  H HA   . LYS A 1 48 ? -0.643  -3.454  9.728   1.00 1.10 ? 48 LYS A HA   1 
ATOM 744  H HB2  . LYS A 1 48 ? -1.004  -2.919  12.513  1.00 1.46 ? 48 LYS A HB2  1 
ATOM 745  H HB3  . LYS A 1 48 ? 0.283   -2.538  11.584  1.00 1.47 ? 48 LYS A HB3  1 
ATOM 746  H HG2  . LYS A 1 48 ? -0.575  -0.526  11.598  1.00 1.98 ? 48 LYS A HG2  1 
ATOM 747  H HG3  . LYS A 1 48 ? -1.566  -1.112  10.441  1.00 1.66 ? 48 LYS A HG3  1 
ATOM 748  H HD2  . LYS A 1 48 ? -3.141  -1.690  12.178  1.00 1.96 ? 48 LYS A HD2  1 
ATOM 749  H HD3  . LYS A 1 48 ? -2.176  -0.918  13.246  1.00 2.04 ? 48 LYS A HD3  1 
ATOM 750  H HE2  . LYS A 1 48 ? -2.855  0.667   11.049  1.00 2.18 ? 48 LYS A HE2  1 
ATOM 751  H HE3  . LYS A 1 48 ? -4.151  0.231   11.943  1.00 2.07 ? 48 LYS A HE3  1 
ATOM 752  H HZ1  . LYS A 1 48 ? -3.044  1.297   13.912  1.00 2.51 ? 48 LYS A HZ1  1 
ATOM 753  H HZ2  . LYS A 1 48 ? -1.889  1.737   13.061  1.00 2.63 ? 48 LYS A HZ2  1 
ATOM 754  H HZ3  . LYS A 1 48 ? -3.246  2.342   12.856  1.00 2.41 ? 48 LYS A HZ3  1 
ATOM 755  N N    . GLU A 1 49 ? -1.901  -5.623  11.680  1.00 1.09 ? 49 GLU A N    1 
ATOM 756  C CA   . GLU A 1 49 ? -1.773  -6.980  12.195  1.00 1.20 ? 49 GLU A CA   1 
ATOM 757  C C    . GLU A 1 49 ? -1.406  -7.942  11.074  1.00 1.09 ? 49 GLU A C    1 
ATOM 758  O O    . GLU A 1 49 ? -0.850  -9.013  11.314  1.00 1.18 ? 49 GLU A O    1 
ATOM 759  C CB   . GLU A 1 49 ? -3.072  -7.429  12.864  1.00 1.35 ? 49 GLU A CB   1 
ATOM 760  C CG   . GLU A 1 49 ? -4.028  -6.287  13.164  1.00 1.74 ? 49 GLU A CG   1 
ATOM 761  C CD   . GLU A 1 49 ? -5.121  -6.684  14.137  1.00 2.20 ? 49 GLU A CD   1 
ATOM 762  O OE1  . GLU A 1 49 ? -5.428  -7.892  14.223  1.00 2.82 ? 49 GLU A OE1  1 
ATOM 763  O OE2  . GLU A 1 49 ? -5.670  -5.788  14.813  1.00 2.42 ? 49 GLU A OE2  1 
ATOM 764  H H    . GLU A 1 49 ? -2.764  -5.132  11.804  1.00 1.08 ? 49 GLU A H    1 
ATOM 765  H HA   . GLU A 1 49 ? -1.061  -7.003  12.897  1.00 1.33 ? 49 GLU A HA   1 
ATOM 766  H HB2  . GLU A 1 49 ? -3.533  -8.076  12.256  1.00 1.52 ? 49 GLU A HB2  1 
ATOM 767  H HB3  . GLU A 1 49 ? -2.843  -7.885  13.725  1.00 1.59 ? 49 GLU A HB3  1 
ATOM 768  H HG2  . GLU A 1 49 ? -3.509  -5.528  13.558  1.00 1.96 ? 49 GLU A HG2  1 
ATOM 769  H HG3  . GLU A 1 49 ? -4.454  -5.991  12.309  1.00 1.89 ? 49 GLU A HG3  1 
ATOM 770  N N    . ALA A 1 50 ? -1.723  -7.548  9.847   1.00 0.96 ? 50 ALA A N    1 
ATOM 771  C CA   . ALA A 1 50 ? -1.428  -8.368  8.680   1.00 0.97 ? 50 ALA A CA   1 
ATOM 772  C C    . ALA A 1 50 ? -0.259  -7.792  7.896   1.00 0.87 ? 50 ALA A C    1 
ATOM 773  O O    . ALA A 1 50 ? 0.538   -8.526  7.309   1.00 0.95 ? 50 ALA A O    1 
ATOM 774  C CB   . ALA A 1 50 ? -2.656  -8.491  7.792   1.00 1.06 ? 50 ALA A CB   1 
ATOM 775  H H    . ALA A 1 50 ? -2.176  -6.665  9.721   1.00 0.92 ? 50 ALA A H    1 
ATOM 776  H HA   . ALA A 1 50 ? -1.178  -9.285  8.993   1.00 1.06 ? 50 ALA A HA   1 
ATOM 777  H HB1  . ALA A 1 50 ? -2.938  -7.579  7.491   1.00 1.59 ? 50 ALA A HB1  1 
ATOM 778  H HB2  . ALA A 1 50 ? -2.443  -9.055  6.994   1.00 1.46 ? 50 ALA A HB2  1 
ATOM 779  H HB3  . ALA A 1 50 ? -3.398  -8.914  8.312   1.00 1.37 ? 50 ALA A HB3  1 
ATOM 780  N N    . SER A 1 51 ? -0.164  -6.472  7.895   1.00 0.79 ? 51 SER A N    1 
ATOM 781  C CA   . SER A 1 51 ? 0.904   -5.781  7.191   1.00 0.81 ? 51 SER A CA   1 
ATOM 782  C C    . SER A 1 51 ? 2.211   -5.876  7.964   1.00 0.83 ? 51 SER A C    1 
ATOM 783  O O    . SER A 1 51 ? 3.291   -5.956  7.379   1.00 0.90 ? 51 SER A O    1 
ATOM 784  C CB   . SER A 1 51 ? 0.533   -4.314  6.963   1.00 0.88 ? 51 SER A CB   1 
ATOM 785  O OG   . SER A 1 51 ? 1.691   -3.502  6.873   1.00 1.60 ? 51 SER A OG   1 
ATOM 786  H H    . SER A 1 51 ? -0.845  -5.935  8.393   1.00 0.81 ? 51 SER A H    1 
ATOM 787  H HA   . SER A 1 51 ? 1.036   -6.239  6.311   1.00 0.85 ? 51 SER A HA   1 
ATOM 788  H HB2  . SER A 1 51 ? 0.013   -4.238  6.112   1.00 1.39 ? 51 SER A HB2  1 
ATOM 789  H HB3  . SER A 1 51 ? -0.030  -3.997  7.727   1.00 1.30 ? 51 SER A HB3  1 
ATOM 790  H HG   . SER A 1 51 ? 1.604   -2.530  6.657   1.00 1.95 ? 51 SER A HG   1 
ATOM 791  N N    . ALA A 1 52 ? 2.099   -5.871  9.284   1.00 0.87 ? 52 ALA A N    1 
ATOM 792  C CA   . ALA A 1 52 ? 3.267   -5.961  10.151  1.00 0.95 ? 52 ALA A CA   1 
ATOM 793  C C    . ALA A 1 52 ? 4.069   -7.211  9.841   1.00 0.90 ? 52 ALA A C    1 
ATOM 794  O O    . ALA A 1 52 ? 5.301   -7.197  9.855   1.00 0.97 ? 52 ALA A O    1 
ATOM 795  C CB   . ALA A 1 52 ? 2.849   -5.940  11.614  1.00 1.07 ? 52 ALA A CB   1 
ATOM 796  H H    . ALA A 1 52 ? 1.190   -5.805  9.696   1.00 0.89 ? 52 ALA A H    1 
ATOM 797  H HA   . ALA A 1 52 ? 3.846   -5.163  9.984   1.00 1.03 ? 52 ALA A HA   1 
ATOM 798  H HB1  . ALA A 1 52 ? 2.363   -5.087  11.806  1.00 1.38 ? 52 ALA A HB1  1 
ATOM 799  H HB2  . ALA A 1 52 ? 2.246   -6.716  11.796  1.00 1.59 ? 52 ALA A HB2  1 
ATOM 800  H HB3  . ALA A 1 52 ? 3.658   -6.001  12.199  1.00 1.47 ? 52 ALA A HB3  1 
ATOM 801  N N    . LYS A 1 53 ? 3.358   -8.284  9.550   1.00 0.85 ? 53 LYS A N    1 
ATOM 802  C CA   . LYS A 1 53 ? 3.986   -9.550  9.217   1.00 0.91 ? 53 LYS A CA   1 
ATOM 803  C C    . LYS A 1 53 ? 4.487   -9.519  7.783   1.00 0.94 ? 53 LYS A C    1 
ATOM 804  O O    . LYS A 1 53 ? 5.518   -10.108 7.454   1.00 1.03 ? 53 LYS A O    1 
ATOM 805  C CB   . LYS A 1 53 ? 2.995   -10.698 9.400   1.00 1.00 ? 53 LYS A CB   1 
ATOM 806  C CG   . LYS A 1 53 ? 2.683   -11.006 10.856  1.00 1.28 ? 53 LYS A CG   1 
ATOM 807  C CD   . LYS A 1 53 ? 1.782   -9.945  11.468  1.00 1.48 ? 53 LYS A CD   1 
ATOM 808  C CE   . LYS A 1 53 ? 2.518   -9.129  12.519  1.00 1.77 ? 53 LYS A CE   1 
ATOM 809  N NZ   . LYS A 1 53 ? 2.802   -9.928  13.742  1.00 2.46 ? 53 LYS A NZ   1 
ATOM 810  H H    . LYS A 1 53 ? 2.360   -8.223  9.558   1.00 0.84 ? 53 LYS A H    1 
ATOM 811  H HA   . LYS A 1 53 ? 4.765   -9.692  9.827   1.00 0.95 ? 53 LYS A HA   1 
ATOM 812  H HB2  . LYS A 1 53 ? 2.141   -10.455 8.939   1.00 1.16 ? 53 LYS A HB2  1 
ATOM 813  H HB3  . LYS A 1 53 ? 3.380   -11.519 8.979   1.00 1.20 ? 53 LYS A HB3  1 
ATOM 814  H HG2  . LYS A 1 53 ? 2.224   -11.892 10.909  1.00 1.59 ? 53 LYS A HG2  1 
ATOM 815  H HG3  . LYS A 1 53 ? 3.539   -11.042 11.371  1.00 1.46 ? 53 LYS A HG3  1 
ATOM 816  H HD2  . LYS A 1 53 ? 1.463   -9.332  10.746  1.00 1.96 ? 53 LYS A HD2  1 
ATOM 817  H HD3  . LYS A 1 53 ? 0.997   -10.393 11.896  1.00 1.91 ? 53 LYS A HD3  1 
ATOM 818  H HE2  . LYS A 1 53 ? 3.383   -8.809  12.132  1.00 2.04 ? 53 LYS A HE2  1 
ATOM 819  H HE3  . LYS A 1 53 ? 1.954   -8.342  12.771  1.00 1.94 ? 53 LYS A HE3  1 
ATOM 820  H HZ1  . LYS A 1 53 ? 2.057   -10.387 14.225  1.00 2.85 ? 53 LYS A HZ1  1 
ATOM 821  H HZ2  . LYS A 1 53 ? 3.422   -10.711 13.694  1.00 2.76 ? 53 LYS A HZ2  1 
ATOM 822  H HZ3  . LYS A 1 53 ? 3.216   -9.490  14.540  1.00 2.86 ? 53 LYS A HZ3  1 
ATOM 823  N N    . LEU A 1 54 ? 3.745   -8.817  6.941   1.00 0.95 ? 54 LEU A N    1 
ATOM 824  C CA   . LEU A 1 54 ? 4.092   -8.682  5.537   1.00 1.09 ? 54 LEU A CA   1 
ATOM 825  C C    . LEU A 1 54 ? 5.203   -7.659  5.358   1.00 1.14 ? 54 LEU A C    1 
ATOM 826  O O    . LEU A 1 54 ? 6.004   -7.749  4.427   1.00 1.31 ? 54 LEU A O    1 
ATOM 827  C CB   . LEU A 1 54 ? 2.863   -8.265  4.729   1.00 1.14 ? 54 LEU A CB   1 
ATOM 828  C CG   . LEU A 1 54 ? 2.786   -6.773  4.395   1.00 1.12 ? 54 LEU A CG   1 
ATOM 829  C CD1  . LEU A 1 54 ? 3.923   -6.374  3.467   1.00 1.48 ? 54 LEU A CD1  1 
ATOM 830  C CD2  . LEU A 1 54 ? 1.441   -6.436  3.768   1.00 1.08 ? 54 LEU A CD2  1 
ATOM 831  H H    . LEU A 1 54 ? 2.921   -8.366  7.282   1.00 0.90 ? 54 LEU A H    1 
ATOM 832  H HA   . LEU A 1 54 ? 4.424   -9.566  5.209   1.00 1.21 ? 54 LEU A HA   1 
ATOM 833  H HB2  . LEU A 1 54 ? 2.869   -8.775  3.868   1.00 1.41 ? 54 LEU A HB2  1 
ATOM 834  H HB3  . LEU A 1 54 ? 2.048   -8.506  5.255   1.00 1.08 ? 54 LEU A HB3  1 
ATOM 835  H HG   . LEU A 1 54 ? 2.851   -6.244  5.240   1.00 1.03 ? 54 LEU A HG   1 
ATOM 836  H HD11 . LEU A 1 54 ? 3.862   -6.899  2.618   1.00 1.93 ? 54 LEU A HD11 1 
ATOM 837  H HD12 . LEU A 1 54 ? 3.856   -5.398  3.261   1.00 1.97 ? 54 LEU A HD12 1 
ATOM 838  H HD13 . LEU A 1 54 ? 4.798   -6.561  3.913   1.00 1.72 ? 54 LEU A HD13 1 
ATOM 839  H HD21 . LEU A 1 54 ? 0.714   -6.671  4.413   1.00 1.47 ? 54 LEU A HD21 1 
ATOM 840  H HD22 . LEU A 1 54 ? 1.393   -5.462  3.550   1.00 1.38 ? 54 LEU A HD22 1 
ATOM 841  H HD23 . LEU A 1 54 ? 1.329   -6.971  2.930   1.00 1.51 ? 54 LEU A HD23 1 
ATOM 842  N N    . ILE A 1 55 ? 5.239   -6.686  6.257   1.00 1.05 ? 55 ILE A N    1 
ATOM 843  C CA   . ILE A 1 55 ? 6.247   -5.635  6.207   1.00 1.19 ? 55 ILE A CA   1 
ATOM 844  C C    . ILE A 1 55 ? 7.590   -6.131  6.729   1.00 1.18 ? 55 ILE A C    1 
ATOM 845  O O    . ILE A 1 55 ? 8.637   -5.563  6.422   1.00 1.27 ? 55 ILE A O    1 
ATOM 846  C CB   . ILE A 1 55 ? 5.815   -4.409  7.027   1.00 1.33 ? 55 ILE A CB   1 
ATOM 847  C CG1  . ILE A 1 55 ? 5.166   -4.853  8.338   1.00 1.15 ? 55 ILE A CG1  1 
ATOM 848  C CG2  . ILE A 1 55 ? 4.860   -3.545  6.220   1.00 1.83 ? 55 ILE A CG2  1 
ATOM 849  C CD1  . ILE A 1 55 ? 5.879   -4.338  9.570   1.00 1.55 ? 55 ILE A CD1  1 
ATOM 850  H H    . ILE A 1 55 ? 4.557   -6.673  6.987   1.00 0.94 ? 55 ILE A H    1 
ATOM 851  H HA   . ILE A 1 55 ? 6.381   -5.431  5.238   1.00 1.32 ? 55 ILE A HA   1 
ATOM 852  H HB   . ILE A 1 55 ? 6.632   -3.877  7.246   1.00 1.66 ? 55 ILE A HB   1 
ATOM 853  H HG12 . ILE A 1 55 ? 4.222   -4.528  8.353   1.00 1.22 ? 55 ILE A HG12 1 
ATOM 854  H HG13 . ILE A 1 55 ? 5.162   -5.851  8.366   1.00 1.16 ? 55 ILE A HG13 1 
ATOM 855  H HG21 . ILE A 1 55 ? 5.311   -3.252  5.377   1.00 2.31 ? 55 ILE A HG21 1 
ATOM 856  H HG22 . ILE A 1 55 ? 4.036   -4.066  5.997   1.00 2.32 ? 55 ILE A HG22 1 
ATOM 857  H HG23 . ILE A 1 55 ? 4.614   -2.740  6.759   1.00 1.99 ? 55 ILE A HG23 1 
ATOM 858  H HD11 . ILE A 1 55 ? 6.830   -4.643  9.555   1.00 1.85 ? 55 ILE A HD11 1 
ATOM 859  H HD12 . ILE A 1 55 ? 5.850   -3.340  9.577   1.00 1.98 ? 55 ILE A HD12 1 
ATOM 860  H HD13 . ILE A 1 55 ? 5.429   -4.691  10.391  1.00 2.06 ? 55 ILE A HD13 1 
ATOM 861  N N    . LYS A 1 56 ? 7.551   -7.193  7.521   1.00 1.14 ? 56 LYS A N    1 
ATOM 862  C CA   . LYS A 1 56 ? 8.761   -7.766  8.089   1.00 1.24 ? 56 LYS A CA   1 
ATOM 863  C C    . LYS A 1 56 ? 9.582   -8.471  7.015   1.00 1.23 ? 56 LYS A C    1 
ATOM 864  O O    . LYS A 1 56 ? 10.732  -8.847  7.243   1.00 1.34 ? 56 LYS A O    1 
ATOM 865  C CB   . LYS A 1 56 ? 8.408   -8.751  9.203   1.00 1.35 ? 56 LYS A CB   1 
ATOM 866  C CG   . LYS A 1 56 ? 8.940   -8.343  10.567  1.00 1.74 ? 56 LYS A CG   1 
ATOM 867  C CD   . LYS A 1 56 ? 8.226   -7.111  11.098  1.00 2.53 ? 56 LYS A CD   1 
ATOM 868  C CE   . LYS A 1 56 ? 8.315   -7.025  12.613  1.00 3.61 ? 56 LYS A CE   1 
ATOM 869  N NZ   . LYS A 1 56 ? 7.623   -8.164  13.277  1.00 4.31 ? 56 LYS A NZ   1 
ATOM 870  H H    . LYS A 1 56 ? 6.668   -7.610  7.734   1.00 1.11 ? 56 LYS A H    1 
ATOM 871  H HA   . LYS A 1 56 ? 9.312   -7.027  8.476   1.00 1.33 ? 56 LYS A HA   1 
ATOM 872  H HB2  . LYS A 1 56 ? 7.413   -8.820  9.260   1.00 1.70 ? 56 LYS A HB2  1 
ATOM 873  H HB3  . LYS A 1 56 ? 8.792   -9.644  8.968   1.00 1.80 ? 56 LYS A HB3  1 
ATOM 874  H HG2  . LYS A 1 56 ? 8.804   -9.098  11.208  1.00 2.15 ? 56 LYS A HG2  1 
ATOM 875  H HG3  . LYS A 1 56 ? 9.917   -8.144  10.490  1.00 2.07 ? 56 LYS A HG3  1 
ATOM 876  H HD2  . LYS A 1 56 ? 8.645   -6.295  10.700  1.00 2.68 ? 56 LYS A HD2  1 
ATOM 877  H HD3  . LYS A 1 56 ? 7.263   -7.152  10.832  1.00 2.81 ? 56 LYS A HD3  1 
ATOM 878  H HE2  . LYS A 1 56 ? 9.279   -7.032  12.879  1.00 4.02 ? 56 LYS A HE2  1 
ATOM 879  H HE3  . LYS A 1 56 ? 7.892   -6.170  12.913  1.00 3.93 ? 56 LYS A HE3  1 
ATOM 880  H HZ1  . LYS A 1 56 ? 6.649   -8.319  13.116  1.00 4.45 ? 56 LYS A HZ1  1 
ATOM 881  H HZ2  . LYS A 1 56 ? 7.928   -9.102  13.108  1.00 4.65 ? 56 LYS A HZ2  1 
ATOM 882  H HZ3  . LYS A 1 56 ? 7.597   -8.219  14.275  1.00 4.75 ? 56 LYS A HZ3  1 
ATOM 883  N N    . MET A 1 57 ? 8.981   -8.648  5.844   1.00 1.16 ? 57 MET A N    1 
ATOM 884  C CA   . MET A 1 57 ? 9.647   -9.311  4.736   1.00 1.26 ? 57 MET A CA   1 
ATOM 885  C C    . MET A 1 57 ? 10.272  -8.296  3.783   1.00 1.31 ? 57 MET A C    1 
ATOM 886  O O    . MET A 1 57 ? 10.939  -8.667  2.817   1.00 1.49 ? 57 MET A O    1 
ATOM 887  C CB   . MET A 1 57 ? 8.660   -10.200 3.978   1.00 1.33 ? 57 MET A CB   1 
ATOM 888  C CG   . MET A 1 57 ? 7.379   -10.478 4.746   1.00 1.27 ? 57 MET A CG   1 
ATOM 889  S SD   . MET A 1 57 ? 6.145   -11.338 3.751   1.00 1.92 ? 57 MET A SD   1 
ATOM 890  C CE   . MET A 1 57 ? 5.393   -9.964  2.883   1.00 2.56 ? 57 MET A CE   1 
ATOM 891  H H    . MET A 1 57 ? 8.046   -8.317  5.721   1.00 1.11 ? 57 MET A H    1 
ATOM 892  H HA   . MET A 1 57 ? 10.386  -9.869  5.113   1.00 1.39 ? 57 MET A HA   1 
ATOM 893  H HB2  . MET A 1 57 ? 8.422   -9.748  3.119   1.00 1.66 ? 57 MET A HB2  1 
ATOM 894  H HB3  . MET A 1 57 ? 9.107   -11.073 3.782   1.00 1.83 ? 57 MET A HB3  1 
ATOM 895  H HG2  . MET A 1 57 ? 7.605   -11.040 5.542   1.00 1.73 ? 57 MET A HG2  1 
ATOM 896  H HG3  . MET A 1 57 ? 7.000   -9.605  5.052   1.00 1.80 ? 57 MET A HG3  1 
ATOM 897  H HE1  . MET A 1 57 ? 6.092   -9.494  2.344   1.00 2.92 ? 57 MET A HE1  1 
ATOM 898  H HE2  . MET A 1 57 ? 4.670   -10.295 2.276   1.00 3.07 ? 57 MET A HE2  1 
ATOM 899  H HE3  . MET A 1 57 ? 5.003   -9.328  3.550   1.00 2.77 ? 57 MET A HE3  1 
ATOM 900  N N    . ALA A 1 58 ? 10.051  -7.015  4.059   1.00 1.27 ? 58 ALA A N    1 
ATOM 901  C CA   . ALA A 1 58 ? 10.595  -5.952  3.218   1.00 1.44 ? 58 ALA A CA   1 
ATOM 902  C C    . ALA A 1 58 ? 10.456  -4.582  3.877   1.00 1.27 ? 58 ALA A C    1 
ATOM 903  O O    . ALA A 1 58 ? 11.262  -3.685  3.633   1.00 1.45 ? 58 ALA A O    1 
ATOM 904  C CB   . ALA A 1 58 ? 9.909   -5.952  1.861   1.00 1.83 ? 58 ALA A CB   1 
ATOM 905  H H    . ALA A 1 58 ? 9.501   -6.773  4.859   1.00 1.19 ? 58 ALA A H    1 
ATOM 906  H HA   . ALA A 1 58 ? 11.568  -6.133  3.076   1.00 1.62 ? 58 ALA A HA   1 
ATOM 907  H HB1  . ALA A 1 58 ? 8.929   -5.804  1.985   1.00 2.13 ? 58 ALA A HB1  1 
ATOM 908  H HB2  . ALA A 1 58 ? 10.287  -5.222  1.293   1.00 2.24 ? 58 ALA A HB2  1 
ATOM 909  H HB3  . ALA A 1 58 ? 10.059  -6.835  1.414   1.00 2.19 ? 58 ALA A HB3  1 
ATOM 910  N N    . ASP A 1 59 ? 9.426   -4.420  4.703   1.00 1.27 ? 59 ASP A N    1 
ATOM 911  C CA   . ASP A 1 59 ? 9.187   -3.157  5.381   1.00 1.45 ? 59 ASP A CA   1 
ATOM 912  C C    . ASP A 1 59 ? 9.810   -3.148  6.774   1.00 1.55 ? 59 ASP A C    1 
ATOM 913  O O    . ASP A 1 59 ? 9.192   -3.590  7.743   1.00 2.05 ? 59 ASP A O    1 
ATOM 914  C CB   . ASP A 1 59 ? 7.685   -2.883  5.479   1.00 2.11 ? 59 ASP A CB   1 
ATOM 915  C CG   . ASP A 1 59 ? 7.198   -1.940  4.397   1.00 2.87 ? 59 ASP A CG   1 
ATOM 916  O OD1  . ASP A 1 59 ? 7.745   -1.992  3.274   1.00 3.46 ? 59 ASP A OD1  1 
ATOM 917  O OD2  . ASP A 1 59 ? 6.272   -1.148  4.670   1.00 3.41 ? 59 ASP A OD2  1 
ATOM 918  H H    . ASP A 1 59 ? 8.802   -5.185  4.861   1.00 1.39 ? 59 ASP A H    1 
ATOM 919  H HA   . ASP A 1 59 ? 9.657   -2.451  4.851   1.00 1.42 ? 59 ASP A HA   1 
ATOM 920  H HB2  . ASP A 1 59 ? 7.195   -3.750  5.395   1.00 2.36 ? 59 ASP A HB2  1 
ATOM 921  H HB3  . ASP A 1 59 ? 7.492   -2.476  6.372   1.00 2.41 ? 59 ASP A HB3  1 
ATOM 922  N N    . LYS A 1 60 ? 11.033  -2.637  6.869   1.00 1.46 ? 60 LYS A N    1 
ATOM 923  C CA   . LYS A 1 60 ? 11.735  -2.563  8.145   1.00 1.97 ? 60 LYS A CA   1 
ATOM 924  C C    . LYS A 1 60 ? 12.121  -1.122  8.464   1.00 1.89 ? 60 LYS A C    1 
ATOM 925  O O    . LYS A 1 60 ? 12.231  -0.741  9.630   1.00 2.23 ? 60 LYS A O    1 
ATOM 926  C CB   . LYS A 1 60 ? 12.988  -3.443  8.128   1.00 2.39 ? 60 LYS A CB   1 
ATOM 927  C CG   . LYS A 1 60 ? 12.957  -4.532  7.070   1.00 2.43 ? 60 LYS A CG   1 
ATOM 928  C CD   . LYS A 1 60 ? 12.774  -3.948  5.680   1.00 2.14 ? 60 LYS A CD   1 
ATOM 929  C CE   . LYS A 1 60 ? 13.463  -4.793  4.623   1.00 2.03 ? 60 LYS A CE   1 
ATOM 930  N NZ   . LYS A 1 60 ? 14.680  -5.467  5.155   1.00 2.90 ? 60 LYS A NZ   1 
ATOM 931  H H    . LYS A 1 60 ? 11.483  -2.295  6.044   1.00 1.31 ? 60 LYS A H    1 
ATOM 932  H HA   . LYS A 1 60 ? 11.125  -2.896  8.865   1.00 2.43 ? 60 LYS A HA   1 
ATOM 933  H HB2  . LYS A 1 60 ? 13.781  -2.859  7.957   1.00 2.76 ? 60 LYS A HB2  1 
ATOM 934  H HB3  . LYS A 1 60 ? 13.080  -3.877  9.025   1.00 2.90 ? 60 LYS A HB3  1 
ATOM 935  H HG2  . LYS A 1 60 ? 13.819  -5.039  7.098   1.00 3.00 ? 60 LYS A HG2  1 
ATOM 936  H HG3  . LYS A 1 60 ? 12.199  -5.154  7.264   1.00 2.70 ? 60 LYS A HG3  1 
ATOM 937  H HD2  . LYS A 1 60 ? 11.797  -3.903  5.473   1.00 2.31 ? 60 LYS A HD2  1 
ATOM 938  H HD3  . LYS A 1 60 ? 13.162  -3.026  5.660   1.00 2.55 ? 60 LYS A HD3  1 
ATOM 939  H HE2  . LYS A 1 60 ? 12.823  -5.490  4.300   1.00 1.91 ? 60 LYS A HE2  1 
ATOM 940  H HE3  . LYS A 1 60 ? 13.727  -4.205  3.860   1.00 2.14 ? 60 LYS A HE3  1 
ATOM 941  H HZ1  . LYS A 1 60 ? 15.409  -4.925  5.572   1.00 3.23 ? 60 LYS A HZ1  1 
ATOM 942  H HZ2  . LYS A 1 60 ? 14.597  -6.148  5.883   1.00 3.09 ? 60 LYS A HZ2  1 
ATOM 943  H HZ3  . LYS A 1 60 ? 15.259  -6.007  4.545   1.00 3.46 ? 60 LYS A HZ3  1 
ATOM 944  N N    . ASN A 1 61 ? 12.325  -0.326  7.419   1.00 1.60 ? 61 ASN A N    1 
ATOM 945  C CA   . ASN A 1 61 ? 12.697  1.073   7.587   1.00 1.72 ? 61 ASN A CA   1 
ATOM 946  C C    . ASN A 1 61 ? 12.198  1.912   6.416   1.00 1.70 ? 61 ASN A C    1 
ATOM 947  O O    . ASN A 1 61 ? 12.625  3.052   6.229   1.00 2.14 ? 61 ASN A O    1 
ATOM 948  C CB   . ASN A 1 61 ? 14.215  1.207   7.716   1.00 2.07 ? 61 ASN A CB   1 
ATOM 949  C CG   . ASN A 1 61 ? 14.914  1.188   6.370   1.00 2.32 ? 61 ASN A CG   1 
ATOM 950  O OD1  . ASN A 1 61 ? 16.037  1.674   6.234   1.00 3.07 ? 61 ASN A OD1  1 
ATOM 951  N ND2  . ASN A 1 61 ? 14.250  0.626   5.367   1.00 2.18 ? 61 ASN A ND2  1 
ATOM 952  H H    . ASN A 1 61 ? 12.220  -0.696  6.497   1.00 1.47 ? 61 ASN A H    1 
ATOM 953  H HA   . ASN A 1 61 ? 12.222  1.404   8.402   1.00 2.07 ? 61 ASN A HA   1 
ATOM 954  H HB2  . ASN A 1 61 ? 14.423  2.072   8.174   1.00 2.14 ? 61 ASN A HB2  1 
ATOM 955  H HB3  . ASN A 1 61 ? 14.559  0.447   8.268   1.00 2.44 ? 61 ASN A HB3  1 
ATOM 956  H HD21 . ASN A 1 61 ? 13.339  0.243   5.523   1.00 2.49 ? 61 ASN A HD21 1 
ATOM 957  H HD22 . ASN A 1 61 ? 14.660  0.585   4.456   1.00 2.16 ? 61 ASN A HD22 1 
ATOM 958  N N    . SER A 1 62 ? 11.291  1.342   5.630   1.00 1.68 ? 62 SER A N    1 
ATOM 959  C CA   . SER A 1 62 ? 10.733  2.039   4.477   1.00 2.28 ? 62 SER A CA   1 
ATOM 960  C C    . SER A 1 62 ? 11.433  1.612   3.193   1.00 2.49 ? 62 SER A C    1 
ATOM 961  O O    . SER A 1 62 ? 12.195  2.379   2.603   1.00 3.39 ? 62 SER A O    1 
ATOM 962  C CB   . SER A 1 62 ? 10.858  3.553   4.661   1.00 3.02 ? 62 SER A CB   1 
ATOM 963  O OG   . SER A 1 62 ? 9.962   4.246   3.810   1.00 3.64 ? 62 SER A OG   1 
ATOM 964  H H    . SER A 1 62 ? 10.983  0.413   5.834   1.00 1.55 ? 62 SER A H    1 
ATOM 965  H HA   . SER A 1 62 ? 9.771   1.778   4.400   1.00 2.46 ? 62 SER A HA   1 
ATOM 966  H HB2  . SER A 1 62 ? 10.652  3.784   5.611   1.00 3.29 ? 62 SER A HB2  1 
ATOM 967  H HB3  . SER A 1 62 ? 11.795  3.831   4.446   1.00 3.30 ? 62 SER A HB3  1 
ATOM 968  H HG   . SER A 1 62 ? 9.917   5.245   3.839   1.00 4.12 ? 62 SER A HG   1 
ATOM 969  N N    . ASP A 1 63 ? 11.170  0.382   2.763   1.00 1.96 ? 63 ASP A N    1 
ATOM 970  C CA   . ASP A 1 63 ? 11.771  -0.148  1.552   1.00 2.47 ? 63 ASP A CA   1 
ATOM 971  C C    . ASP A 1 63 ? 10.745  -0.910  0.718   1.00 2.00 ? 63 ASP A C    1 
ATOM 972  O O    . ASP A 1 63 ? 10.780  -0.871  -0.512  1.00 2.47 ? 63 ASP A O    1 
ATOM 973  C CB   . ASP A 1 63 ? 12.948  -1.061  1.896   1.00 3.12 ? 63 ASP A CB   1 
ATOM 974  C CG   . ASP A 1 63 ? 14.199  -0.282  2.253   1.00 4.00 ? 63 ASP A CG   1 
ATOM 975  O OD1  . ASP A 1 63 ? 14.428  0.785   1.645   1.00 4.66 ? 63 ASP A OD1  1 
ATOM 976  O OD2  . ASP A 1 63 ? 14.950  -0.739  3.141   1.00 4.44 ? 63 ASP A OD2  1 
ATOM 977  H H    . ASP A 1 63 ? 10.542  -0.193  3.287   1.00 1.51 ? 63 ASP A H    1 
ATOM 978  H HA   . ASP A 1 63 ? 12.061  0.638   1.005   1.00 3.14 ? 63 ASP A HA   1 
ATOM 979  H HB2  . ASP A 1 63 ? 12.692  -1.634  2.675   1.00 3.34 ? 63 ASP A HB2  1 
ATOM 980  H HB3  . ASP A 1 63 ? 13.145  -1.641  1.106   1.00 3.33 ? 63 ASP A HB3  1 
ATOM 981  N N    . GLY A 1 64 ? 9.835   -1.601  1.395   1.00 1.43 ? 64 GLY A N    1 
ATOM 982  C CA   . GLY A 1 64 ? 8.814   -2.362  0.698   1.00 1.48 ? 64 GLY A CA   1 
ATOM 983  C C    . GLY A 1 64 ? 8.129   -1.556  -0.389  1.00 1.16 ? 64 GLY A C    1 
ATOM 984  O O    . GLY A 1 64 ? 8.341   -1.800  -1.577  1.00 1.23 ? 64 GLY A O    1 
ATOM 985  H H    . GLY A 1 64 ? 9.853   -1.598  2.395   1.00 1.44 ? 64 GLY A H    1 
ATOM 986  H HA2  . GLY A 1 64 ? 9.240   -3.165  0.282   1.00 1.85 ? 64 GLY A HA2  1 
ATOM 987  H HA3  . GLY A 1 64 ? 8.125   -2.657  1.361   1.00 1.75 ? 64 GLY A HA3  1 
ATOM 988  N N    . LYS A 1 65 ? 7.308   -0.596  0.019   1.00 0.97 ? 65 LYS A N    1 
ATOM 989  C CA   . LYS A 1 65 ? 6.589   0.250   -0.926  1.00 0.76 ? 65 LYS A CA   1 
ATOM 990  C C    . LYS A 1 65 ? 6.622   1.710   -0.481  1.00 0.79 ? 65 LYS A C    1 
ATOM 991  O O    . LYS A 1 65 ? 6.243   2.033   0.645   1.00 0.87 ? 65 LYS A O    1 
ATOM 992  C CB   . LYS A 1 65 ? 5.139   -0.224  -1.066  1.00 0.71 ? 65 LYS A CB   1 
ATOM 993  C CG   . LYS A 1 65 ? 4.717   -0.475  -2.504  1.00 0.84 ? 65 LYS A CG   1 
ATOM 994  C CD   . LYS A 1 65 ? 5.178   -1.840  -2.989  1.00 0.67 ? 65 LYS A CD   1 
ATOM 995  C CE   . LYS A 1 65 ? 6.493   -1.745  -3.746  1.00 0.83 ? 65 LYS A CE   1 
ATOM 996  N NZ   . LYS A 1 65 ? 6.990   -3.084  -4.164  1.00 0.91 ? 65 LYS A NZ   1 
ATOM 997  H H    . LYS A 1 65 ? 7.180   -0.449  1.000   1.00 1.07 ? 65 LYS A H    1 
ATOM 998  H HA   . LYS A 1 65 ? 7.034   0.180   -1.819  1.00 0.81 ? 65 LYS A HA   1 
ATOM 999  H HB2  . LYS A 1 65 ? 5.035   -1.076  -0.553  1.00 1.06 ? 65 LYS A HB2  1 
ATOM 1000 H HB3  . LYS A 1 65 ? 4.540   0.475   -0.677  1.00 1.02 ? 65 LYS A HB3  1 
ATOM 1001 H HG2  . LYS A 1 65 ? 3.720   -0.430  -2.563  1.00 1.35 ? 65 LYS A HG2  1 
ATOM 1002 H HG3  . LYS A 1 65 ? 5.118   0.230   -3.089  1.00 1.37 ? 65 LYS A HG3  1 
ATOM 1003 H HD2  . LYS A 1 65 ? 5.300   -2.441  -2.200  1.00 0.79 ? 65 LYS A HD2  1 
ATOM 1004 H HD3  . LYS A 1 65 ? 4.481   -2.222  -3.596  1.00 0.86 ? 65 LYS A HD3  1 
ATOM 1005 H HE2  . LYS A 1 65 ? 6.358   -1.181  -4.560  1.00 1.27 ? 65 LYS A HE2  1 
ATOM 1006 H HE3  . LYS A 1 65 ? 7.176   -1.316  -3.154  1.00 1.10 ? 65 LYS A HE3  1 
ATOM 1007 H HZ1  . LYS A 1 65 ? 7.136   -3.799  -3.481  1.00 1.22 ? 65 LYS A HZ1  1 
ATOM 1008 H HZ2  . LYS A 1 65 ? 6.460   -3.635  -4.809  1.00 1.33 ? 65 LYS A HZ2  1 
ATOM 1009 H HZ3  . LYS A 1 65 ? 7.874   -3.168  -4.624  1.00 1.36 ? 65 LYS A HZ3  1 
ATOM 1010 N N    . ILE A 1 66 ? 7.083   2.588   -1.369  1.00 0.80 ? 66 ILE A N    1 
ATOM 1011 C CA   . ILE A 1 66 ? 7.170   4.012   -1.062  1.00 0.89 ? 66 ILE A CA   1 
ATOM 1012 C C    . ILE A 1 66 ? 6.710   4.863   -2.241  1.00 0.88 ? 66 ILE A C    1 
ATOM 1013 O O    . ILE A 1 66 ? 7.511   5.238   -3.098  1.00 1.04 ? 66 ILE A O    1 
ATOM 1014 C CB   . ILE A 1 66 ? 8.606   4.416   -0.682  1.00 1.07 ? 66 ILE A CB   1 
ATOM 1015 C CG1  . ILE A 1 66 ? 9.615   3.724   -1.600  1.00 1.21 ? 66 ILE A CG1  1 
ATOM 1016 C CG2  . ILE A 1 66 ? 8.885   4.074   0.775   1.00 1.57 ? 66 ILE A CG2  1 
ATOM 1017 C CD1  . ILE A 1 66 ? 10.085  2.383   -1.079  1.00 1.61 ? 66 ILE A CD1  1 
ATOM 1018 H H    . ILE A 1 66 ? 7.377   2.263   -2.268  1.00 0.78 ? 66 ILE A H    1 
ATOM 1019 H HA   . ILE A 1 66 ? 6.513   4.173   -0.327  1.00 0.89 ? 66 ILE A HA   1 
ATOM 1020 H HB   . ILE A 1 66 ? 8.696   5.402   -0.807  1.00 1.44 ? 66 ILE A HB   1 
ATOM 1021 H HG12 . ILE A 1 66 ? 9.194   3.591   -2.496  1.00 1.66 ? 66 ILE A HG12 1 
ATOM 1022 H HG13 . ILE A 1 66 ? 10.409  4.321   -1.704  1.00 1.42 ? 66 ILE A HG13 1 
ATOM 1023 H HG21 . ILE A 1 66 ? 8.229   4.553   1.357   1.00 2.08 ? 66 ILE A HG21 1 
ATOM 1024 H HG22 . ILE A 1 66 ? 8.801   3.087   0.914   1.00 1.93 ? 66 ILE A HG22 1 
ATOM 1025 H HG23 . ILE A 1 66 ? 9.812   4.370   1.007   1.00 2.07 ? 66 ILE A HG23 1 
ATOM 1026 H HD11 . ILE A 1 66 ? 10.491  2.503   -0.174  1.00 2.10 ? 66 ILE A HD11 1 
ATOM 1027 H HD12 . ILE A 1 66 ? 9.305   1.761   -1.012  1.00 2.03 ? 66 ILE A HD12 1 
ATOM 1028 H HD13 . ILE A 1 66 ? 10.767  2.001   -1.703  1.00 1.97 ? 66 ILE A HD13 1 
ATOM 1029 N N    . SER A 1 67 ? 5.416   5.167   -2.276  1.00 0.85 ? 67 SER A N    1 
ATOM 1030 C CA   . SER A 1 67 ? 4.843   5.978   -3.347  1.00 0.87 ? 67 SER A CA   1 
ATOM 1031 C C    . SER A 1 67 ? 3.326   5.841   -3.369  1.00 0.78 ? 67 SER A C    1 
ATOM 1032 O O    . SER A 1 67 ? 2.684   5.724   -2.319  1.00 0.75 ? 67 SER A O    1 
ATOM 1033 C CB   . SER A 1 67 ? 5.423   5.561   -4.700  1.00 0.92 ? 67 SER A CB   1 
ATOM 1034 O OG   . SER A 1 67 ? 5.750   6.695   -5.486  1.00 1.70 ? 67 SER A OG   1 
ATOM 1035 H H    . SER A 1 67 ? 4.819   4.832   -1.548  1.00 0.92 ? 67 SER A H    1 
ATOM 1036 H HA   . SER A 1 67 ? 5.060   6.935   -3.156  1.00 0.96 ? 67 SER A HA   1 
ATOM 1037 H HB2  . SER A 1 67 ? 6.250   5.019   -4.548  1.00 1.20 ? 67 SER A HB2  1 
ATOM 1038 H HB3  . SER A 1 67 ? 4.748   5.009   -5.189  1.00 1.27 ? 67 SER A HB3  1 
ATOM 1039 H HG   . SER A 1 67 ? 6.707   6.910   -5.679  1.00 2.12 ? 67 SER A HG   1 
ATOM 1040 N N    . LYS A 1 68 ? 2.746   5.844   -4.565  1.00 0.78 ? 68 LYS A N    1 
ATOM 1041 C CA   . LYS A 1 68 ? 1.306   5.704   -4.687  1.00 0.77 ? 68 LYS A CA   1 
ATOM 1042 C C    . LYS A 1 68 ? 0.820   4.707   -3.658  1.00 0.67 ? 68 LYS A C    1 
ATOM 1043 O O    . LYS A 1 68 ? -0.248  4.861   -3.066  1.00 0.65 ? 68 LYS A O    1 
ATOM 1044 C CB   . LYS A 1 68 ? 0.920   5.241   -6.091  1.00 0.84 ? 68 LYS A CB   1 
ATOM 1045 C CG   . LYS A 1 68 ? -0.015  4.042   -6.096  1.00 1.25 ? 68 LYS A CG   1 
ATOM 1046 C CD   . LYS A 1 68 ? -1.328  4.360   -5.400  1.00 0.86 ? 68 LYS A CD   1 
ATOM 1047 C CE   . LYS A 1 68 ? -2.350  4.929   -6.367  1.00 1.19 ? 68 LYS A CE   1 
ATOM 1048 N NZ   . LYS A 1 68 ? -2.970  3.868   -7.209  1.00 1.12 ? 68 LYS A NZ   1 
ATOM 1049 H H    . LYS A 1 68 ? 3.306   5.944   -5.387  1.00 0.82 ? 68 LYS A H    1 
ATOM 1050 H HA   . LYS A 1 68 ? 0.876   6.590   -4.510  1.00 0.83 ? 68 LYS A HA   1 
ATOM 1051 H HB2  . LYS A 1 68 ? 0.467   5.998   -6.561  1.00 1.00 ? 68 LYS A HB2  1 
ATOM 1052 H HB3  . LYS A 1 68 ? 1.754   4.994   -6.583  1.00 0.93 ? 68 LYS A HB3  1 
ATOM 1053 H HG2  . LYS A 1 68 ? -0.203  3.779   -7.042  1.00 1.95 ? 68 LYS A HG2  1 
ATOM 1054 H HG3  . LYS A 1 68 ? 0.429   3.281   -5.621  1.00 1.80 ? 68 LYS A HG3  1 
ATOM 1055 H HD2  . LYS A 1 68 ? -1.694  3.521   -4.998  1.00 1.21 ? 68 LYS A HD2  1 
ATOM 1056 H HD3  . LYS A 1 68 ? -1.158  5.029   -4.677  1.00 1.30 ? 68 LYS A HD3  1 
ATOM 1057 H HE2  . LYS A 1 68 ? -3.068  5.388   -5.845  1.00 1.90 ? 68 LYS A HE2  1 
ATOM 1058 H HE3  . LYS A 1 68 ? -1.897  5.592   -6.964  1.00 1.80 ? 68 LYS A HE3  1 
ATOM 1059 H HZ1  . LYS A 1 68 ? -3.447  3.102   -6.777  1.00 1.46 ? 68 LYS A HZ1  1 
ATOM 1060 H HZ2  . LYS A 1 68 ? -3.685  4.105   -7.867  1.00 1.57 ? 68 LYS A HZ2  1 
ATOM 1061 H HZ3  . LYS A 1 68 ? -2.403  3.328   -7.830  1.00 1.47 ? 68 LYS A HZ3  1 
ATOM 1062 N N    . GLU A 1 69 ? 1.640   3.694   -3.433  1.00 0.64 ? 69 GLU A N    1 
ATOM 1063 C CA   . GLU A 1 69 ? 1.325   2.667   -2.452  1.00 0.59 ? 69 GLU A CA   1 
ATOM 1064 C C    . GLU A 1 69 ? 1.029   3.322   -1.121  1.00 0.59 ? 69 GLU A C    1 
ATOM 1065 O O    . GLU A 1 69 ? -0.028  3.121   -0.529  1.00 0.57 ? 69 GLU A O    1 
ATOM 1066 C CB   . GLU A 1 69 ? 2.481   1.676   -2.313  1.00 0.62 ? 69 GLU A CB   1 
ATOM 1067 C CG   . GLU A 1 69 ? 3.799   2.331   -1.937  1.00 0.73 ? 69 GLU A CG   1 
ATOM 1068 C CD   . GLU A 1 69 ? 3.910   2.605   -0.450  1.00 1.50 ? 69 GLU A CD   1 
ATOM 1069 O OE1  . GLU A 1 69 ? 3.151   1.984   0.325   1.00 2.19 ? 69 GLU A OE1  1 
ATOM 1070 O OE2  . GLU A 1 69 ? 4.751   3.440   -0.061  1.00 2.13 ? 69 GLU A OE2  1 
ATOM 1071 H H    . GLU A 1 69 ? 2.495   3.633   -3.948  1.00 0.67 ? 69 GLU A H    1 
ATOM 1072 H HA   . GLU A 1 69 ? 0.528   2.145   -2.755  1.00 0.58 ? 69 GLU A HA   1 
ATOM 1073 H HB2  . GLU A 1 69 ? 2.244   1.011   -1.605  1.00 0.65 ? 69 GLU A HB2  1 
ATOM 1074 H HB3  . GLU A 1 69 ? 2.600   1.203   -3.187  1.00 0.64 ? 69 GLU A HB3  1 
ATOM 1075 H HG2  . GLU A 1 69 ? 4.548   1.725   -2.206  1.00 1.01 ? 69 GLU A HG2  1 
ATOM 1076 H HG3  . GLU A 1 69 ? 3.879   3.198   -2.428  1.00 0.80 ? 69 GLU A HG3  1 
ATOM 1077 N N    . GLU A 1 70 ? 1.959   4.141   -0.679  1.00 0.65 ? 70 GLU A N    1 
ATOM 1078 C CA   . GLU A 1 70 ? 1.789   4.868   0.562   1.00 0.69 ? 70 GLU A CA   1 
ATOM 1079 C C    . GLU A 1 70 ? 0.621   5.821   0.403   1.00 0.69 ? 70 GLU A C    1 
ATOM 1080 O O    . GLU A 1 70 ? -0.076  6.152   1.362   1.00 0.70 ? 70 GLU A O    1 
ATOM 1081 C CB   . GLU A 1 70 ? 3.063   5.638   0.910   1.00 0.80 ? 70 GLU A CB   1 
ATOM 1082 C CG   . GLU A 1 70 ? 3.243   6.911   0.101   1.00 0.99 ? 70 GLU A CG   1 
ATOM 1083 C CD   . GLU A 1 70 ? 4.102   7.938   0.812   1.00 1.26 ? 70 GLU A CD   1 
ATOM 1084 O OE1  . GLU A 1 70 ? 4.027   8.017   2.056   1.00 1.67 ? 70 GLU A OE1  1 
ATOM 1085 O OE2  . GLU A 1 70 ? 4.851   8.664   0.124   1.00 1.85 ? 70 GLU A OE2  1 
ATOM 1086 H H    . GLU A 1 70 ? 2.798   4.263   -1.210  1.00 0.70 ? 70 GLU A H    1 
ATOM 1087 H HA   . GLU A 1 70 ? 1.608   4.230   1.309   1.00 0.67 ? 70 GLU A HA   1 
ATOM 1088 H HB2  . GLU A 1 70 ? 3.031   5.881   1.880   1.00 0.91 ? 70 GLU A HB2  1 
ATOM 1089 H HB3  . GLU A 1 70 ? 3.849   5.042   0.743   1.00 0.86 ? 70 GLU A HB3  1 
ATOM 1090 H HG2  . GLU A 1 70 ? 3.678   6.679   -0.770  1.00 1.07 ? 70 GLU A HG2  1 
ATOM 1091 H HG3  . GLU A 1 70 ? 2.344   7.312   -0.073  1.00 1.05 ? 70 GLU A HG3  1 
ATOM 1092 N N    . PHE A 1 71 ? 0.403   6.231   -0.841  1.00 0.71 ? 71 PHE A N    1 
ATOM 1093 C CA   . PHE A 1 71 ? -0.690  7.123   -1.176  1.00 0.75 ? 71 PHE A CA   1 
ATOM 1094 C C    . PHE A 1 71 ? -2.011  6.418   -0.956  1.00 0.71 ? 71 PHE A C    1 
ATOM 1095 O O    . PHE A 1 71 ? -2.864  6.884   -0.204  1.00 0.74 ? 71 PHE A O    1 
ATOM 1096 C CB   . PHE A 1 71 ? -0.577  7.572   -2.632  1.00 0.80 ? 71 PHE A CB   1 
ATOM 1097 C CG   . PHE A 1 71 ? -1.011  8.992   -2.859  1.00 0.87 ? 71 PHE A CG   1 
ATOM 1098 C CD1  . PHE A 1 71 ? -0.430  10.029  -2.148  1.00 1.40 ? 71 PHE A CD1  1 
ATOM 1099 C CD2  . PHE A 1 71 ? -2.000  9.287   -3.782  1.00 1.45 ? 71 PHE A CD2  1 
ATOM 1100 C CE1  . PHE A 1 71 ? -0.827  11.337  -2.355  1.00 1.46 ? 71 PHE A CE1  1 
ATOM 1101 C CE2  . PHE A 1 71 ? -2.402  10.593  -3.993  1.00 1.57 ? 71 PHE A CE2  1 
ATOM 1102 C CZ   . PHE A 1 71 ? -1.816  11.618  -3.278  1.00 1.13 ? 71 PHE A CZ   1 
ATOM 1103 H H    . PHE A 1 71 ? 1.011   5.915   -1.569  1.00 0.71 ? 71 PHE A H    1 
ATOM 1104 H HA   . PHE A 1 71 ? -0.654  7.882   -0.526  1.00 0.82 ? 71 PHE A HA   1 
ATOM 1105 H HB2  . PHE A 1 71 ? 0.377   7.483   -2.917  1.00 0.85 ? 71 PHE A HB2  1 
ATOM 1106 H HB3  . PHE A 1 71 ? -1.149  6.973   -3.192  1.00 0.80 ? 71 PHE A HB3  1 
ATOM 1107 H HD1  . PHE A 1 71 ? 0.285   9.831   -1.477  1.00 2.12 ? 71 PHE A HD1  1 
ATOM 1108 H HD2  . PHE A 1 71 ? -2.428  8.548   -4.302  1.00 2.15 ? 71 PHE A HD2  1 
ATOM 1109 H HE1  . PHE A 1 71 ? -0.399  12.076  -1.836  1.00 2.16 ? 71 PHE A HE1  1 
ATOM 1110 H HE2  . PHE A 1 71 ? -3.116  10.793  -4.664  1.00 2.32 ? 71 PHE A HE2  1 
ATOM 1111 H HZ   . PHE A 1 71 ? -2.104  12.564  -3.428  1.00 1.26 ? 71 PHE A HZ   1 
ATOM 1112 N N    . LEU A 1 72 ? -2.152  5.279   -1.613  1.00 0.65 ? 72 LEU A N    1 
ATOM 1113 C CA   . LEU A 1 72 ? -3.356  4.469   -1.499  1.00 0.64 ? 72 LEU A CA   1 
ATOM 1114 C C    . LEU A 1 72 ? -3.338  3.682   -0.195  1.00 0.58 ? 72 LEU A C    1 
ATOM 1115 O O    . LEU A 1 72 ? -4.380  3.449   0.417   1.00 0.60 ? 72 LEU A O    1 
ATOM 1116 C CB   . LEU A 1 72 ? -3.470  3.513   -2.688  1.00 0.64 ? 72 LEU A CB   1 
ATOM 1117 C CG   . LEU A 1 72 ? -2.851  2.134   -2.463  1.00 0.57 ? 72 LEU A CG   1 
ATOM 1118 C CD1  . LEU A 1 72 ? -3.931  1.065   -2.412  1.00 0.60 ? 72 LEU A CD1  1 
ATOM 1119 C CD2  . LEU A 1 72 ? -1.838  1.820   -3.553  1.00 0.61 ? 72 LEU A CD2  1 
ATOM 1120 H H    . LEU A 1 72 ? -1.409  4.966   -2.205  1.00 0.64 ? 72 LEU A H    1 
ATOM 1121 H HA   . LEU A 1 72 ? -4.148  5.080   -1.488  1.00 0.69 ? 72 LEU A HA   1 
ATOM 1122 H HB2  . LEU A 1 72 ? -4.440  3.387   -2.895  1.00 0.68 ? 72 LEU A HB2  1 
ATOM 1123 H HB3  . LEU A 1 72 ? -3.014  3.933   -3.471  1.00 0.68 ? 72 LEU A HB3  1 
ATOM 1124 H HG   . LEU A 1 72 ? -2.351  2.137   -1.598  1.00 0.54 ? 72 LEU A HG   1 
ATOM 1125 H HD11 . LEU A 1 72 ? -4.433  1.057   -3.276  1.00 1.17 ? 72 LEU A HD11 1 
ATOM 1126 H HD12 . LEU A 1 72 ? -3.507  0.171   -2.265  1.00 1.17 ? 72 LEU A HD12 1 
ATOM 1127 H HD13 . LEU A 1 72 ? -4.561  1.263   -1.662  1.00 1.22 ? 72 LEU A HD13 1 
ATOM 1128 H HD21 . LEU A 1 72 ? -1.118  2.514   -3.537  1.00 1.15 ? 72 LEU A HD21 1 
ATOM 1129 H HD22 . LEU A 1 72 ? -1.434  0.917   -3.404  1.00 1.26 ? 72 LEU A HD22 1 
ATOM 1130 H HD23 . LEU A 1 72 ? -2.299  1.836   -4.441  1.00 1.16 ? 72 LEU A HD23 1 
ATOM 1131 N N    . ASN A 1 73 ? -2.143  3.286   0.229   1.00 0.56 ? 73 ASN A N    1 
ATOM 1132 C CA   . ASN A 1 73 ? -1.984  2.538   1.466   1.00 0.56 ? 73 ASN A CA   1 
ATOM 1133 C C    . ASN A 1 73 ? -2.169  3.460   2.661   1.00 0.55 ? 73 ASN A C    1 
ATOM 1134 O O    . ASN A 1 73 ? -2.632  3.041   3.723   1.00 0.57 ? 73 ASN A O    1 
ATOM 1135 C CB   . ASN A 1 73 ? -0.609  1.868   1.514   1.00 0.63 ? 73 ASN A CB   1 
ATOM 1136 C CG   . ASN A 1 73 ? -0.472  0.764   0.483   1.00 0.74 ? 73 ASN A CG   1 
ATOM 1137 O OD1  . ASN A 1 73 ? -0.233  -0.394  0.823   1.00 1.23 ? 73 ASN A OD1  1 
ATOM 1138 N ND2  . ASN A 1 73 ? -0.621  1.120   -0.789  1.00 0.56 ? 73 ASN A ND2  1 
ATOM 1139 H H    . ASN A 1 73 ? -1.334  3.507   -0.315  1.00 0.57 ? 73 ASN A H    1 
ATOM 1140 H HA   . ASN A 1 73 ? -2.723  1.866   1.499   1.00 0.55 ? 73 ASN A HA   1 
ATOM 1141 H HB2  . ASN A 1 73 ? 0.092   2.560   1.341   1.00 0.74 ? 73 ASN A HB2  1 
ATOM 1142 H HB3  . ASN A 1 73 ? -0.473  1.477   2.424   1.00 0.79 ? 73 ASN A HB3  1 
ATOM 1143 H HD21 . ASN A 1 73 ? -0.815  2.073   -1.022  1.00 0.67 ? 73 ASN A HD21 1 
ATOM 1144 H HD22 . ASN A 1 73 ? -0.541  0.435   -1.512  1.00 0.65 ? 73 ASN A HD22 1 
ATOM 1145 N N    . ALA A 1 74 ? -1.821  4.725   2.468   1.00 0.59 ? 74 ALA A N    1 
ATOM 1146 C CA   . ALA A 1 74 ? -1.963  5.728   3.513   1.00 0.65 ? 74 ALA A CA   1 
ATOM 1147 C C    . ALA A 1 74 ? -3.196  6.583   3.252   1.00 0.68 ? 74 ALA A C    1 
ATOM 1148 O O    . ALA A 1 74 ? -3.708  7.249   4.150   1.00 0.76 ? 74 ALA A O    1 
ATOM 1149 C CB   . ALA A 1 74 ? -0.717  6.597   3.596   1.00 0.77 ? 74 ALA A CB   1 
ATOM 1150 H H    . ALA A 1 74 ? -1.450  4.998   1.581   1.00 0.60 ? 74 ALA A H    1 
ATOM 1151 H HA   . ALA A 1 74 ? -2.079  5.262   4.390   1.00 0.64 ? 74 ALA A HA   1 
ATOM 1152 H HB1  . ALA A 1 74 ? -0.576  7.055   2.719   1.00 1.43 ? 74 ALA A HB1  1 
ATOM 1153 H HB2  . ALA A 1 74 ? -0.826  7.282   4.316   1.00 1.27 ? 74 ALA A HB2  1 
ATOM 1154 H HB3  . ALA A 1 74 ? 0.073   6.019   3.801   1.00 1.14 ? 74 ALA A HB3  1 
ATOM 1155 N N    . ASN A 1 75 ? -3.669  6.549   2.008   1.00 0.70 ? 75 ASN A N    1 
ATOM 1156 C CA   . ASN A 1 75 ? -4.848  7.309   1.616   1.00 0.84 ? 75 ASN A CA   1 
ATOM 1157 C C    . ASN A 1 75 ? -5.985  7.074   2.597   1.00 0.82 ? 75 ASN A C    1 
ATOM 1158 O O    . ASN A 1 75 ? -6.441  7.994   3.275   1.00 0.91 ? 75 ASN A O    1 
ATOM 1159 C CB   . ASN A 1 75 ? -5.283  6.918   0.200   1.00 0.95 ? 75 ASN A CB   1 
ATOM 1160 C CG   . ASN A 1 75 ? -6.497  6.010   0.196   1.00 0.90 ? 75 ASN A CG   1 
ATOM 1161 O OD1  . ASN A 1 75 ? -7.631  6.470   0.327   1.00 0.92 ? 75 ASN A OD1  1 
ATOM 1162 N ND2  . ASN A 1 75 ? -6.263  4.712   0.044   1.00 0.89 ? 75 ASN A ND2  1 
ATOM 1163 H H    . ASN A 1 75 ? -3.202  5.987   1.325   1.00 0.67 ? 75 ASN A H    1 
ATOM 1164 H HA   . ASN A 1 75 ? -4.605  8.277   1.680   1.00 0.96 ? 75 ASN A HA   1 
ATOM 1165 H HB2  . ASN A 1 75 ? -5.501  7.751   -0.309  1.00 1.05 ? 75 ASN A HB2  1 
ATOM 1166 H HB3  . ASN A 1 75 ? -4.524  6.444   -0.248  1.00 1.04 ? 75 ASN A HB3  1 
ATOM 1167 H HD21 . ASN A 1 75 ? -5.324  4.382   -0.059  1.00 0.91 ? 75 ASN A HD21 1 
ATOM 1168 H HD22 . ASN A 1 75 ? -7.024  4.064   0.034   1.00 0.90 ? 75 ASN A HD22 1 
ATOM 1169 N N    . ALA A 1 76 ? -6.424  5.831   2.668   1.00 0.72 ? 76 ALA A N    1 
ATOM 1170 C CA   . ALA A 1 76 ? -7.499  5.443   3.569   1.00 0.71 ? 76 ALA A CA   1 
ATOM 1171 C C    . ALA A 1 76 ? -6.978  5.310   4.989   1.00 0.63 ? 76 ALA A C    1 
ATOM 1172 O O    . ALA A 1 76 ? -7.653  5.668   5.954   1.00 0.69 ? 76 ALA A O    1 
ATOM 1173 C CB   . ALA A 1 76 ? -8.137  4.141   3.109   1.00 0.71 ? 76 ALA A CB   1 
ATOM 1174 H H    . ALA A 1 76 ? -6.005  5.136   2.084   1.00 0.68 ? 76 ALA A H    1 
ATOM 1175 H HA   . ALA A 1 76 ? -8.200  6.156   3.553   1.00 0.81 ? 76 ALA A HA   1 
ATOM 1176 H HB1  . ALA A 1 76 ? -7.444  3.421   3.095   1.00 1.27 ? 76 ALA A HB1  1 
ATOM 1177 H HB2  . ALA A 1 76 ? -8.874  3.884   3.734   1.00 1.32 ? 76 ALA A HB2  1 
ATOM 1178 H HB3  . ALA A 1 76 ? -8.509  4.264   2.188   1.00 1.14 ? 76 ALA A HB3  1 
ATOM 1179 N N    . GLU A 1 77 ? -5.764  4.797   5.100   1.00 0.58 ? 77 GLU A N    1 
ATOM 1180 C CA   . GLU A 1 77 ? -5.125  4.614   6.394   1.00 0.62 ? 77 GLU A CA   1 
ATOM 1181 C C    . GLU A 1 77 ? -4.956  5.956   7.093   1.00 0.73 ? 77 GLU A C    1 
ATOM 1182 O O    . GLU A 1 77 ? -5.294  6.106   8.267   1.00 0.81 ? 77 GLU A O    1 
ATOM 1183 C CB   . GLU A 1 77 ? -3.765  3.935   6.228   1.00 0.65 ? 77 GLU A CB   1 
ATOM 1184 C CG   . GLU A 1 77 ? -3.434  2.956   7.343   1.00 1.09 ? 77 GLU A CG   1 
ATOM 1185 C CD   . GLU A 1 77 ? -2.146  3.307   8.063   1.00 1.79 ? 77 GLU A CD   1 
ATOM 1186 O OE1  . GLU A 1 77 ? -1.062  2.989   7.531   1.00 2.57 ? 77 GLU A OE1  1 
ATOM 1187 O OE2  . GLU A 1 77 ? -2.222  3.899   9.160   1.00 2.38 ? 77 GLU A OE2  1 
ATOM 1188 H H    . GLU A 1 77 ? -5.271  4.527   4.272   1.00 0.57 ? 77 GLU A H    1 
ATOM 1189 H HA   . GLU A 1 77 ? -5.688  4.012   6.962   1.00 0.63 ? 77 GLU A HA   1 
ATOM 1190 H HB2  . GLU A 1 77 ? -3.763  3.438   5.360   1.00 0.86 ? 77 GLU A HB2  1 
ATOM 1191 H HB3  . GLU A 1 77 ? -3.058  4.641   6.209   1.00 1.01 ? 77 GLU A HB3  1 
ATOM 1192 H HG2  . GLU A 1 77 ? -4.182  2.959   8.007   1.00 1.68 ? 77 GLU A HG2  1 
ATOM 1193 H HG3  . GLU A 1 77 ? -3.341  2.040   6.951   1.00 1.62 ? 77 GLU A HG3  1 
ATOM 1194 N N    . LEU A 1 78 ? -4.439  6.934   6.357   1.00 0.80 ? 78 LEU A N    1 
ATOM 1195 C CA   . LEU A 1 78 ? -4.233  8.269   6.899   1.00 0.98 ? 78 LEU A CA   1 
ATOM 1196 C C    . LEU A 1 78 ? -5.539  9.054   6.891   1.00 1.05 ? 78 LEU A C    1 
ATOM 1197 O O    . LEU A 1 78 ? -5.710  10.008  7.651   1.00 1.21 ? 78 LEU A O    1 
ATOM 1198 C CB   . LEU A 1 78 ? -3.169  9.016   6.091   1.00 1.07 ? 78 LEU A CB   1 
ATOM 1199 C CG   . LEU A 1 78 ? -3.693  9.764   4.865   1.00 1.10 ? 78 LEU A CG   1 
ATOM 1200 C CD1  . LEU A 1 78 ? -4.430  11.026  5.286   1.00 1.30 ? 78 LEU A CD1  1 
ATOM 1201 C CD2  . LEU A 1 78 ? -2.551  10.103  3.919   1.00 1.11 ? 78 LEU A CD2  1 
ATOM 1202 H H    . LEU A 1 78 ? -4.185  6.748   5.408   1.00 0.75 ? 78 LEU A H    1 
ATOM 1203 H HA   . LEU A 1 78 ? -3.925  8.181   7.846   1.00 1.03 ? 78 LEU A HA   1 
ATOM 1204 H HB2  . LEU A 1 78 ? -2.731  9.680   6.696   1.00 1.21 ? 78 LEU A HB2  1 
ATOM 1205 H HB3  . LEU A 1 78 ? -2.491  8.349   5.780   1.00 1.00 ? 78 LEU A HB3  1 
ATOM 1206 H HG   . LEU A 1 78 ? -4.318  9.169   4.361   1.00 1.01 ? 78 LEU A HG   1 
ATOM 1207 H HD11 . LEU A 1 78 ? -5.204  10.781  5.871   1.00 1.67 ? 78 LEU A HD11 1 
ATOM 1208 H HD12 . LEU A 1 78 ? -3.808  11.624  5.790   1.00 1.76 ? 78 LEU A HD12 1 
ATOM 1209 H HD13 . LEU A 1 78 ? -4.765  11.501  4.473   1.00 1.51 ? 78 LEU A HD13 1 
ATOM 1210 H HD21 . LEU A 1 78 ? -1.889  10.676  4.401   1.00 1.40 ? 78 LEU A HD21 1 
ATOM 1211 H HD22 . LEU A 1 78 ? -2.109  9.256   3.627   1.00 1.55 ? 78 LEU A HD22 1 
ATOM 1212 H HD23 . LEU A 1 78 ? -2.896  10.592  3.117   1.00 1.52 ? 78 LEU A HD23 1 
ATOM 1213 N N    . LEU A 1 79 ? -6.459  8.642   6.025   1.00 0.98 ? 79 LEU A N    1 
ATOM 1214 C CA   . LEU A 1 79 ? -7.751  9.299   5.913   1.00 1.10 ? 79 LEU A CA   1 
ATOM 1215 C C    . LEU A 1 79 ? -8.781  8.635   6.819   1.00 1.05 ? 79 LEU A C    1 
ATOM 1216 O O    . LEU A 1 79 ? -9.764  9.259   7.222   1.00 1.17 ? 79 LEU A O    1 
ATOM 1217 C CB   . LEU A 1 79 ? -8.238  9.274   4.462   1.00 1.16 ? 79 LEU A CB   1 
ATOM 1218 C CG   . LEU A 1 79 ? -7.448  10.161  3.497   1.00 1.54 ? 79 LEU A CG   1 
ATOM 1219 C CD1  . LEU A 1 79 ? -7.672  9.716   2.061   1.00 2.13 ? 79 LEU A CD1  1 
ATOM 1220 C CD2  . LEU A 1 79 ? -7.841  11.620  3.674   1.00 2.16 ? 79 LEU A CD2  1 
ATOM 1221 H H    . LEU A 1 79 ? -6.258  7.860   5.436   1.00 0.88 ? 79 LEU A H    1 
ATOM 1222 H HA   . LEU A 1 79 ? -7.646  10.250  6.204   1.00 1.24 ? 79 LEU A HA   1 
ATOM 1223 H HB2  . LEU A 1 79 ? -8.183  8.331   4.132   1.00 1.61 ? 79 LEU A HB2  1 
ATOM 1224 H HB3  . LEU A 1 79 ? -9.191  9.575   4.449   1.00 1.63 ? 79 LEU A HB3  1 
ATOM 1225 H HG   . LEU A 1 79 ? -6.475  10.095  3.715   1.00 1.78 ? 79 LEU A HG   1 
ATOM 1226 H HD11 . LEU A 1 79 ? -8.645  9.781   1.838   1.00 2.44 ? 79 LEU A HD11 1 
ATOM 1227 H HD12 . LEU A 1 79 ? -7.149  10.307  1.446   1.00 2.58 ? 79 LEU A HD12 1 
ATOM 1228 H HD13 . LEU A 1 79 ? -7.369  8.769   1.952   1.00 2.58 ? 79 LEU A HD13 1 
ATOM 1229 H HD21 . LEU A 1 79 ? -7.648  11.897  4.616   1.00 2.45 ? 79 LEU A HD21 1 
ATOM 1230 H HD22 . LEU A 1 79 ? -7.324  12.199  3.043   1.00 2.47 ? 79 LEU A HD22 1 
ATOM 1231 H HD23 . LEU A 1 79 ? -8.820  11.719  3.491   1.00 2.74 ? 79 LEU A HD23 1 
ATOM 1232 N N    . CYS A 1 80 ? -8.547  7.368   7.134   1.00 0.88 ? 80 CYS A N    1 
ATOM 1233 C CA   . CYS A 1 80 ? -9.452  6.612   7.992   1.00 0.87 ? 80 CYS A CA   1 
ATOM 1234 C C    . CYS A 1 80 ? -9.711  7.355   9.299   1.00 0.96 ? 80 CYS A C    1 
ATOM 1235 O O    . CYS A 1 80 ? -8.907  8.185   9.724   1.00 1.78 ? 80 CYS A O    1 
ATOM 1236 C CB   . CYS A 1 80 ? -8.872  5.227   8.287   1.00 1.19 ? 80 CYS A CB   1 
ATOM 1237 S SG   . CYS A 1 80 ? -8.700  4.858   10.048  1.00 2.52 ? 80 CYS A SG   1 
ATOM 1238 H H    . CYS A 1 80 ? -7.730  6.919   6.773   1.00 0.81 ? 80 CYS A H    1 
ATOM 1239 H HA   . CYS A 1 80 ? -10.325 6.520   7.513   1.00 1.32 ? 80 CYS A HA   1 
ATOM 1240 H HB2  . CYS A 1 80 ? -9.475  4.542   7.880   1.00 1.59 ? 80 CYS A HB2  1 
ATOM 1241 H HB3  . CYS A 1 80 ? -7.968  5.169   7.863   1.00 1.43 ? 80 CYS A HB3  1 
ATOM 1242 H HG   . CYS A 1 80 ? -9.018  5.637   10.588  1.00 2.87 ? 80 CYS A HG   1 
ATOM 1243 N N    . GLN A 1 81 ? -10.839 7.049   9.933   1.00 1.35 ? 81 GLN A N    1 
ATOM 1244 C CA   . GLN A 1 81 ? -11.206 7.687   11.193  1.00 1.88 ? 81 GLN A CA   1 
ATOM 1245 C C    . GLN A 1 81 ? -12.070 8.920   10.948  1.00 1.73 ? 81 GLN A C    1 
ATOM 1246 O O    . GLN A 1 81 ? -11.676 9.832   10.220  1.00 2.58 ? 81 GLN A O    1 
ATOM 1247 C CB   . GLN A 1 81 ? -9.950  8.077   11.975  1.00 2.97 ? 81 GLN A CB   1 
ATOM 1248 C CG   . GLN A 1 81 ? -10.224 8.427   13.428  1.00 3.87 ? 81 GLN A CG   1 
ATOM 1249 C CD   . GLN A 1 81 ? -9.923  9.880   13.745  1.00 4.95 ? 81 GLN A CD   1 
ATOM 1250 O OE1  . GLN A 1 81 ? -9.120  10.180  14.629  1.00 5.40 ? 81 GLN A OE1  1 
ATOM 1251 N NE2  . GLN A 1 81 ? -10.567 10.788  13.023  1.00 5.71 ? 81 GLN A NE2  1 
ATOM 1252 H H    . GLN A 1 81 ? -11.452 6.366   9.536   1.00 1.85 ? 81 GLN A H    1 
ATOM 1253 H HA   . GLN A 1 81 ? -11.754 7.033   11.714  1.00 2.29 ? 81 GLN A HA   1 
ATOM 1254 H HB2  . GLN A 1 81 ? -9.310  7.309   11.950  1.00 3.37 ? 81 GLN A HB2  1 
ATOM 1255 H HB3  . GLN A 1 81 ? -9.534  8.871   11.532  1.00 3.28 ? 81 GLN A HB3  1 
ATOM 1256 H HG2  . GLN A 1 81 ? -11.189 8.250   13.624  1.00 4.12 ? 81 GLN A HG2  1 
ATOM 1257 H HG3  . GLN A 1 81 ? -9.655  7.848   14.010  1.00 3.99 ? 81 GLN A HG3  1 
ATOM 1258 H HE21 . GLN A 1 81 ? -11.211 10.499  12.314  1.00 6.50 ? 81 GLN A HE21 1 
ATOM 1259 H HE22 . GLN A 1 81 ? -10.409 11.761  13.187  1.00 5.63 ? 81 GLN A HE22 1 
ATOM 1260 N N    . LEU A 1 82 ? -13.248 8.940   11.561  1.00 1.53 ? 82 LEU A N    1 
ATOM 1261 C CA   . LEU A 1 82 ? -14.169 10.061  11.410  1.00 2.18 ? 82 LEU A CA   1 
ATOM 1262 C C    . LEU A 1 82 ? -15.618 9.591   11.495  1.00 2.50 ? 82 LEU A C    1 
ATOM 1263 O O    . LEU A 1 82 ? -15.889 8.448   11.863  1.00 3.21 ? 82 LEU A O    1 
ATOM 1264 C CB   . LEU A 1 82 ? -13.928 10.772  10.077  1.00 2.98 ? 82 LEU A CB   1 
ATOM 1265 C CG   . LEU A 1 82 ? -13.889 9.856   8.853   1.00 3.64 ? 82 LEU A CG   1 
ATOM 1266 C CD1  . LEU A 1 82 ? -15.136 8.989   8.795   1.00 4.44 ? 82 LEU A CD1  1 
ATOM 1267 C CD2  . LEU A 1 82 ? -13.747 10.677  7.580   1.00 4.13 ? 82 LEU A CD2  1 
ATOM 1268 H H    . LEU A 1 82 ? -13.511 8.168   12.139  1.00 1.67 ? 82 LEU A H    1 
ATOM 1269 H HA   . LEU A 1 82 ? -14.005 10.703  12.159  1.00 2.70 ? 82 LEU A HA   1 
ATOM 1270 H HB2  . LEU A 1 82 ? -14.663 11.437  9.942   1.00 3.54 ? 82 LEU A HB2  1 
ATOM 1271 H HB3  . LEU A 1 82 ? -13.052 11.251  10.134  1.00 3.26 ? 82 LEU A HB3  1 
ATOM 1272 H HG   . LEU A 1 82 ? -13.081 9.269   8.909   1.00 3.83 ? 82 LEU A HG   1 
ATOM 1273 H HD11 . LEU A 1 82 ? -15.189 8.426   9.619   1.00 4.76 ? 82 LEU A HD11 1 
ATOM 1274 H HD12 . LEU A 1 82 ? -15.947 9.572   8.737   1.00 4.87 ? 82 LEU A HD12 1 
ATOM 1275 H HD13 . LEU A 1 82 ? -15.093 8.397   7.989   1.00 4.71 ? 82 LEU A HD13 1 
ATOM 1276 H HD21 . LEU A 1 82 ? -12.900 11.207  7.627   1.00 4.41 ? 82 LEU A HD21 1 
ATOM 1277 H HD22 . LEU A 1 82 ? -13.720 10.077  6.780   1.00 4.27 ? 82 LEU A HD22 1 
ATOM 1278 H HD23 . LEU A 1 82 ? -14.526 11.299  7.504   1.00 4.58 ? 82 LEU A HD23 1 
ATOM 1279 N N    . LYS A 1 83 ? -16.545 10.480  11.151  1.00 2.74 ? 83 LYS A N    1 
ATOM 1280 C CA   . LYS A 1 83 ? -17.966 10.155  11.187  1.00 3.65 ? 83 LYS A CA   1 
ATOM 1281 C C    . LYS A 1 83 ? -18.550 10.107  9.779   1.00 4.48 ? 83 LYS A C    1 
ATOM 1282 O O    . LYS A 1 83 ? -18.631 11.175  9.136   1.00 4.95 ? 83 LYS A O    1 
ATOM 1283 C CB   . LYS A 1 83 ? -18.723 11.181  12.032  1.00 3.79 ? 83 LYS A CB   1 
ATOM 1284 C CG   . LYS A 1 83 ? -20.023 11.649  11.399  1.00 3.84 ? 83 LYS A CG   1 
ATOM 1285 C CD   . LYS A 1 83 ? -20.945 10.479  11.092  1.00 4.07 ? 83 LYS A CD   1 
ATOM 1286 C CE   . LYS A 1 83 ? -21.765 10.730  9.837   1.00 4.49 ? 83 LYS A CE   1 
ATOM 1287 N NZ   . LYS A 1 83 ? -21.010 10.379  8.601   1.00 4.72 ? 83 LYS A NZ   1 
ATOM 1288 O OXT  . LYS A 1 83 ? -18.919 9.002   9.330   1.00 5.08 ? 83 LYS A OXT  1 
ATOM 1289 H H    . LYS A 1 83 ? -16.261 11.393  10.860  1.00 2.75 ? 83 LYS A H    1 
ATOM 1290 H HA   . LYS A 1 83 ? -18.075 9.254   11.606  1.00 4.13 ? 83 LYS A HA   1 
ATOM 1291 H HB2  . LYS A 1 83 ? -18.932 10.768  12.918  1.00 4.15 ? 83 LYS A HB2  1 
ATOM 1292 H HB3  . LYS A 1 83 ? -18.132 11.977  12.167  1.00 4.09 ? 83 LYS A HB3  1 
ATOM 1293 H HG2  . LYS A 1 83 ? -20.487 12.271  12.029  1.00 4.00 ? 83 LYS A HG2  1 
ATOM 1294 H HG3  . LYS A 1 83 ? -19.816 12.131  10.547  1.00 4.19 ? 83 LYS A HG3  1 
ATOM 1295 H HD2  . LYS A 1 83 ? -20.393 9.656   10.960  1.00 4.29 ? 83 LYS A HD2  1 
ATOM 1296 H HD3  . LYS A 1 83 ? -21.566 10.343  11.863  1.00 4.33 ? 83 LYS A HD3  1 
ATOM 1297 H HE2  . LYS A 1 83 ? -22.595 10.175  9.878   1.00 5.01 ? 83 LYS A HE2  1 
ATOM 1298 H HE3  . LYS A 1 83 ? -22.013 11.698  9.801   1.00 4.63 ? 83 LYS A HE3  1 
ATOM 1299 H HZ1  . LYS A 1 83 ? -20.143 10.835  8.398   1.00 5.09 ? 83 LYS A HZ1  1 
ATOM 1300 H HZ2  . LYS A 1 83 ? -20.694 9.441   8.458   1.00 4.67 ? 83 LYS A HZ2  1 
ATOM 1301 H HZ3  . LYS A 1 83 ? -21.433 10.508  7.704   1.00 5.03 ? 83 LYS A HZ3  1 
# 
